data_7K4E
#
_entry.id   7K4E
#
_cell.length_a   1.00
_cell.length_b   1.00
_cell.length_c   1.00
_cell.angle_alpha   90.00
_cell.angle_beta   90.00
_cell.angle_gamma   90.00
#
_symmetry.space_group_name_H-M   'P 1'
#
loop_
_entity.id
_entity.type
_entity.pdbx_description
1 polymer 'Transient receptor potential cation channel subfamily V member 6'
2 non-polymer "5-({4-[(1R,4S)-3'-methyl[1,2,3,4-tetrahydro[1,1'-biphenyl]]-4-yl]piperazin-1-yl}methyl)pyridin-2(1H)-one"
#
_entity_poly.entity_id   1
_entity_poly.type   'polypeptide(L)'
_entity_poly.pdbx_seq_one_letter_code
;MGLSLPKEKGLILCLWSKFCRWFQRRESWAQSRDEQNLLQQKRIWESPLLLAAKDNDVQALNKLLKYEDCKVHQRGAMGE
TALHIAALYDNLEAAMVLMEAAPELVFEPMTSELYEGQTALHIAVVNQNMNLVRALLARRASVSARATGTAFRRSPCNLI
YFGEHPLSFAACVNSEEIVRLLIEHGADIRAQDSLGNTVLHILILQPNKTFACQMYNLLLSYDRHGDHLQPLDLVPNHQG
LTPFKLAGVEGNTVMFQHLMQKRKHTQWTYGPLTSTLYDLTEIDSSGDEQSLLELIITTKKREARQILDQTPVKELVSLK
WKRYGRPYFCMLGAIYLLYIICFTMCCIYRPLKPRTNNRTSPRDNTLLQQKLLQEAYMTPKDDIRLVGELVTVIGAIIIL
LVEVPDIFRMGVTRFFGQTILGGPFHVLIITYAFMVLVTMVMRLISASGEVVPMSFALVLGWCNVMYFARGFQMLGPFTI
MIQKMIFGDLMRFCWLMAVVILGFASAFYIIFQTEDPEELGHFYDYPMALFSTFELFLTIIDGPANYNVDLPFMYSITYA
AFAIIATLLMLNLLIAMMGDTHWRVAHERDELWRAQIVATTVMLERKLPRCLWPRSGICGREYGLGDRWFLRVEDRQDLN
RQRIQRYAQAFHTRGSEDLDKDSVEKLVPR
;
_entity_poly.pdbx_strand_id   A,B,C,D
#
# COMPACT_ATOMS: atom_id res chain seq x y z
N PHE A 19 33.20 32.76 21.25
CA PHE A 19 33.17 33.37 19.92
C PHE A 19 34.45 34.14 19.62
N CYS A 20 35.37 33.50 18.89
CA CYS A 20 36.58 34.18 18.46
C CYS A 20 36.95 33.92 17.01
N ARG A 21 36.42 32.87 16.36
CA ARG A 21 36.83 32.49 15.03
C ARG A 21 35.62 32.17 14.15
N TRP A 22 34.62 33.05 14.16
CA TRP A 22 33.48 32.85 13.27
C TRP A 22 33.84 33.33 11.87
N PHE A 23 33.54 32.50 10.87
CA PHE A 23 33.88 32.83 9.49
C PHE A 23 32.80 32.25 8.58
N GLN A 24 32.17 33.13 7.79
CA GLN A 24 31.17 32.79 6.76
C GLN A 24 29.97 32.05 7.33
N ARG A 25 29.62 32.31 8.60
CA ARG A 25 28.51 31.65 9.25
C ARG A 25 27.60 32.66 9.94
N ARG A 26 27.35 33.80 9.31
CA ARG A 26 26.51 34.84 9.87
C ARG A 26 25.24 35.05 9.05
N GLU A 27 25.38 35.34 7.75
CA GLU A 27 24.29 35.74 6.85
C GLU A 27 23.48 36.90 7.41
N SER A 28 24.17 37.87 8.00
CA SER A 28 23.54 39.02 8.63
C SER A 28 23.09 40.08 7.63
N TRP A 29 23.39 39.89 6.34
CA TRP A 29 22.96 40.84 5.32
C TRP A 29 21.45 40.80 5.12
N ALA A 30 20.83 39.63 5.26
CA ALA A 30 19.38 39.55 5.28
C ALA A 30 18.82 40.21 6.53
N GLN A 31 19.52 40.08 7.65
CA GLN A 31 19.17 40.85 8.84
C GLN A 31 19.45 42.33 8.62
N SER A 32 20.46 42.66 7.81
CA SER A 32 20.82 44.06 7.59
C SER A 32 19.76 44.79 6.78
N ARG A 33 19.21 44.14 5.75
CA ARG A 33 18.19 44.79 4.95
C ARG A 33 16.88 44.94 5.71
N ASP A 34 16.65 44.09 6.70
CA ASP A 34 15.49 44.27 7.56
C ASP A 34 15.65 45.51 8.43
N GLU A 35 16.88 45.79 8.88
CA GLU A 35 17.17 47.06 9.52
C GLU A 35 17.01 48.21 8.54
N GLN A 36 17.31 47.98 7.26
CA GLN A 36 17.05 48.98 6.25
C GLN A 36 15.55 49.17 6.03
N ASN A 37 14.75 48.14 6.30
CA ASN A 37 13.30 48.28 6.14
C ASN A 37 12.72 49.19 7.20
N LEU A 38 13.03 48.94 8.47
CA LEU A 38 12.36 49.66 9.55
C LEU A 38 12.89 51.08 9.71
N LEU A 39 14.16 51.30 9.44
CA LEU A 39 14.71 52.65 9.50
C LEU A 39 14.11 53.52 8.41
N GLN A 40 13.85 52.93 7.24
CA GLN A 40 13.22 53.66 6.15
C GLN A 40 11.79 54.05 6.51
N GLN A 41 11.09 53.19 7.24
CA GLN A 41 9.76 53.54 7.72
C GLN A 41 9.83 54.64 8.77
N LYS A 42 10.91 54.67 9.56
CA LYS A 42 11.11 55.78 10.49
C LYS A 42 11.38 57.07 9.77
N ARG A 43 12.14 57.01 8.67
CA ARG A 43 12.35 58.20 7.85
C ARG A 43 11.05 58.69 7.21
N ILE A 44 10.13 57.76 6.91
CA ILE A 44 8.79 58.15 6.52
C ILE A 44 8.09 58.85 7.67
N TRP A 45 8.21 58.28 8.87
CA TRP A 45 7.37 58.72 9.99
C TRP A 45 7.83 60.06 10.56
N GLU A 46 9.13 60.35 10.49
CA GLU A 46 9.61 61.61 11.07
C GLU A 46 9.33 62.79 10.16
N SER A 47 9.60 62.64 8.88
CA SER A 47 9.39 63.72 7.92
C SER A 47 7.90 63.90 7.64
N PRO A 48 7.39 65.13 7.64
CA PRO A 48 5.94 65.32 7.53
C PRO A 48 5.39 65.05 6.14
N LEU A 49 6.08 65.49 5.09
CA LEU A 49 5.56 65.37 3.74
C LEU A 49 5.56 63.94 3.22
N LEU A 50 6.36 63.06 3.83
CA LEU A 50 6.35 61.66 3.40
C LEU A 50 5.11 60.94 3.90
N LEU A 51 4.53 61.39 5.01
CA LEU A 51 3.22 60.89 5.40
C LEU A 51 2.17 61.34 4.39
N ALA A 52 2.30 62.57 3.89
CA ALA A 52 1.49 63.01 2.78
C ALA A 52 1.89 62.31 1.48
N ALA A 53 3.09 61.78 1.42
CA ALA A 53 3.43 60.86 0.34
C ALA A 53 2.98 59.43 0.64
N LYS A 54 2.77 59.11 1.92
CA LYS A 54 2.23 57.80 2.24
C LYS A 54 0.75 57.73 1.93
N ASP A 55 0.06 58.86 1.95
CA ASP A 55 -1.37 58.96 1.71
C ASP A 55 -1.62 59.89 0.54
N ASN A 56 -2.88 60.26 0.34
CA ASN A 56 -3.15 61.35 -0.58
C ASN A 56 -2.79 62.66 0.09
N ASP A 57 -3.54 63.01 1.15
CA ASP A 57 -3.33 64.20 1.98
C ASP A 57 -3.20 65.47 1.16
N VAL A 58 -4.07 65.60 0.16
CA VAL A 58 -3.87 66.59 -0.91
C VAL A 58 -4.07 68.01 -0.39
N GLN A 59 -4.89 68.19 0.66
CA GLN A 59 -5.17 69.52 1.18
C GLN A 59 -3.95 70.12 1.86
N ALA A 60 -3.27 69.34 2.69
CA ALA A 60 -2.00 69.77 3.24
C ALA A 60 -0.91 69.78 2.18
N LEU A 61 -1.04 68.93 1.16
CA LEU A 61 -0.03 68.85 0.10
C LEU A 61 -0.01 70.13 -0.74
N ASN A 62 -1.14 70.84 -0.83
CA ASN A 62 -1.14 72.14 -1.49
C ASN A 62 -0.31 73.16 -0.72
N LYS A 63 -0.17 72.98 0.59
CA LYS A 63 0.71 73.84 1.37
C LYS A 63 2.16 73.41 1.25
N LEU A 64 2.40 72.11 1.06
CA LEU A 64 3.76 71.57 1.14
C LEU A 64 4.65 72.08 0.02
N LEU A 65 4.10 72.16 -1.19
CA LEU A 65 4.86 72.73 -2.29
C LEU A 65 4.88 74.25 -2.26
N LYS A 66 3.98 74.86 -1.50
CA LYS A 66 3.98 76.31 -1.33
C LYS A 66 4.76 76.69 -0.06
N TYR A 67 6.00 76.22 -0.01
CA TYR A 67 6.92 76.46 1.09
C TYR A 67 8.19 77.12 0.57
N GLU A 68 9.08 77.45 1.51
CA GLU A 68 10.35 78.04 1.13
C GLU A 68 11.42 76.98 0.92
N ASP A 69 11.56 76.06 1.87
CA ASP A 69 12.62 75.06 1.86
C ASP A 69 12.03 73.66 1.99
N CYS A 70 11.01 73.38 1.19
CA CYS A 70 10.56 71.99 1.03
C CYS A 70 11.59 71.22 0.21
N LYS A 71 12.21 70.23 0.83
CA LYS A 71 13.31 69.50 0.20
C LYS A 71 12.76 68.56 -0.86
N VAL A 72 12.68 69.05 -2.10
CA VAL A 72 12.08 68.28 -3.18
C VAL A 72 13.01 67.19 -3.68
N HIS A 73 14.30 67.28 -3.39
CA HIS A 73 15.28 66.33 -3.88
C HIS A 73 15.91 65.52 -2.76
N GLN A 74 15.25 65.45 -1.60
CA GLN A 74 15.82 64.76 -0.45
C GLN A 74 15.74 63.25 -0.63
N ARG A 75 16.40 62.54 0.27
CA ARG A 75 16.54 61.10 0.17
C ARG A 75 16.00 60.43 1.42
N GLY A 76 15.51 59.20 1.25
CA GLY A 76 15.15 58.34 2.36
C GLY A 76 16.36 57.64 2.94
N ALA A 77 16.10 56.63 3.77
CA ALA A 77 17.18 55.83 4.31
C ALA A 77 17.84 55.00 3.22
N MET A 78 17.05 54.48 2.28
CA MET A 78 17.56 53.90 1.06
C MET A 78 17.46 54.86 -0.11
N GLY A 79 17.06 56.12 0.15
CA GLY A 79 17.15 57.15 -0.87
C GLY A 79 15.93 57.30 -1.75
N GLU A 80 14.75 57.39 -1.15
CA GLU A 80 13.55 57.65 -1.93
C GLU A 80 13.40 59.13 -2.21
N THR A 81 12.30 59.47 -2.86
CA THR A 81 11.71 60.80 -2.88
C THR A 81 10.23 60.64 -2.56
N ALA A 82 9.52 61.76 -2.48
CA ALA A 82 8.07 61.68 -2.32
C ALA A 82 7.43 61.09 -3.57
N LEU A 83 8.05 61.30 -4.72
CA LEU A 83 7.62 60.63 -5.95
C LEU A 83 7.79 59.13 -5.83
N HIS A 84 8.87 58.69 -5.19
CA HIS A 84 9.09 57.26 -4.97
C HIS A 84 8.04 56.67 -4.03
N ILE A 85 7.67 57.42 -2.99
CA ILE A 85 6.68 56.91 -2.04
C ILE A 85 5.30 56.95 -2.64
N ALA A 86 5.00 57.99 -3.43
CA ALA A 86 3.73 58.04 -4.16
C ALA A 86 3.67 56.95 -5.20
N ALA A 87 4.81 56.58 -5.76
CA ALA A 87 4.86 55.42 -6.64
C ALA A 87 4.64 54.13 -5.87
N LEU A 88 4.95 54.11 -4.58
CA LEU A 88 4.69 52.91 -3.80
C LEU A 88 3.21 52.81 -3.44
N TYR A 89 2.67 53.86 -2.82
CA TYR A 89 1.31 53.84 -2.31
C TYR A 89 0.30 54.34 -3.33
N ASP A 90 0.64 54.25 -4.63
CA ASP A 90 -0.14 54.46 -5.85
C ASP A 90 -1.17 55.59 -5.79
N ASN A 91 -0.79 56.71 -5.18
CA ASN A 91 -1.67 57.89 -5.07
C ASN A 91 -1.48 58.70 -6.35
N LEU A 92 -2.31 58.39 -7.35
CA LEU A 92 -2.21 59.06 -8.64
C LEU A 92 -2.61 60.52 -8.53
N GLU A 93 -3.57 60.83 -7.65
CA GLU A 93 -4.00 62.21 -7.48
C GLU A 93 -2.92 63.05 -6.82
N ALA A 94 -2.29 62.51 -5.77
CA ALA A 94 -1.26 63.26 -5.05
C ALA A 94 -0.01 63.44 -5.90
N ALA A 95 0.33 62.43 -6.69
CA ALA A 95 1.53 62.49 -7.52
C ALA A 95 1.39 63.51 -8.65
N MET A 96 0.17 63.87 -9.03
CA MET A 96 -0.04 64.96 -9.98
C MET A 96 0.48 66.28 -9.44
N VAL A 97 0.42 66.46 -8.13
CA VAL A 97 0.95 67.68 -7.54
C VAL A 97 2.47 67.66 -7.55
N LEU A 98 3.07 66.46 -7.48
CA LEU A 98 4.52 66.32 -7.32
C LEU A 98 5.28 66.81 -8.55
N MET A 99 4.79 66.50 -9.74
CA MET A 99 5.51 66.87 -10.95
C MET A 99 5.31 68.34 -11.33
N GLU A 100 4.50 69.09 -10.58
CA GLU A 100 4.22 70.47 -10.93
C GLU A 100 5.42 71.38 -10.68
N ALA A 101 5.83 71.51 -9.42
CA ALA A 101 6.95 72.37 -9.07
C ALA A 101 8.28 71.62 -9.05
N ALA A 102 8.28 70.32 -9.32
CA ALA A 102 9.49 69.52 -9.37
C ALA A 102 9.58 68.79 -10.71
N PRO A 103 10.03 69.47 -11.76
CA PRO A 103 10.15 68.78 -13.06
C PRO A 103 11.32 67.81 -13.09
N GLU A 104 12.39 68.12 -12.37
CA GLU A 104 13.58 67.27 -12.34
C GLU A 104 13.34 65.99 -11.55
N LEU A 105 12.24 65.94 -10.78
CA LEU A 105 11.97 64.84 -9.86
C LEU A 105 11.78 63.51 -10.58
N VAL A 106 11.30 63.54 -11.81
CA VAL A 106 11.19 62.30 -12.58
C VAL A 106 12.57 61.80 -12.99
N PHE A 107 13.56 62.67 -13.08
CA PHE A 107 14.89 62.26 -13.52
C PHE A 107 15.76 61.83 -12.34
N GLU A 108 15.26 60.90 -11.52
CA GLU A 108 16.10 60.36 -10.46
C GLU A 108 15.72 58.93 -10.12
N PRO A 109 16.65 57.99 -10.22
CA PRO A 109 16.37 56.62 -9.78
C PRO A 109 16.71 56.41 -8.32
N MET A 110 16.53 55.18 -7.83
CA MET A 110 16.98 54.84 -6.49
C MET A 110 18.48 54.60 -6.50
N THR A 111 19.14 55.02 -5.40
CA THR A 111 20.59 55.04 -5.34
C THR A 111 21.17 54.21 -4.21
N SER A 112 20.39 53.32 -3.61
CA SER A 112 20.97 52.49 -2.57
C SER A 112 21.68 51.30 -3.17
N GLU A 113 22.39 50.55 -2.31
CA GLU A 113 23.01 49.32 -2.76
C GLU A 113 21.96 48.25 -3.04
N LEU A 114 20.94 48.17 -2.21
CA LEU A 114 19.88 47.19 -2.42
C LEU A 114 18.99 47.60 -3.58
N TYR A 115 18.59 48.85 -3.62
CA TYR A 115 17.77 49.40 -4.70
C TYR A 115 18.63 50.41 -5.45
N GLU A 116 19.15 49.99 -6.61
CA GLU A 116 19.96 50.85 -7.45
C GLU A 116 19.34 50.92 -8.83
N GLY A 117 19.11 52.13 -9.31
CA GLY A 117 18.65 52.34 -10.67
C GLY A 117 17.16 52.26 -10.87
N GLN A 118 16.37 52.19 -9.79
CA GLN A 118 14.92 52.04 -9.91
C GLN A 118 14.28 53.42 -9.90
N THR A 119 13.66 53.79 -11.02
CA THR A 119 12.92 55.03 -11.12
C THR A 119 11.46 54.81 -10.77
N ALA A 120 10.73 55.92 -10.64
CA ALA A 120 9.31 55.83 -10.32
C ALA A 120 8.50 55.30 -11.49
N LEU A 121 9.02 55.47 -12.71
CA LEU A 121 8.37 54.89 -13.88
C LEU A 121 8.39 53.37 -13.80
N HIS A 122 9.46 52.81 -13.22
CA HIS A 122 9.49 51.37 -12.96
C HIS A 122 8.42 50.96 -11.97
N ILE A 123 8.19 51.78 -10.95
CA ILE A 123 7.38 51.34 -9.83
C ILE A 123 5.91 51.37 -10.19
N ALA A 124 5.48 52.32 -11.03
CA ALA A 124 4.11 52.34 -11.48
C ALA A 124 3.80 51.16 -12.39
N VAL A 125 4.81 50.68 -13.10
CA VAL A 125 4.69 49.43 -13.85
C VAL A 125 4.52 48.26 -12.89
N VAL A 126 5.18 48.31 -11.73
CA VAL A 126 4.98 47.26 -10.72
C VAL A 126 3.57 47.33 -10.16
N ASN A 127 2.98 48.53 -10.10
CA ASN A 127 1.58 48.65 -9.69
C ASN A 127 0.61 48.07 -10.70
N GLN A 128 1.05 47.92 -11.96
CA GLN A 128 0.48 47.10 -13.05
C GLN A 128 -0.95 47.46 -13.45
N ASN A 129 -1.54 48.49 -12.83
CA ASN A 129 -2.83 49.06 -13.24
C ASN A 129 -2.75 50.54 -12.91
N MET A 130 -2.28 51.34 -13.87
CA MET A 130 -2.05 52.75 -13.65
C MET A 130 -2.40 53.54 -14.90
N ASN A 131 -2.76 54.80 -14.67
CA ASN A 131 -2.84 55.79 -15.74
C ASN A 131 -1.87 56.94 -15.53
N LEU A 132 -1.12 56.92 -14.43
CA LEU A 132 -0.05 57.90 -14.22
C LEU A 132 1.08 57.71 -15.22
N VAL A 133 1.26 56.47 -15.68
CA VAL A 133 2.27 56.12 -16.68
C VAL A 133 2.14 56.92 -17.96
N ARG A 134 0.91 57.29 -18.32
CA ARG A 134 0.71 58.22 -19.42
C ARG A 134 1.23 59.61 -19.06
N ALA A 135 0.92 60.07 -17.85
CA ALA A 135 1.38 61.38 -17.41
C ALA A 135 2.87 61.38 -17.11
N LEU A 136 3.43 60.23 -16.70
CA LEU A 136 4.86 60.14 -16.50
C LEU A 136 5.60 60.22 -17.82
N LEU A 137 5.12 59.51 -18.84
CA LEU A 137 5.73 59.62 -20.16
C LEU A 137 5.35 60.92 -20.85
N ALA A 138 4.27 61.57 -20.40
CA ALA A 138 4.04 62.95 -20.81
C ALA A 138 5.08 63.90 -20.23
N ARG A 139 5.75 63.49 -19.15
CA ARG A 139 6.86 64.24 -18.57
C ARG A 139 8.20 63.65 -18.96
N ARG A 140 8.29 63.24 -20.24
CA ARG A 140 9.53 62.91 -20.97
C ARG A 140 10.41 61.90 -20.24
N ALA A 141 9.78 60.94 -19.57
CA ALA A 141 10.49 59.95 -18.78
C ALA A 141 11.21 58.94 -19.68
N SER A 142 12.51 58.81 -19.49
CA SER A 142 13.30 57.86 -20.25
C SER A 142 13.02 56.44 -19.79
N VAL A 143 13.10 55.50 -20.71
CA VAL A 143 12.91 54.09 -20.38
C VAL A 143 14.24 53.38 -20.55
N SER A 144 15.31 54.16 -20.62
CA SER A 144 16.66 53.62 -20.81
C SER A 144 17.36 53.37 -19.48
N ALA A 145 16.61 53.15 -18.42
CA ALA A 145 17.19 52.90 -17.10
C ALA A 145 17.58 51.44 -16.96
N ARG A 146 18.48 51.18 -16.01
CA ARG A 146 18.96 49.84 -15.70
C ARG A 146 18.87 49.66 -14.19
N ALA A 147 17.72 49.19 -13.71
CA ALA A 147 17.50 48.99 -12.29
C ALA A 147 18.18 47.68 -11.86
N THR A 148 19.49 47.76 -11.69
CA THR A 148 20.31 46.59 -11.39
C THR A 148 20.78 46.58 -9.93
N GLY A 149 19.90 47.01 -9.01
CA GLY A 149 20.19 46.86 -7.61
C GLY A 149 20.20 45.40 -7.17
N THR A 150 20.80 45.17 -6.01
CA THR A 150 21.04 43.79 -5.56
C THR A 150 19.76 43.07 -5.15
N ALA A 151 18.64 43.77 -5.02
CA ALA A 151 17.34 43.14 -4.89
C ALA A 151 16.80 42.63 -6.21
N PHE A 152 17.53 42.79 -7.31
CA PHE A 152 17.05 42.42 -8.63
C PHE A 152 17.89 41.34 -9.30
N ARG A 153 18.73 40.63 -8.55
CA ARG A 153 19.53 39.57 -9.13
C ARG A 153 18.91 38.22 -8.80
N ARG A 154 18.98 37.29 -9.74
CA ARG A 154 18.34 35.99 -9.52
C ARG A 154 19.15 35.15 -8.55
N SER A 155 18.47 34.69 -7.50
CA SER A 155 19.07 34.05 -6.34
C SER A 155 17.95 33.45 -5.51
N PRO A 156 18.24 32.48 -4.63
CA PRO A 156 17.26 32.00 -3.66
C PRO A 156 17.12 32.90 -2.43
N CYS A 157 17.11 34.22 -2.65
CA CYS A 157 16.86 35.17 -1.59
C CYS A 157 15.91 36.28 -2.02
N ASN A 158 15.47 36.31 -3.28
CA ASN A 158 14.42 37.21 -3.73
C ASN A 158 13.32 36.38 -4.38
N LEU A 159 12.11 36.92 -4.37
CA LEU A 159 10.97 36.17 -4.87
C LEU A 159 10.75 36.37 -6.36
N ILE A 160 11.35 37.40 -6.95
CA ILE A 160 11.15 37.77 -8.34
C ILE A 160 12.52 37.93 -9.00
N TYR A 161 12.50 37.99 -10.33
CA TYR A 161 13.68 38.35 -11.11
C TYR A 161 13.20 38.96 -12.41
N PHE A 162 13.26 40.29 -12.50
CA PHE A 162 12.56 41.01 -13.56
C PHE A 162 13.49 41.70 -14.55
N GLY A 163 14.80 41.59 -14.39
CA GLY A 163 15.70 42.27 -15.31
C GLY A 163 15.96 43.72 -14.97
N GLU A 164 16.19 44.55 -15.99
CA GLU A 164 16.63 45.92 -15.78
C GLU A 164 15.76 46.98 -16.45
N HIS A 165 14.68 46.61 -17.11
CA HIS A 165 14.08 47.52 -18.06
C HIS A 165 12.58 47.67 -17.84
N PRO A 166 12.01 48.83 -18.19
CA PRO A 166 10.58 49.07 -17.86
C PRO A 166 9.60 48.14 -18.54
N LEU A 167 9.69 48.00 -19.86
CA LEU A 167 8.81 47.05 -20.53
C LEU A 167 9.18 45.61 -20.20
N SER A 168 10.42 45.36 -19.81
CA SER A 168 10.78 44.08 -19.25
C SER A 168 10.06 43.85 -17.93
N PHE A 169 9.92 44.92 -17.14
CA PHE A 169 9.14 44.81 -15.92
C PHE A 169 7.66 44.64 -16.26
N ALA A 170 7.22 45.29 -17.32
CA ALA A 170 5.84 45.15 -17.77
C ALA A 170 5.60 43.78 -18.40
N ALA A 171 6.66 43.11 -18.83
CA ALA A 171 6.51 41.79 -19.40
C ALA A 171 6.07 40.77 -18.36
N CYS A 172 6.47 40.97 -17.11
CA CYS A 172 6.18 39.97 -16.09
C CYS A 172 4.83 40.18 -15.41
N VAL A 173 4.07 41.19 -15.82
CA VAL A 173 2.83 41.52 -15.11
C VAL A 173 1.60 41.38 -15.99
N ASN A 174 1.76 41.13 -17.29
CA ASN A 174 0.68 40.83 -18.25
C ASN A 174 -0.34 41.97 -18.33
N SER A 175 0.13 43.09 -18.86
CA SER A 175 -0.72 44.26 -19.08
C SER A 175 -0.47 44.79 -20.50
N GLU A 176 -1.25 44.30 -21.45
CA GLU A 176 -1.04 44.64 -22.87
C GLU A 176 -1.29 46.11 -23.14
N GLU A 177 -2.12 46.75 -22.33
CA GLU A 177 -2.35 48.19 -22.47
C GLU A 177 -1.11 48.99 -22.20
N ILE A 178 -0.25 48.50 -21.30
CA ILE A 178 0.93 49.25 -20.92
C ILE A 178 2.12 48.87 -21.77
N VAL A 179 2.20 47.58 -22.12
CA VAL A 179 3.31 47.05 -22.92
C VAL A 179 3.36 47.72 -24.29
N ARG A 180 2.21 47.80 -24.96
CA ARG A 180 2.14 48.47 -26.26
C ARG A 180 2.37 49.97 -26.11
N LEU A 181 1.99 50.53 -24.96
CA LEU A 181 2.28 51.94 -24.71
C LEU A 181 3.75 52.16 -24.44
N LEU A 182 4.45 51.15 -23.92
CA LEU A 182 5.90 51.25 -23.77
C LEU A 182 6.60 51.20 -25.12
N ILE A 183 6.12 50.34 -26.02
CA ILE A 183 6.77 50.12 -27.31
C ILE A 183 6.68 51.37 -28.17
N GLU A 184 5.55 52.07 -28.12
CA GLU A 184 5.31 53.22 -28.99
C GLU A 184 6.05 54.48 -28.53
N HIS A 185 6.92 54.40 -27.53
CA HIS A 185 7.73 55.53 -27.12
C HIS A 185 9.23 55.25 -27.24
N GLY A 186 9.61 54.36 -28.16
CA GLY A 186 11.00 54.11 -28.44
C GLY A 186 11.65 53.05 -27.59
N ALA A 187 10.93 52.01 -27.21
CA ALA A 187 11.49 50.96 -26.36
C ALA A 187 12.25 49.96 -27.22
N ASP A 188 13.57 49.90 -27.04
CA ASP A 188 14.36 48.86 -27.66
C ASP A 188 14.04 47.53 -26.99
N ILE A 189 13.41 46.64 -27.73
CA ILE A 189 13.00 45.35 -27.17
C ILE A 189 14.20 44.45 -26.96
N ARG A 190 15.20 44.55 -27.84
CA ARG A 190 16.33 43.64 -27.84
C ARG A 190 17.48 44.12 -26.96
N ALA A 191 17.19 44.89 -25.92
CA ALA A 191 18.20 45.21 -24.92
C ALA A 191 18.33 44.07 -23.92
N GLN A 192 19.52 43.94 -23.35
CA GLN A 192 19.84 42.83 -22.48
C GLN A 192 20.20 43.32 -21.09
N ASP A 193 20.43 42.37 -20.18
CA ASP A 193 20.75 42.68 -18.80
C ASP A 193 22.25 42.52 -18.55
N SER A 194 22.64 42.59 -17.28
CA SER A 194 24.02 42.28 -16.92
C SER A 194 24.34 40.80 -17.12
N LEU A 195 23.33 39.95 -17.05
CA LEU A 195 23.49 38.54 -17.37
C LEU A 195 23.52 38.27 -18.86
N GLY A 196 23.31 39.29 -19.69
CA GLY A 196 23.13 39.11 -21.11
C GLY A 196 21.73 38.68 -21.50
N ASN A 197 20.83 38.55 -20.54
CA ASN A 197 19.48 38.10 -20.84
C ASN A 197 18.62 39.28 -21.24
N THR A 198 17.86 39.08 -22.31
CA THR A 198 16.92 40.09 -22.79
C THR A 198 15.54 39.82 -22.20
N VAL A 199 14.53 40.47 -22.79
CA VAL A 199 13.14 40.33 -22.37
C VAL A 199 12.70 38.88 -22.41
N LEU A 200 13.02 38.20 -23.52
CA LEU A 200 12.44 36.89 -23.80
C LEU A 200 12.96 35.83 -22.85
N HIS A 201 14.20 35.98 -22.36
CA HIS A 201 14.72 35.06 -21.37
C HIS A 201 13.93 35.14 -20.08
N ILE A 202 13.49 36.35 -19.71
CA ILE A 202 12.81 36.54 -18.44
C ILE A 202 11.40 35.97 -18.51
N LEU A 203 10.82 35.92 -19.71
CA LEU A 203 9.49 35.33 -19.89
C LEU A 203 9.50 33.84 -19.58
N ILE A 204 10.63 33.17 -19.80
CA ILE A 204 10.69 31.74 -19.61
C ILE A 204 10.68 31.39 -18.14
N LEU A 205 11.39 32.19 -17.33
CA LEU A 205 11.56 31.89 -15.92
C LEU A 205 10.42 32.41 -15.05
N GLN A 206 9.29 32.75 -15.65
CA GLN A 206 8.16 33.21 -14.87
C GLN A 206 7.48 32.04 -14.16
N PRO A 207 6.89 32.29 -12.99
CA PRO A 207 6.23 31.18 -12.27
C PRO A 207 4.92 30.76 -12.91
N ASN A 208 4.13 31.68 -13.43
CA ASN A 208 2.90 31.34 -14.13
C ASN A 208 3.24 30.99 -15.57
N LYS A 209 3.16 29.70 -15.90
CA LYS A 209 3.44 29.26 -17.26
C LYS A 209 2.35 29.62 -18.25
N THR A 210 1.18 30.05 -17.77
CA THR A 210 0.04 30.24 -18.65
C THR A 210 0.15 31.53 -19.46
N PHE A 211 0.35 32.65 -18.77
CA PHE A 211 0.13 33.96 -19.38
C PHE A 211 1.25 34.35 -20.33
N ALA A 212 2.41 33.71 -20.22
CA ALA A 212 3.57 34.12 -21.01
C ALA A 212 3.42 33.79 -22.49
N CYS A 213 2.54 32.84 -22.83
CA CYS A 213 2.35 32.46 -24.23
C CYS A 213 1.72 33.59 -25.03
N GLN A 214 0.74 34.27 -24.45
CA GLN A 214 0.21 35.47 -25.09
C GLN A 214 1.25 36.59 -25.08
N MET A 215 2.05 36.66 -24.02
CA MET A 215 3.11 37.65 -23.96
C MET A 215 4.19 37.35 -24.99
N TYR A 216 4.45 36.07 -25.23
CA TYR A 216 5.41 35.71 -26.26
C TYR A 216 4.87 36.01 -27.64
N ASN A 217 3.62 35.60 -27.91
CA ASN A 217 3.06 35.72 -29.26
C ASN A 217 2.84 37.17 -29.66
N LEU A 218 2.48 38.02 -28.69
CA LEU A 218 2.30 39.43 -29.00
C LEU A 218 3.64 40.10 -29.28
N LEU A 219 4.64 39.80 -28.47
CA LEU A 219 5.95 40.44 -28.62
C LEU A 219 6.68 39.99 -29.87
N LEU A 220 6.30 38.85 -30.46
CA LEU A 220 6.86 38.45 -31.74
C LEU A 220 6.52 39.44 -32.84
N SER A 221 5.34 40.05 -32.76
CA SER A 221 4.79 40.83 -33.87
C SER A 221 5.41 42.22 -34.00
N TYR A 222 6.34 42.60 -33.14
CA TYR A 222 6.84 43.97 -33.16
C TYR A 222 8.29 44.10 -33.64
N ASP A 223 8.97 42.99 -33.93
CA ASP A 223 10.35 43.13 -34.40
C ASP A 223 10.39 43.50 -35.87
N ARG A 224 9.97 42.56 -36.74
CA ARG A 224 9.89 42.61 -38.21
C ARG A 224 11.09 43.27 -38.89
N HIS A 225 12.27 43.17 -38.29
CA HIS A 225 13.34 44.12 -38.58
C HIS A 225 14.38 43.49 -39.49
N GLY A 226 15.06 44.36 -40.24
CA GLY A 226 16.08 43.94 -41.20
C GLY A 226 17.37 43.46 -40.58
N ASP A 227 17.52 43.58 -39.27
CA ASP A 227 18.69 43.05 -38.58
C ASP A 227 18.57 41.54 -38.52
N HIS A 228 19.07 40.86 -39.55
CA HIS A 228 19.06 39.40 -39.64
C HIS A 228 19.99 38.73 -38.64
N LEU A 229 20.84 39.50 -37.95
CA LEU A 229 21.72 38.94 -36.94
C LEU A 229 20.87 38.53 -35.74
N GLN A 230 20.74 37.21 -35.54
CA GLN A 230 19.95 36.54 -34.50
C GLN A 230 18.60 37.22 -34.21
N PRO A 231 17.75 37.35 -35.24
CA PRO A 231 17.03 38.61 -35.48
C PRO A 231 16.14 39.12 -34.36
N LEU A 232 15.48 38.24 -33.62
CA LEU A 232 14.78 38.69 -32.43
C LEU A 232 14.91 37.76 -31.23
N ASP A 233 15.17 36.47 -31.44
CA ASP A 233 15.23 35.53 -30.33
C ASP A 233 16.30 34.46 -30.48
N LEU A 234 17.16 34.55 -31.49
CA LEU A 234 18.22 33.58 -31.70
C LEU A 234 19.50 33.94 -30.97
N VAL A 235 19.42 34.73 -29.91
CA VAL A 235 20.59 35.29 -29.25
C VAL A 235 20.85 34.51 -27.95
N PRO A 236 22.11 34.19 -27.65
CA PRO A 236 22.41 33.59 -26.35
C PRO A 236 22.79 34.63 -25.30
N ASN A 237 23.08 34.18 -24.08
CA ASN A 237 23.57 35.05 -23.03
C ASN A 237 25.09 35.01 -22.99
N HIS A 238 25.68 35.57 -21.93
CA HIS A 238 27.13 35.52 -21.77
C HIS A 238 27.63 34.10 -21.57
N GLN A 239 26.84 33.24 -20.93
CA GLN A 239 27.17 31.83 -20.84
C GLN A 239 26.61 31.02 -22.00
N GLY A 240 26.09 31.67 -23.03
CA GLY A 240 25.74 30.99 -24.26
C GLY A 240 24.48 30.15 -24.19
N LEU A 241 23.37 30.75 -23.76
CA LEU A 241 22.11 30.04 -23.64
C LEU A 241 21.03 30.78 -24.41
N THR A 242 20.49 30.13 -25.43
CA THR A 242 19.43 30.67 -26.27
C THR A 242 18.07 30.36 -25.67
N PRO A 243 17.05 31.19 -25.95
CA PRO A 243 15.74 31.02 -25.29
C PRO A 243 15.03 29.71 -25.61
N PHE A 244 15.13 29.23 -26.85
CA PHE A 244 14.56 27.94 -27.19
C PHE A 244 15.23 26.82 -26.43
N LYS A 245 16.55 26.94 -26.22
CA LYS A 245 17.25 26.01 -25.36
C LYS A 245 17.02 26.31 -23.88
N LEU A 246 16.69 27.55 -23.54
CA LEU A 246 16.55 27.90 -22.13
C LEU A 246 15.32 27.26 -21.51
N ALA A 247 14.26 27.07 -22.30
CA ALA A 247 13.07 26.41 -21.80
C ALA A 247 13.33 24.97 -21.43
N GLY A 248 14.23 24.32 -22.15
CA GLY A 248 14.68 23.00 -21.75
C GLY A 248 15.51 23.03 -20.48
N VAL A 249 16.23 24.13 -20.25
CA VAL A 249 17.05 24.24 -19.06
C VAL A 249 16.19 24.40 -17.82
N GLU A 250 15.27 25.36 -17.85
CA GLU A 250 14.42 25.61 -16.70
C GLU A 250 13.17 24.75 -16.69
N GLY A 251 12.98 23.90 -17.69
CA GLY A 251 11.89 22.93 -17.64
C GLY A 251 10.52 23.50 -17.89
N ASN A 252 10.37 24.32 -18.92
CA ASN A 252 9.05 24.82 -19.30
C ASN A 252 8.34 23.73 -20.09
N THR A 253 7.44 23.02 -19.41
CA THR A 253 6.64 21.98 -20.08
C THR A 253 5.66 22.61 -21.05
N VAL A 254 5.14 23.79 -20.71
CA VAL A 254 4.07 24.38 -21.48
C VAL A 254 4.59 24.97 -22.78
N MET A 255 5.53 25.91 -22.69
CA MET A 255 5.90 26.70 -23.85
C MET A 255 6.75 25.93 -24.85
N PHE A 256 7.39 24.85 -24.43
CA PHE A 256 8.23 24.09 -25.36
C PHE A 256 7.38 23.42 -26.42
N GLN A 257 6.17 22.98 -26.05
CA GLN A 257 5.21 22.58 -27.07
C GLN A 257 4.78 23.77 -27.92
N HIS A 258 4.62 24.93 -27.30
CA HIS A 258 4.20 26.10 -28.05
C HIS A 258 5.31 26.66 -28.91
N LEU A 259 6.56 26.59 -28.43
CA LEU A 259 7.68 27.08 -29.22
C LEU A 259 8.02 26.16 -30.38
N MET A 260 7.55 24.91 -30.34
CA MET A 260 7.85 23.97 -31.40
C MET A 260 6.98 24.20 -32.64
N GLN A 261 5.95 25.05 -32.53
CA GLN A 261 4.97 25.20 -33.60
C GLN A 261 5.60 25.80 -34.85
N LYS A 262 6.32 26.92 -34.71
CA LYS A 262 7.04 27.43 -35.86
C LYS A 262 8.28 26.60 -36.16
N ARG A 263 8.76 25.82 -35.18
CA ARG A 263 9.86 24.90 -35.45
C ARG A 263 9.41 23.71 -36.27
N LYS A 264 8.25 23.15 -35.94
CA LYS A 264 7.71 22.02 -36.69
C LYS A 264 7.16 22.52 -38.03
N HIS A 265 7.39 21.73 -39.08
CA HIS A 265 6.78 21.96 -40.38
C HIS A 265 6.03 20.70 -40.79
N THR A 266 4.82 20.89 -41.30
CA THR A 266 3.98 19.77 -41.71
C THR A 266 4.08 19.57 -43.20
N GLN A 267 3.72 18.36 -43.65
CA GLN A 267 3.77 18.03 -45.07
C GLN A 267 2.39 17.77 -45.65
N TRP A 268 1.66 16.79 -45.10
CA TRP A 268 0.39 16.37 -45.66
C TRP A 268 -0.35 15.53 -44.63
N THR A 269 -1.65 15.37 -44.84
CA THR A 269 -2.48 14.59 -43.94
C THR A 269 -3.25 13.53 -44.72
N TYR A 270 -3.80 12.57 -43.98
CA TYR A 270 -4.53 11.45 -44.61
C TYR A 270 -5.63 11.02 -43.64
N GLY A 271 -6.79 11.66 -43.75
CA GLY A 271 -7.88 11.42 -42.83
C GLY A 271 -7.49 11.70 -41.39
N PRO A 272 -7.47 10.65 -40.57
CA PRO A 272 -6.94 10.77 -39.20
C PRO A 272 -5.43 10.65 -39.11
N LEU A 273 -4.74 10.49 -40.23
CA LEU A 273 -3.30 10.39 -40.27
C LEU A 273 -2.72 11.69 -40.83
N THR A 274 -1.51 12.03 -40.38
CA THR A 274 -0.83 13.23 -40.85
C THR A 274 0.62 12.89 -41.19
N SER A 275 1.35 13.89 -41.64
CA SER A 275 2.78 13.77 -41.93
C SER A 275 3.45 15.10 -41.67
N THR A 276 4.32 15.15 -40.66
CA THR A 276 5.01 16.35 -40.26
C THR A 276 6.51 16.16 -40.47
N LEU A 277 7.29 17.15 -40.04
CA LEU A 277 8.73 17.10 -40.17
C LEU A 277 9.33 18.02 -39.11
N TYR A 278 10.42 17.59 -38.49
CA TYR A 278 11.03 18.34 -37.41
C TYR A 278 12.31 19.02 -37.86
N ASP A 279 12.58 20.18 -37.27
CA ASP A 279 13.76 20.96 -37.65
C ASP A 279 15.03 20.32 -37.12
N LEU A 280 15.06 20.02 -35.82
CA LEU A 280 16.06 19.22 -35.11
C LEU A 280 17.42 19.93 -35.00
N THR A 281 17.59 21.09 -35.62
CA THR A 281 18.90 21.69 -35.88
C THR A 281 19.58 22.23 -34.63
N GLU A 282 18.88 22.33 -33.51
CA GLU A 282 19.47 22.74 -32.25
C GLU A 282 19.11 21.76 -31.16
N ILE A 283 19.07 20.48 -31.52
CA ILE A 283 18.78 19.39 -30.59
C ILE A 283 19.89 18.35 -30.58
N ASP A 284 20.24 17.82 -31.75
CA ASP A 284 21.35 16.88 -31.85
C ASP A 284 22.67 17.65 -31.85
N SER A 285 23.71 16.98 -31.36
CA SER A 285 25.05 17.55 -31.33
C SER A 285 25.58 17.64 -32.75
N SER A 286 25.51 18.83 -33.34
CA SER A 286 26.01 19.04 -34.69
C SER A 286 27.53 19.05 -34.70
N GLY A 287 28.13 19.99 -33.97
CA GLY A 287 29.57 20.08 -33.85
C GLY A 287 29.98 19.97 -32.40
N ASP A 288 30.98 20.76 -32.02
CA ASP A 288 31.49 20.77 -30.66
C ASP A 288 30.66 21.66 -29.73
N GLU A 289 29.57 22.23 -30.22
CA GLU A 289 28.78 23.16 -29.43
C GLU A 289 27.98 22.42 -28.36
N GLN A 290 27.54 23.19 -27.36
CA GLN A 290 26.71 22.65 -26.30
C GLN A 290 25.32 22.40 -26.85
N SER A 291 24.97 21.13 -27.03
CA SER A 291 23.68 20.79 -27.61
C SER A 291 22.58 20.87 -26.57
N LEU A 292 21.34 20.68 -27.05
CA LEU A 292 20.20 20.60 -26.16
C LEU A 292 20.27 19.39 -25.26
N LEU A 293 20.66 18.24 -25.82
CA LEU A 293 20.70 16.99 -25.07
C LEU A 293 21.76 17.02 -23.99
N GLU A 294 22.89 17.68 -24.27
CA GLU A 294 23.91 17.89 -23.25
C GLU A 294 23.38 18.74 -22.11
N LEU A 295 22.58 19.76 -22.44
CA LEU A 295 22.06 20.64 -21.41
C LEU A 295 20.93 20.02 -20.61
N ILE A 296 20.42 18.86 -21.02
CA ILE A 296 19.37 18.20 -20.26
C ILE A 296 19.94 17.61 -18.98
N ILE A 297 20.93 16.74 -19.11
CA ILE A 297 21.42 16.02 -17.94
C ILE A 297 22.35 16.83 -17.06
N THR A 298 22.81 17.99 -17.53
CA THR A 298 23.71 18.82 -16.74
C THR A 298 22.92 19.82 -15.89
N THR A 299 22.07 19.26 -15.02
CA THR A 299 21.35 20.07 -14.05
C THR A 299 21.00 19.20 -12.85
N LYS A 300 20.54 19.87 -11.79
CA LYS A 300 19.96 19.20 -10.64
C LYS A 300 18.45 19.37 -10.58
N LYS A 301 17.88 20.07 -11.57
CA LYS A 301 16.46 20.37 -11.57
C LYS A 301 15.67 19.13 -11.96
N ARG A 302 14.65 18.81 -11.17
CA ARG A 302 13.92 17.57 -11.34
C ARG A 302 12.93 17.65 -12.51
N GLU A 303 12.18 18.76 -12.60
CA GLU A 303 11.09 18.86 -13.55
C GLU A 303 11.56 18.94 -14.99
N ALA A 304 12.82 19.28 -15.23
CA ALA A 304 13.34 19.33 -16.59
C ALA A 304 13.63 17.94 -17.15
N ARG A 305 13.59 16.90 -16.33
CA ARG A 305 13.87 15.58 -16.83
C ARG A 305 12.67 14.92 -17.51
N GLN A 306 11.45 15.40 -17.24
CA GLN A 306 10.28 14.88 -17.92
C GLN A 306 9.98 15.59 -19.22
N ILE A 307 10.90 16.43 -19.70
CA ILE A 307 10.82 16.96 -21.05
C ILE A 307 10.95 15.86 -22.09
N LEU A 308 11.61 14.76 -21.73
CA LEU A 308 11.89 13.66 -22.65
C LEU A 308 10.65 12.88 -23.10
N ASP A 309 9.46 13.27 -22.68
CA ASP A 309 8.22 12.61 -23.09
C ASP A 309 7.50 13.43 -24.15
N GLN A 310 8.23 13.99 -25.11
CA GLN A 310 7.61 14.80 -26.15
C GLN A 310 7.94 14.25 -27.53
N THR A 311 7.03 14.54 -28.46
CA THR A 311 7.08 14.04 -29.83
C THR A 311 8.28 14.44 -30.70
N PRO A 312 9.08 15.50 -30.43
CA PRO A 312 10.36 15.56 -31.15
C PRO A 312 11.46 14.81 -30.43
N VAL A 313 11.28 14.59 -29.13
CA VAL A 313 12.43 14.31 -28.27
C VAL A 313 12.77 12.83 -28.24
N LYS A 314 11.83 12.01 -27.76
CA LYS A 314 12.16 10.61 -27.47
C LYS A 314 12.29 9.78 -28.74
N GLU A 315 11.70 10.25 -29.84
CA GLU A 315 11.75 9.48 -31.07
C GLU A 315 13.12 9.56 -31.71
N LEU A 316 13.83 10.67 -31.49
CA LEU A 316 15.27 10.70 -31.78
C LEU A 316 16.00 9.71 -30.90
N VAL A 317 15.64 9.67 -29.61
CA VAL A 317 16.29 8.78 -28.67
C VAL A 317 15.97 7.34 -28.98
N SER A 318 14.69 7.04 -29.19
CA SER A 318 14.25 5.69 -29.48
C SER A 318 14.43 5.29 -30.93
N LEU A 319 15.26 6.00 -31.70
CA LEU A 319 15.71 5.52 -32.99
C LEU A 319 17.18 5.12 -32.93
N LYS A 320 18.06 6.04 -32.51
CA LYS A 320 19.49 5.81 -32.66
C LYS A 320 20.05 4.86 -31.62
N TRP A 321 19.44 4.75 -30.45
CA TRP A 321 19.84 3.70 -29.53
C TRP A 321 19.33 2.34 -29.97
N LYS A 322 18.17 2.31 -30.64
CA LYS A 322 17.67 1.06 -31.18
C LYS A 322 18.49 0.57 -32.36
N ARG A 323 19.03 1.47 -33.17
CA ARG A 323 19.77 1.02 -34.34
C ARG A 323 21.28 0.97 -34.12
N TYR A 324 21.83 1.77 -33.22
CA TYR A 324 23.27 1.88 -33.07
C TYR A 324 23.77 1.59 -31.66
N GLY A 325 23.04 2.01 -30.63
CA GLY A 325 23.54 1.92 -29.27
C GLY A 325 23.64 0.52 -28.73
N ARG A 326 22.54 -0.22 -28.78
CA ARG A 326 22.52 -1.61 -28.32
C ARG A 326 23.55 -2.52 -29.01
N PRO A 327 23.90 -2.37 -30.30
CA PRO A 327 25.12 -3.05 -30.75
C PRO A 327 26.38 -2.48 -30.14
N TYR A 328 26.47 -1.17 -30.02
CA TYR A 328 27.71 -0.58 -29.54
C TYR A 328 27.86 -0.76 -28.03
N PHE A 329 26.76 -0.78 -27.30
CA PHE A 329 26.84 -0.93 -25.84
C PHE A 329 27.20 -2.35 -25.45
N CYS A 330 26.64 -3.35 -26.13
CA CYS A 330 26.89 -4.73 -25.77
C CYS A 330 28.30 -5.18 -26.12
N MET A 331 28.83 -4.74 -27.27
CA MET A 331 30.20 -5.10 -27.63
C MET A 331 31.19 -4.41 -26.71
N LEU A 332 30.91 -3.16 -26.34
CA LEU A 332 31.68 -2.55 -25.26
C LEU A 332 31.44 -3.26 -23.95
N GLY A 333 30.22 -3.75 -23.74
CA GLY A 333 29.97 -4.58 -22.58
C GLY A 333 30.65 -5.92 -22.64
N ALA A 334 30.88 -6.45 -23.84
CA ALA A 334 31.50 -7.76 -24.00
C ALA A 334 32.99 -7.72 -23.71
N ILE A 335 33.69 -6.69 -24.19
CA ILE A 335 35.14 -6.66 -24.09
C ILE A 335 35.58 -6.45 -22.65
N TYR A 336 34.82 -5.65 -21.89
CA TYR A 336 35.12 -5.47 -20.48
C TYR A 336 34.94 -6.76 -19.69
N LEU A 337 34.01 -7.62 -20.13
CA LEU A 337 33.88 -8.93 -19.51
C LEU A 337 35.11 -9.79 -19.81
N LEU A 338 35.71 -9.64 -20.98
CA LEU A 338 36.94 -10.36 -21.27
C LEU A 338 38.12 -9.82 -20.50
N TYR A 339 38.10 -8.52 -20.16
CA TYR A 339 39.24 -7.88 -19.51
C TYR A 339 39.44 -8.39 -18.10
N ILE A 340 38.38 -8.84 -17.45
CA ILE A 340 38.48 -9.15 -16.03
C ILE A 340 38.77 -10.62 -15.78
N ILE A 341 38.41 -11.49 -16.72
CA ILE A 341 38.54 -12.92 -16.48
C ILE A 341 39.98 -13.35 -16.65
N CYS A 342 40.66 -12.79 -17.66
CA CYS A 342 42.10 -12.99 -17.76
C CYS A 342 42.82 -12.33 -16.60
N PHE A 343 42.30 -11.19 -16.12
CA PHE A 343 42.81 -10.61 -14.89
C PHE A 343 42.48 -11.50 -13.69
N THR A 344 41.35 -12.19 -13.74
CA THR A 344 41.09 -13.18 -12.71
C THR A 344 42.02 -14.38 -12.89
N MET A 345 42.32 -14.71 -14.15
CA MET A 345 43.14 -15.88 -14.45
C MET A 345 44.57 -15.72 -13.93
N CYS A 346 45.12 -14.52 -14.04
CA CYS A 346 46.48 -14.32 -13.58
C CYS A 346 46.55 -14.21 -12.06
N CYS A 347 45.57 -13.52 -11.46
CA CYS A 347 45.62 -13.26 -10.03
C CYS A 347 45.36 -14.51 -9.20
N ILE A 348 44.72 -15.53 -9.77
CA ILE A 348 44.59 -16.79 -9.05
C ILE A 348 45.78 -17.71 -9.26
N TYR A 349 46.73 -17.34 -10.10
CA TYR A 349 47.88 -18.18 -10.41
C TYR A 349 49.19 -17.54 -9.97
N ARG A 350 49.20 -16.92 -8.79
CA ARG A 350 50.38 -16.21 -8.32
C ARG A 350 51.46 -17.20 -7.91
N PRO A 351 52.74 -16.84 -8.06
CA PRO A 351 53.82 -17.76 -7.68
C PRO A 351 53.96 -17.84 -6.18
N LEU A 352 54.43 -18.99 -5.70
CA LEU A 352 54.34 -19.30 -4.29
C LEU A 352 55.33 -20.41 -3.94
N LYS A 353 55.99 -20.27 -2.81
CA LYS A 353 56.90 -21.27 -2.27
C LYS A 353 56.38 -21.69 -0.91
N PRO A 354 56.98 -22.65 -0.21
CA PRO A 354 56.63 -22.86 1.20
C PRO A 354 57.43 -21.96 2.14
N ARG A 355 57.15 -22.12 3.43
CA ARG A 355 57.72 -21.29 4.48
C ARG A 355 59.20 -21.58 4.66
N THR A 356 59.94 -20.54 5.04
CA THR A 356 61.37 -20.69 5.32
C THR A 356 61.75 -20.45 6.77
N ASN A 357 61.00 -19.62 7.50
CA ASN A 357 61.43 -19.18 8.83
C ASN A 357 60.85 -20.03 9.96
N ASN A 358 60.53 -21.29 9.70
CA ASN A 358 60.57 -22.40 10.66
C ASN A 358 59.48 -22.32 11.74
N ARG A 359 58.48 -21.43 11.59
CA ARG A 359 57.38 -21.23 12.55
C ARG A 359 57.97 -20.87 13.92
N THR A 360 58.54 -19.68 13.97
CA THR A 360 59.42 -19.33 15.07
C THR A 360 58.70 -18.64 16.22
N SER A 361 58.09 -17.50 15.96
CA SER A 361 57.65 -16.68 17.09
C SER A 361 56.30 -17.10 17.71
N PRO A 362 55.19 -17.26 16.98
CA PRO A 362 53.95 -17.49 17.72
C PRO A 362 53.66 -18.95 18.04
N ARG A 363 53.28 -19.19 19.28
CA ARG A 363 52.80 -20.50 19.70
C ARG A 363 51.36 -20.61 19.26
N ASP A 364 51.12 -21.35 18.18
CA ASP A 364 49.79 -21.64 17.63
C ASP A 364 49.02 -20.37 17.28
N ASN A 365 49.72 -19.34 16.81
CA ASN A 365 49.07 -18.13 16.37
C ASN A 365 49.56 -17.72 14.98
N THR A 366 50.27 -18.62 14.31
CA THR A 366 50.39 -18.56 12.86
C THR A 366 49.80 -19.82 12.28
N LEU A 367 49.25 -19.70 11.08
CA LEU A 367 48.78 -20.85 10.34
C LEU A 367 49.07 -20.66 8.86
N LEU A 368 49.73 -19.56 8.49
CA LEU A 368 50.24 -19.38 7.14
C LEU A 368 51.57 -20.10 6.99
N GLN A 369 51.81 -20.64 5.81
CA GLN A 369 53.00 -21.48 5.64
C GLN A 369 53.67 -21.27 4.29
N GLN A 370 53.46 -20.12 3.64
CA GLN A 370 53.91 -20.00 2.26
C GLN A 370 54.96 -18.94 2.03
N LYS A 371 54.71 -17.68 2.42
CA LYS A 371 55.62 -16.52 2.30
C LYS A 371 56.19 -16.37 0.88
N LEU A 372 55.29 -15.88 0.01
CA LEU A 372 55.38 -15.89 -1.45
C LEU A 372 56.69 -15.47 -2.11
N LEU A 373 56.87 -15.93 -3.34
CA LEU A 373 58.12 -15.88 -4.09
C LEU A 373 58.52 -14.47 -4.48
N GLN A 374 59.57 -14.39 -5.29
CA GLN A 374 60.31 -13.16 -5.56
C GLN A 374 60.56 -13.16 -7.07
N GLU A 375 61.52 -12.36 -7.53
CA GLU A 375 61.79 -12.19 -8.97
C GLU A 375 62.35 -13.43 -9.64
N ALA A 376 62.66 -14.49 -8.90
CA ALA A 376 62.99 -15.77 -9.53
C ALA A 376 61.72 -16.31 -10.18
N TYR A 377 61.65 -16.18 -11.50
CA TYR A 377 60.36 -16.19 -12.19
C TYR A 377 60.35 -17.02 -13.47
N MET A 378 61.49 -17.26 -14.10
CA MET A 378 61.51 -17.77 -15.47
C MET A 378 61.19 -19.27 -15.51
N THR A 379 60.08 -19.59 -16.15
CA THR A 379 59.65 -20.96 -16.41
C THR A 379 58.68 -20.92 -17.60
N PRO A 380 58.53 -22.04 -18.33
CA PRO A 380 57.59 -22.01 -19.47
C PRO A 380 56.12 -22.11 -19.11
N LYS A 381 55.76 -21.88 -17.85
CA LYS A 381 54.37 -21.69 -17.46
C LYS A 381 54.04 -20.26 -17.05
N ASP A 382 54.98 -19.55 -16.42
CA ASP A 382 54.73 -18.19 -16.00
C ASP A 382 54.68 -17.22 -17.18
N ASP A 383 55.28 -17.61 -18.29
CA ASP A 383 55.26 -16.79 -19.51
C ASP A 383 53.85 -16.56 -20.03
N ILE A 384 52.98 -17.54 -19.83
CA ILE A 384 51.55 -17.36 -20.12
C ILE A 384 50.98 -16.30 -19.18
N ARG A 385 51.30 -16.40 -17.89
CA ARG A 385 50.86 -15.39 -16.94
C ARG A 385 51.56 -14.06 -17.19
N LEU A 386 52.80 -14.10 -17.69
CA LEU A 386 53.53 -12.88 -18.00
C LEU A 386 52.84 -12.08 -19.09
N VAL A 387 52.41 -12.76 -20.16
CA VAL A 387 51.59 -12.11 -21.15
C VAL A 387 50.22 -11.79 -20.57
N GLY A 388 49.74 -12.64 -19.67
CA GLY A 388 48.42 -12.44 -19.07
C GLY A 388 48.32 -11.18 -18.24
N GLU A 389 49.28 -10.97 -17.34
CA GLU A 389 49.26 -9.73 -16.59
C GLU A 389 49.79 -8.55 -17.38
N LEU A 390 50.39 -8.79 -18.55
CA LEU A 390 50.83 -7.67 -19.38
C LEU A 390 49.65 -6.91 -19.96
N VAL A 391 48.58 -7.63 -20.30
CA VAL A 391 47.45 -7.01 -20.98
C VAL A 391 46.68 -6.12 -20.03
N THR A 392 46.44 -6.60 -18.80
CA THR A 392 45.63 -5.86 -17.85
C THR A 392 46.32 -4.60 -17.36
N VAL A 393 47.64 -4.52 -17.43
CA VAL A 393 48.33 -3.28 -17.11
C VAL A 393 48.09 -2.24 -18.19
N ILE A 394 48.27 -2.64 -19.44
CA ILE A 394 48.15 -1.71 -20.57
C ILE A 394 46.70 -1.29 -20.74
N GLY A 395 45.77 -2.21 -20.51
CA GLY A 395 44.36 -1.84 -20.55
C GLY A 395 43.96 -0.89 -19.45
N ALA A 396 44.64 -0.96 -18.30
CA ALA A 396 44.38 0.00 -17.24
C ALA A 396 44.86 1.39 -17.60
N ILE A 397 45.91 1.46 -18.42
CA ILE A 397 46.40 2.75 -18.90
C ILE A 397 45.37 3.41 -19.81
N ILE A 398 44.65 2.58 -20.58
CA ILE A 398 43.63 3.06 -21.50
C ILE A 398 42.50 3.73 -20.73
N ILE A 399 42.18 3.21 -19.55
CA ILE A 399 41.19 3.85 -18.68
C ILE A 399 41.70 5.20 -18.21
N LEU A 400 43.00 5.31 -17.95
CA LEU A 400 43.60 6.56 -17.53
C LEU A 400 43.95 7.47 -18.69
N LEU A 401 43.49 7.17 -19.90
CA LEU A 401 43.68 8.04 -21.05
C LEU A 401 42.37 8.55 -21.64
N VAL A 402 41.25 8.28 -21.00
CA VAL A 402 39.97 8.71 -21.54
C VAL A 402 39.21 9.57 -20.54
N GLU A 403 39.50 9.39 -19.25
CA GLU A 403 38.81 10.13 -18.20
C GLU A 403 39.72 11.08 -17.44
N VAL A 404 41.01 10.72 -17.32
CA VAL A 404 42.01 11.72 -16.93
C VAL A 404 42.01 12.95 -17.83
N PRO A 405 41.90 12.85 -19.17
CA PRO A 405 41.77 14.10 -19.95
C PRO A 405 40.44 14.82 -19.76
N ASP A 406 39.43 14.17 -19.17
CA ASP A 406 38.16 14.85 -18.97
C ASP A 406 38.25 15.89 -17.87
N ILE A 407 38.89 15.54 -16.74
CA ILE A 407 38.87 16.41 -15.57
C ILE A 407 39.80 17.61 -15.69
N PHE A 408 40.58 17.73 -16.77
CA PHE A 408 41.32 18.96 -17.00
C PHE A 408 40.40 20.11 -17.38
N ARG A 409 39.22 19.82 -17.92
CA ARG A 409 38.31 20.84 -18.38
C ARG A 409 36.89 20.69 -17.85
N MET A 410 36.53 19.52 -17.28
CA MET A 410 35.19 19.30 -16.77
C MET A 410 35.09 19.59 -15.28
N GLY A 411 35.91 20.51 -14.78
CA GLY A 411 35.96 21.01 -13.42
C GLY A 411 36.20 19.93 -12.37
N VAL A 412 35.94 20.31 -11.13
CA VAL A 412 35.98 19.39 -10.00
C VAL A 412 34.56 19.09 -9.52
N THR A 413 33.85 20.11 -9.05
CA THR A 413 32.44 19.95 -8.68
C THR A 413 31.58 19.69 -9.90
N ARG A 414 31.98 20.26 -11.05
CA ARG A 414 31.32 19.96 -12.32
C ARG A 414 31.47 18.49 -12.69
N PHE A 415 32.59 17.87 -12.33
CA PHE A 415 32.72 16.43 -12.52
C PHE A 415 31.84 15.66 -11.53
N PHE A 416 31.79 16.11 -10.28
CA PHE A 416 30.90 15.46 -9.31
C PHE A 416 29.43 15.80 -9.53
N GLY A 417 29.12 16.81 -10.35
CA GLY A 417 27.73 17.06 -10.70
C GLY A 417 27.12 15.95 -11.53
N GLN A 418 27.94 15.29 -12.34
CA GLN A 418 27.50 14.14 -13.12
C GLN A 418 27.29 12.90 -12.26
N THR A 419 27.90 12.87 -11.08
CA THR A 419 28.03 11.62 -10.31
C THR A 419 26.70 11.15 -9.76
N ILE A 420 25.94 12.04 -9.12
CA ILE A 420 24.72 11.65 -8.42
C ILE A 420 23.63 11.29 -9.42
N LEU A 421 23.59 11.97 -10.56
CA LEU A 421 22.55 11.75 -11.54
C LEU A 421 22.71 10.41 -12.24
N GLY A 422 23.89 10.16 -12.81
CA GLY A 422 24.12 8.98 -13.62
C GLY A 422 24.72 7.79 -12.90
N GLY A 423 25.02 7.89 -11.62
CA GLY A 423 25.64 6.81 -10.89
C GLY A 423 27.12 7.04 -10.66
N PRO A 424 27.62 6.64 -9.48
CA PRO A 424 29.00 6.92 -9.10
C PRO A 424 30.00 5.90 -9.64
N PHE A 425 29.91 5.60 -10.92
CA PHE A 425 30.79 4.60 -11.51
C PHE A 425 32.06 5.20 -12.07
N HIS A 426 32.03 6.48 -12.44
CA HIS A 426 33.19 7.13 -13.04
C HIS A 426 34.35 7.23 -12.07
N VAL A 427 34.07 7.33 -10.77
CA VAL A 427 35.13 7.33 -9.78
C VAL A 427 35.74 5.94 -9.67
N LEU A 428 34.90 4.92 -9.63
CA LEU A 428 35.37 3.57 -9.31
C LEU A 428 36.15 2.95 -10.45
N ILE A 429 35.96 3.41 -11.68
CA ILE A 429 36.70 2.81 -12.77
C ILE A 429 38.15 3.29 -12.77
N ILE A 430 38.41 4.51 -12.32
CA ILE A 430 39.79 4.95 -12.10
C ILE A 430 40.34 4.30 -10.84
N THR A 431 39.48 4.12 -9.84
CA THR A 431 39.87 3.47 -8.59
C THR A 431 40.25 2.01 -8.83
N TYR A 432 39.66 1.39 -9.85
CA TYR A 432 40.10 0.08 -10.32
C TYR A 432 41.56 0.14 -10.77
N ALA A 433 41.85 0.98 -11.76
CA ALA A 433 43.19 1.04 -12.33
C ALA A 433 44.21 1.66 -11.39
N PHE A 434 43.74 2.38 -10.36
CA PHE A 434 44.65 2.96 -9.38
C PHE A 434 45.39 1.87 -8.61
N MET A 435 44.71 0.78 -8.30
CA MET A 435 45.36 -0.34 -7.65
C MET A 435 46.16 -1.19 -8.63
N VAL A 436 45.83 -1.13 -9.92
CA VAL A 436 46.57 -1.89 -10.91
C VAL A 436 47.97 -1.32 -11.10
N LEU A 437 48.13 -0.01 -10.87
CA LEU A 437 49.46 0.57 -10.84
C LEU A 437 50.28 0.01 -9.68
N VAL A 438 49.62 -0.27 -8.56
CA VAL A 438 50.34 -0.73 -7.37
C VAL A 438 50.79 -2.18 -7.55
N THR A 439 49.91 -3.00 -8.12
CA THR A 439 50.14 -4.45 -8.15
C THR A 439 51.25 -4.86 -9.11
N MET A 440 51.78 -3.95 -9.91
CA MET A 440 52.95 -4.24 -10.72
C MET A 440 54.21 -3.58 -10.18
N VAL A 441 54.06 -2.47 -9.45
CA VAL A 441 55.21 -1.84 -8.81
C VAL A 441 55.71 -2.71 -7.65
N MET A 442 54.80 -3.09 -6.76
CA MET A 442 55.18 -3.96 -5.65
C MET A 442 55.54 -5.36 -6.12
N ARG A 443 55.03 -5.78 -7.28
CA ARG A 443 55.56 -6.96 -7.93
C ARG A 443 57.00 -6.74 -8.38
N LEU A 444 57.30 -5.54 -8.88
CA LEU A 444 58.64 -5.26 -9.37
C LEU A 444 59.64 -5.17 -8.23
N ILE A 445 59.33 -4.37 -7.20
CA ILE A 445 60.27 -4.16 -6.11
C ILE A 445 60.21 -5.25 -5.06
N SER A 446 59.36 -6.25 -5.24
CA SER A 446 59.19 -7.40 -4.34
C SER A 446 58.83 -6.97 -2.93
N ALA A 447 57.67 -6.34 -2.80
CA ALA A 447 57.18 -5.93 -1.50
C ALA A 447 56.49 -7.11 -0.81
N SER A 448 56.19 -6.91 0.48
CA SER A 448 55.56 -7.96 1.26
C SER A 448 54.09 -8.11 0.91
N GLY A 449 53.35 -7.02 0.96
CA GLY A 449 51.90 -7.08 0.78
C GLY A 449 51.46 -7.02 -0.66
N GLU A 450 51.16 -8.18 -1.24
CA GLU A 450 50.59 -8.25 -2.57
C GLU A 450 49.10 -8.57 -2.53
N VAL A 451 48.66 -9.26 -1.48
CA VAL A 451 47.26 -9.68 -1.36
C VAL A 451 46.35 -8.47 -1.23
N VAL A 452 46.76 -7.47 -0.43
CA VAL A 452 45.87 -6.36 -0.10
C VAL A 452 45.58 -5.44 -1.28
N PRO A 453 46.56 -4.99 -2.08
CA PRO A 453 46.16 -4.16 -3.22
C PRO A 453 45.42 -4.92 -4.30
N MET A 454 45.68 -6.22 -4.44
CA MET A 454 44.88 -7.01 -5.37
C MET A 454 43.46 -7.19 -4.87
N SER A 455 43.27 -7.16 -3.54
CA SER A 455 41.99 -7.52 -2.95
C SER A 455 40.92 -6.49 -3.30
N PHE A 456 41.25 -5.21 -3.19
CA PHE A 456 40.36 -4.19 -3.75
C PHE A 456 40.29 -4.30 -5.26
N ALA A 457 41.43 -4.60 -5.89
CA ALA A 457 41.51 -4.62 -7.35
C ALA A 457 40.67 -5.73 -7.96
N LEU A 458 40.52 -6.85 -7.28
CA LEU A 458 39.64 -7.88 -7.80
C LEU A 458 38.18 -7.52 -7.61
N VAL A 459 37.83 -6.98 -6.44
CA VAL A 459 36.41 -6.79 -6.16
C VAL A 459 35.89 -5.52 -6.81
N LEU A 460 36.74 -4.51 -7.04
CA LEU A 460 36.25 -3.28 -7.62
C LEU A 460 35.99 -3.41 -9.11
N GLY A 461 36.64 -4.38 -9.76
CA GLY A 461 36.39 -4.58 -11.18
C GLY A 461 35.01 -5.15 -11.43
N TRP A 462 34.64 -6.20 -10.68
CA TRP A 462 33.36 -6.86 -10.88
C TRP A 462 32.19 -5.98 -10.48
N CYS A 463 32.42 -5.00 -9.61
CA CYS A 463 31.36 -4.03 -9.32
C CYS A 463 31.07 -3.15 -10.53
N ASN A 464 32.09 -2.87 -11.34
CA ASN A 464 31.89 -2.07 -12.54
C ASN A 464 31.19 -2.82 -13.66
N VAL A 465 30.92 -4.12 -13.48
CA VAL A 465 30.12 -4.83 -14.46
C VAL A 465 28.69 -4.32 -14.45
N MET A 466 28.20 -3.90 -13.29
CA MET A 466 26.85 -3.36 -13.18
C MET A 466 26.71 -1.99 -13.84
N TYR A 467 27.81 -1.34 -14.21
CA TYR A 467 27.73 -0.20 -15.11
C TYR A 467 27.26 -0.60 -16.50
N PHE A 468 27.42 -1.87 -16.87
CA PHE A 468 26.80 -2.37 -18.08
C PHE A 468 25.51 -3.12 -17.80
N ALA A 469 24.98 -3.01 -16.60
CA ALA A 469 23.63 -3.49 -16.31
C ALA A 469 22.60 -2.38 -16.52
N ARG A 470 22.66 -1.74 -17.67
CA ARG A 470 21.83 -0.59 -18.00
C ARG A 470 21.17 -0.72 -19.34
N GLY A 471 21.71 -1.53 -20.24
CA GLY A 471 21.17 -1.71 -21.57
C GLY A 471 20.10 -2.77 -21.69
N PHE A 472 19.40 -3.10 -20.60
CA PHE A 472 18.30 -4.04 -20.65
C PHE A 472 17.22 -3.57 -19.69
N GLN A 473 15.95 -3.75 -20.10
CA GLN A 473 14.85 -3.27 -19.28
C GLN A 473 14.63 -4.17 -18.07
N MET A 474 15.01 -5.44 -18.18
CA MET A 474 14.65 -6.42 -17.17
C MET A 474 15.48 -6.24 -15.89
N LEU A 475 16.71 -5.76 -16.00
CA LEU A 475 17.59 -5.59 -14.85
C LEU A 475 18.19 -4.19 -14.75
N GLY A 476 17.84 -3.30 -15.67
CA GLY A 476 18.29 -1.93 -15.64
C GLY A 476 17.83 -1.12 -14.44
N PRO A 477 16.51 -0.87 -14.32
CA PRO A 477 16.03 0.00 -13.24
C PRO A 477 16.20 -0.54 -11.85
N PHE A 478 16.44 -1.85 -11.69
CA PHE A 478 16.71 -2.42 -10.37
C PHE A 478 18.02 -1.89 -9.80
N THR A 479 18.95 -1.51 -10.67
CA THR A 479 20.23 -0.98 -10.22
C THR A 479 20.07 0.39 -9.58
N ILE A 480 19.03 1.13 -9.94
CA ILE A 480 18.90 2.53 -9.51
C ILE A 480 18.57 2.61 -8.03
N MET A 481 17.57 1.85 -7.58
CA MET A 481 17.18 1.96 -6.19
C MET A 481 18.17 1.28 -5.24
N ILE A 482 19.12 0.50 -5.78
CA ILE A 482 20.30 0.14 -5.00
C ILE A 482 21.08 1.40 -4.64
N GLN A 483 21.33 2.26 -5.62
CA GLN A 483 22.01 3.53 -5.38
C GLN A 483 21.20 4.44 -4.48
N LYS A 484 19.87 4.37 -4.58
CA LYS A 484 19.01 5.18 -3.73
C LYS A 484 18.92 4.66 -2.30
N MET A 485 19.58 3.55 -1.97
CA MET A 485 19.63 3.10 -0.60
C MET A 485 21.03 3.07 -0.03
N ILE A 486 22.06 2.93 -0.87
CA ILE A 486 23.43 3.05 -0.39
C ILE A 486 23.70 4.48 0.06
N PHE A 487 23.42 5.45 -0.81
CA PHE A 487 23.38 6.85 -0.41
C PHE A 487 22.07 7.22 0.28
N GLY A 488 21.17 6.25 0.47
CA GLY A 488 19.90 6.51 1.11
C GLY A 488 19.75 5.83 2.45
N ASP A 489 18.92 4.80 2.50
CA ASP A 489 18.43 4.29 3.77
C ASP A 489 19.43 3.39 4.49
N LEU A 490 20.42 2.84 3.79
CA LEU A 490 21.44 2.07 4.50
C LEU A 490 22.40 3.00 5.23
N MET A 491 22.64 4.19 4.66
CA MET A 491 23.55 5.14 5.28
C MET A 491 22.96 5.69 6.57
N ARG A 492 21.65 5.99 6.58
CA ARG A 492 21.01 6.40 7.81
C ARG A 492 20.87 5.25 8.79
N PHE A 493 20.89 4.01 8.30
CA PHE A 493 20.90 2.88 9.21
C PHE A 493 22.26 2.67 9.85
N CYS A 494 23.33 3.03 9.14
CA CYS A 494 24.67 2.82 9.65
C CYS A 494 24.98 3.73 10.83
N TRP A 495 24.43 4.95 10.84
CA TRP A 495 24.67 5.88 11.94
C TRP A 495 23.76 5.62 13.14
N LEU A 496 23.06 4.50 13.16
CA LEU A 496 22.48 3.97 14.39
C LEU A 496 22.95 2.57 14.70
N MET A 497 23.29 1.79 13.66
CA MET A 497 23.85 0.46 13.87
C MET A 497 25.17 0.53 14.60
N ALA A 498 26.04 1.45 14.19
CA ALA A 498 27.31 1.65 14.87
C ALA A 498 27.12 2.18 16.28
N VAL A 499 26.02 2.90 16.52
CA VAL A 499 25.71 3.35 17.86
C VAL A 499 25.33 2.16 18.74
N VAL A 500 24.70 1.14 18.16
CA VAL A 500 24.34 -0.03 18.96
C VAL A 500 25.57 -0.89 19.22
N ILE A 501 26.33 -1.20 18.18
CA ILE A 501 27.38 -2.20 18.31
C ILE A 501 28.61 -1.69 19.03
N LEU A 502 28.83 -0.38 19.09
CA LEU A 502 29.96 0.12 19.86
C LEU A 502 29.70 0.05 21.34
N GLY A 503 28.44 -0.05 21.75
CA GLY A 503 28.11 -0.16 23.15
C GLY A 503 28.19 -1.57 23.66
N PHE A 504 27.45 -2.48 23.03
CA PHE A 504 27.32 -3.85 23.51
C PHE A 504 28.64 -4.60 23.49
N ALA A 505 29.49 -4.32 22.49
CA ALA A 505 30.77 -4.99 22.38
C ALA A 505 31.68 -4.63 23.54
N SER A 506 31.77 -3.35 23.86
CA SER A 506 32.49 -2.93 25.06
C SER A 506 31.80 -3.45 26.31
N ALA A 507 30.47 -3.52 26.29
CA ALA A 507 29.75 -4.13 27.40
C ALA A 507 30.01 -5.62 27.49
N PHE A 508 30.11 -6.29 26.34
CA PHE A 508 30.44 -7.71 26.36
C PHE A 508 31.86 -7.96 26.82
N TYR A 509 32.76 -7.02 26.55
CA TYR A 509 34.19 -7.28 26.71
C TYR A 509 34.57 -7.45 28.17
N ILE A 510 33.94 -6.68 29.05
CA ILE A 510 34.26 -6.80 30.46
C ILE A 510 33.71 -8.09 31.06
N ILE A 511 32.73 -8.71 30.40
CA ILE A 511 32.10 -9.90 30.96
C ILE A 511 33.04 -11.08 30.90
N PHE A 512 33.53 -11.40 29.70
CA PHE A 512 34.50 -12.46 29.54
C PHE A 512 35.94 -11.94 29.66
N GLN A 513 36.12 -10.75 30.24
CA GLN A 513 37.45 -10.26 30.55
C GLN A 513 38.11 -11.12 31.63
N THR A 514 37.35 -11.46 32.66
CA THR A 514 37.83 -12.28 33.76
C THR A 514 37.58 -13.76 33.46
N GLU A 515 38.11 -14.18 32.31
CA GLU A 515 37.71 -15.46 31.76
C GLU A 515 38.77 -15.98 30.82
N ASP A 516 38.98 -17.28 30.83
CA ASP A 516 39.98 -17.92 29.99
C ASP A 516 39.46 -18.05 28.56
N PRO A 517 40.27 -17.74 27.55
CA PRO A 517 39.77 -17.72 26.17
C PRO A 517 39.84 -19.03 25.43
N GLU A 518 40.27 -20.13 26.07
CA GLU A 518 40.38 -21.40 25.34
C GLU A 518 39.02 -21.96 24.98
N GLU A 519 37.99 -21.60 25.72
CA GLU A 519 36.63 -21.93 25.36
C GLU A 519 35.81 -20.65 25.24
N LEU A 520 34.92 -20.65 24.24
CA LEU A 520 34.14 -19.49 23.81
C LEU A 520 35.04 -18.29 23.52
N GLY A 521 35.89 -18.48 22.52
CA GLY A 521 36.78 -17.45 22.08
C GLY A 521 36.18 -16.54 21.03
N HIS A 522 34.85 -16.33 21.12
CA HIS A 522 34.15 -15.39 20.25
C HIS A 522 34.73 -13.99 20.34
N PHE A 523 35.19 -13.62 21.52
CA PHE A 523 36.04 -12.44 21.68
C PHE A 523 36.96 -12.68 22.87
N TYR A 524 38.23 -12.35 22.70
CA TYR A 524 39.20 -12.37 23.78
C TYR A 524 39.98 -11.07 23.85
N ASP A 525 39.76 -10.17 22.90
CA ASP A 525 40.41 -8.87 22.88
C ASP A 525 39.49 -7.89 22.19
N TYR A 526 39.61 -6.62 22.60
CA TYR A 526 38.71 -5.56 22.18
C TYR A 526 38.54 -5.33 20.67
N PRO A 527 39.57 -5.41 19.80
CA PRO A 527 39.27 -5.20 18.37
C PRO A 527 38.49 -6.32 17.74
N MET A 528 38.82 -7.57 18.08
CA MET A 528 38.06 -8.71 17.57
C MET A 528 36.65 -8.74 18.13
N ALA A 529 36.44 -8.11 19.29
CA ALA A 529 35.12 -8.07 19.90
C ALA A 529 34.14 -7.26 19.07
N LEU A 530 34.59 -6.12 18.55
CA LEU A 530 33.75 -5.33 17.67
C LEU A 530 33.46 -6.08 16.37
N PHE A 531 34.44 -6.85 15.90
CA PHE A 531 34.23 -7.71 14.74
C PHE A 531 33.24 -8.82 15.05
N SER A 532 33.22 -9.29 16.29
CA SER A 532 32.31 -10.35 16.68
C SER A 532 30.89 -9.84 16.83
N THR A 533 30.74 -8.70 17.53
CA THR A 533 29.41 -8.21 17.87
C THR A 533 28.69 -7.67 16.65
N PHE A 534 29.45 -7.16 15.67
CA PHE A 534 28.89 -6.79 14.39
C PHE A 534 28.29 -8.00 13.68
N GLU A 535 28.96 -9.14 13.81
CA GLU A 535 28.44 -10.38 13.26
C GLU A 535 27.26 -10.89 14.08
N LEU A 536 27.22 -10.57 15.38
CA LEU A 536 26.04 -10.86 16.17
C LEU A 536 24.86 -10.01 15.73
N PHE A 537 25.11 -8.83 15.20
CA PHE A 537 24.03 -7.96 14.77
C PHE A 537 23.34 -8.48 13.53
N LEU A 538 24.10 -8.99 12.56
CA LEU A 538 23.54 -9.44 11.30
C LEU A 538 23.18 -10.91 11.31
N THR A 539 23.40 -11.59 12.44
CA THR A 539 23.08 -13.02 12.65
C THR A 539 23.72 -13.92 11.60
N ILE A 540 24.92 -13.54 11.15
CA ILE A 540 25.63 -14.32 10.14
C ILE A 540 26.63 -15.28 10.77
N ILE A 541 26.60 -15.44 12.09
CA ILE A 541 27.45 -16.37 12.79
C ILE A 541 26.59 -17.26 13.67
N ASP A 542 27.25 -18.09 14.48
CA ASP A 542 26.54 -19.14 15.19
C ASP A 542 25.97 -18.65 16.51
N GLY A 543 26.83 -18.14 17.39
CA GLY A 543 26.40 -17.72 18.70
C GLY A 543 27.12 -18.46 19.80
N PRO A 544 27.38 -17.78 20.93
CA PRO A 544 28.23 -18.38 21.97
C PRO A 544 27.46 -19.37 22.82
N ALA A 545 28.00 -20.58 22.93
CA ALA A 545 27.49 -21.61 23.82
C ALA A 545 28.61 -22.61 24.09
N ASN A 546 28.83 -22.92 25.37
CA ASN A 546 29.77 -23.95 25.77
C ASN A 546 29.12 -25.19 26.33
N TYR A 547 28.01 -25.03 27.06
CA TYR A 547 27.17 -26.10 27.58
C TYR A 547 27.90 -27.00 28.57
N ASN A 548 28.98 -26.52 29.14
CA ASN A 548 29.76 -27.27 30.10
C ASN A 548 30.01 -26.46 31.37
N VAL A 549 30.23 -25.16 31.24
CA VAL A 549 30.44 -24.26 32.36
C VAL A 549 29.35 -23.21 32.28
N ASP A 550 28.72 -22.93 33.42
CA ASP A 550 27.81 -21.80 33.48
C ASP A 550 28.56 -20.49 33.24
N LEU A 551 27.99 -19.67 32.37
CA LEU A 551 28.52 -18.37 32.03
C LEU A 551 28.28 -17.41 33.19
N PRO A 552 28.95 -16.25 33.22
CA PRO A 552 28.67 -15.29 34.30
C PRO A 552 27.23 -14.78 34.29
N PHE A 553 26.78 -14.37 35.47
CA PHE A 553 25.37 -14.12 35.74
C PHE A 553 24.82 -12.96 34.92
N MET A 554 25.69 -12.04 34.50
CA MET A 554 25.24 -10.93 33.70
C MET A 554 24.95 -11.33 32.27
N TYR A 555 25.63 -12.37 31.77
CA TYR A 555 25.66 -12.64 30.33
C TYR A 555 24.30 -13.05 29.78
N SER A 556 23.57 -13.89 30.52
CA SER A 556 22.27 -14.35 30.05
C SER A 556 21.25 -13.22 29.98
N ILE A 557 21.42 -12.20 30.81
CA ILE A 557 20.56 -11.03 30.70
C ILE A 557 20.92 -10.23 29.46
N THR A 558 22.19 -9.85 29.33
CA THR A 558 22.58 -8.89 28.31
C THR A 558 22.61 -9.47 26.90
N TYR A 559 22.70 -10.79 26.76
CA TYR A 559 22.76 -11.35 25.42
C TYR A 559 21.38 -11.37 24.77
N ALA A 560 20.36 -11.72 25.55
CA ALA A 560 19.00 -11.84 25.01
C ALA A 560 18.42 -10.46 24.74
N ALA A 561 18.73 -9.48 25.59
CA ALA A 561 18.22 -8.13 25.39
C ALA A 561 18.84 -7.50 24.14
N PHE A 562 20.11 -7.80 23.90
CA PHE A 562 20.73 -7.41 22.64
C PHE A 562 20.07 -8.10 21.45
N ALA A 563 19.62 -9.34 21.65
CA ALA A 563 19.02 -10.08 20.55
C ALA A 563 17.66 -9.51 20.17
N ILE A 564 16.91 -9.02 21.14
CA ILE A 564 15.57 -8.51 20.87
C ILE A 564 15.65 -7.19 20.10
N ILE A 565 16.34 -6.21 20.67
CA ILE A 565 16.28 -4.85 20.15
C ILE A 565 17.07 -4.67 18.87
N ALA A 566 17.84 -5.66 18.45
CA ALA A 566 18.62 -5.56 17.23
C ALA A 566 18.10 -6.50 16.15
N THR A 567 18.02 -7.80 16.44
CA THR A 567 17.57 -8.75 15.43
C THR A 567 16.06 -8.70 15.26
N LEU A 568 15.34 -8.84 16.37
CA LEU A 568 13.88 -8.86 16.28
C LEU A 568 13.32 -7.48 15.99
N LEU A 569 13.93 -6.43 16.54
CA LEU A 569 13.44 -5.08 16.33
C LEU A 569 14.13 -4.36 15.18
N MET A 570 15.44 -4.13 15.31
CA MET A 570 16.09 -3.14 14.46
C MET A 570 16.39 -3.69 13.07
N LEU A 571 16.67 -4.99 12.97
CA LEU A 571 16.82 -5.60 11.65
C LEU A 571 15.52 -5.57 10.87
N ASN A 572 14.44 -6.06 11.49
CA ASN A 572 13.17 -6.16 10.80
C ASN A 572 12.52 -4.80 10.57
N LEU A 573 12.88 -3.80 11.36
CA LEU A 573 12.46 -2.44 11.05
C LEU A 573 13.11 -1.96 9.77
N LEU A 574 14.38 -2.29 9.57
CA LEU A 574 15.12 -1.82 8.42
C LEU A 574 14.61 -2.43 7.13
N ILE A 575 14.11 -3.66 7.18
CA ILE A 575 13.54 -4.24 5.97
C ILE A 575 12.14 -3.70 5.73
N ALA A 576 11.51 -3.12 6.73
CA ALA A 576 10.17 -2.58 6.54
C ALA A 576 10.22 -1.22 5.89
N MET A 577 11.22 -0.40 6.25
CA MET A 577 11.26 0.97 5.76
C MET A 577 11.62 1.04 4.27
N MET A 578 12.29 0.03 3.74
CA MET A 578 12.57 0.02 2.32
C MET A 578 11.37 -0.44 1.51
N GLY A 579 10.47 -1.20 2.12
CA GLY A 579 9.22 -1.52 1.46
C GLY A 579 8.33 -0.31 1.31
N ASP A 580 8.48 0.66 2.22
CA ASP A 580 7.82 1.95 2.09
C ASP A 580 8.34 2.74 0.89
N THR A 581 9.56 2.46 0.43
CA THR A 581 10.18 3.29 -0.59
C THR A 581 9.67 2.98 -1.98
N HIS A 582 9.45 1.70 -2.30
CA HIS A 582 9.32 1.26 -3.69
C HIS A 582 8.08 1.83 -4.37
N TRP A 583 6.93 1.75 -3.70
CA TRP A 583 5.70 2.19 -4.33
C TRP A 583 5.65 3.70 -4.50
N ARG A 584 6.39 4.44 -3.68
CA ARG A 584 6.46 5.88 -3.86
C ARG A 584 7.69 6.31 -4.67
N VAL A 585 8.41 5.37 -5.29
CA VAL A 585 9.44 5.74 -6.26
C VAL A 585 9.21 4.95 -7.55
N ALA A 586 8.09 4.24 -7.62
CA ALA A 586 7.84 3.34 -8.74
C ALA A 586 7.57 4.08 -10.04
N HIS A 587 6.79 5.17 -9.98
CA HIS A 587 6.45 5.88 -11.21
C HIS A 587 7.63 6.70 -11.73
N GLU A 588 8.52 7.12 -10.84
CA GLU A 588 9.60 8.01 -11.27
C GLU A 588 10.80 7.27 -11.83
N ARG A 589 10.98 5.99 -11.47
CA ARG A 589 12.19 5.29 -11.86
C ARG A 589 12.21 4.92 -13.33
N ASP A 590 11.05 4.95 -14.00
CA ASP A 590 10.98 4.59 -15.42
C ASP A 590 11.72 5.62 -16.26
N GLU A 591 11.50 6.90 -16.00
CA GLU A 591 12.23 7.93 -16.72
C GLU A 591 13.66 8.07 -16.25
N LEU A 592 13.97 7.65 -15.01
CA LEU A 592 15.36 7.47 -14.61
C LEU A 592 16.05 6.43 -15.47
N TRP A 593 15.34 5.36 -15.80
CA TRP A 593 15.89 4.38 -16.73
C TRP A 593 16.02 4.97 -18.11
N ARG A 594 15.09 5.86 -18.48
CA ARG A 594 15.26 6.61 -19.71
C ARG A 594 16.39 7.62 -19.57
N ALA A 595 16.60 8.14 -18.37
CA ALA A 595 17.72 9.06 -18.13
C ALA A 595 19.05 8.33 -18.21
N GLN A 596 19.06 7.02 -18.00
CA GLN A 596 20.27 6.25 -18.22
C GLN A 596 20.67 6.28 -19.68
N ILE A 597 19.69 6.14 -20.57
CA ILE A 597 19.97 5.86 -21.97
C ILE A 597 20.54 7.07 -22.66
N VAL A 598 19.93 8.23 -22.44
CA VAL A 598 20.33 9.45 -23.13
C VAL A 598 21.69 9.91 -22.62
N ALA A 599 21.92 9.78 -21.31
CA ALA A 599 23.24 10.08 -20.76
C ALA A 599 24.29 9.12 -21.30
N THR A 600 23.91 7.87 -21.52
CA THR A 600 24.81 6.94 -22.18
C THR A 600 24.95 7.32 -23.65
N THR A 601 23.89 7.85 -24.26
CA THR A 601 23.87 8.10 -25.69
C THR A 601 24.84 9.20 -26.08
N VAL A 602 24.82 10.31 -25.35
CA VAL A 602 25.59 11.48 -25.71
C VAL A 602 27.08 11.21 -25.56
N MET A 603 27.47 10.54 -24.47
CA MET A 603 28.86 10.23 -24.25
C MET A 603 29.38 9.20 -25.24
N LEU A 604 28.55 8.21 -25.59
CA LEU A 604 28.94 7.26 -26.62
C LEU A 604 29.03 7.92 -27.99
N GLU A 605 28.14 8.88 -28.26
CA GLU A 605 28.17 9.54 -29.55
C GLU A 605 29.36 10.48 -29.66
N ARG A 606 29.66 11.23 -28.59
CA ARG A 606 30.68 12.27 -28.68
C ARG A 606 32.08 11.68 -28.75
N LYS A 607 32.33 10.59 -28.03
CA LYS A 607 33.67 10.03 -28.01
C LYS A 607 33.97 9.23 -29.27
N LEU A 608 32.97 8.54 -29.81
CA LEU A 608 33.25 7.67 -30.95
C LEU A 608 33.32 8.49 -32.24
N PRO A 609 34.21 8.13 -33.18
CA PRO A 609 34.55 9.07 -34.26
C PRO A 609 33.59 9.10 -35.44
N ARG A 610 34.00 9.84 -36.47
CA ARG A 610 33.19 10.14 -37.64
C ARG A 610 33.07 8.97 -38.60
N CYS A 611 34.06 8.07 -38.63
CA CYS A 611 33.95 6.89 -39.49
C CYS A 611 32.85 5.96 -38.99
N LEU A 612 32.70 5.86 -37.68
CA LEU A 612 31.51 5.24 -37.12
C LEU A 612 30.41 6.28 -37.02
N TRP A 613 29.24 5.86 -36.53
CA TRP A 613 28.09 6.68 -36.19
C TRP A 613 27.62 7.57 -37.35
N PRO A 614 26.90 7.02 -38.32
CA PRO A 614 26.21 7.89 -39.29
C PRO A 614 25.24 8.82 -38.57
N ARG A 615 25.15 10.05 -39.04
CA ARG A 615 24.41 11.08 -38.32
C ARG A 615 22.92 10.83 -38.38
N SER A 616 22.22 11.32 -37.36
CA SER A 616 20.80 11.09 -37.23
C SER A 616 20.02 11.97 -38.19
N GLY A 617 18.78 11.56 -38.45
CA GLY A 617 17.91 12.34 -39.29
C GLY A 617 18.26 12.21 -40.77
N ILE A 618 17.78 13.18 -41.55
CA ILE A 618 18.00 13.21 -42.98
C ILE A 618 18.52 14.60 -43.34
N CYS A 619 19.74 14.66 -43.87
CA CYS A 619 20.35 15.92 -44.27
C CYS A 619 19.66 16.51 -45.49
N GLY A 620 19.85 17.82 -45.68
CA GLY A 620 19.34 18.50 -46.85
C GLY A 620 20.26 18.40 -48.05
N ARG A 621 20.56 19.56 -48.65
CA ARG A 621 21.56 19.77 -49.70
C ARG A 621 21.22 19.10 -51.04
N GLU A 622 20.13 18.33 -51.08
CA GLU A 622 19.62 17.73 -52.29
C GLU A 622 18.13 17.89 -52.42
N TYR A 623 17.47 18.39 -51.38
CA TYR A 623 16.01 18.39 -51.28
C TYR A 623 15.44 19.79 -51.24
N GLY A 624 16.26 20.80 -51.54
CA GLY A 624 15.79 22.17 -51.56
C GLY A 624 15.41 22.71 -50.20
N LEU A 625 16.04 22.23 -49.13
CA LEU A 625 15.65 22.59 -47.77
C LEU A 625 16.84 22.96 -46.91
N GLY A 626 17.90 23.52 -47.48
CA GLY A 626 19.04 23.96 -46.71
C GLY A 626 20.04 22.87 -46.47
N ASP A 627 21.00 23.19 -45.61
CA ASP A 627 22.05 22.25 -45.23
C ASP A 627 21.71 21.45 -43.99
N ARG A 628 20.55 21.70 -43.39
CA ARG A 628 20.21 21.16 -42.08
C ARG A 628 19.76 19.71 -42.17
N TRP A 629 19.25 19.19 -41.06
CA TRP A 629 19.00 17.77 -40.87
C TRP A 629 17.59 17.59 -40.33
N PHE A 630 16.75 16.88 -41.06
CA PHE A 630 15.34 16.77 -40.71
C PHE A 630 15.00 15.39 -40.18
N LEU A 631 13.92 15.35 -39.40
CA LEU A 631 13.37 14.11 -38.86
C LEU A 631 11.86 14.22 -38.91
N ARG A 632 11.19 13.12 -39.16
CA ARG A 632 9.74 13.11 -39.28
C ARG A 632 9.10 12.20 -38.24
N VAL A 633 7.77 12.22 -38.24
CA VAL A 633 6.97 11.20 -37.57
C VAL A 633 5.61 11.22 -38.25
N GLU A 634 4.87 10.14 -38.11
CA GLU A 634 3.49 10.12 -38.57
C GLU A 634 2.68 9.24 -37.62
N ASP A 635 1.46 9.66 -37.32
CA ASP A 635 0.65 8.99 -36.31
C ASP A 635 -0.81 9.36 -36.50
N ARG A 636 -1.66 8.60 -35.83
CA ARG A 636 -3.09 8.83 -35.83
C ARG A 636 -3.43 9.92 -34.83
N GLN A 637 -4.15 10.95 -35.29
CA GLN A 637 -4.53 12.05 -34.41
C GLN A 637 -5.62 11.66 -33.42
N ASP A 638 -6.50 10.74 -33.82
CA ASP A 638 -7.73 10.25 -33.15
C ASP A 638 -8.29 10.98 -31.91
N PHE B 19 32.11 -3.47 -40.02
CA PHE B 19 30.89 -3.83 -40.72
C PHE B 19 31.18 -4.69 -41.94
N CYS B 20 31.03 -6.01 -41.80
CA CYS B 20 31.19 -6.91 -42.93
C CYS B 20 30.11 -7.99 -43.00
N ARG B 21 29.38 -8.27 -41.92
CA ARG B 21 28.44 -9.38 -41.88
C ARG B 21 27.13 -8.96 -41.24
N TRP B 22 26.57 -7.82 -41.66
CA TRP B 22 25.28 -7.41 -41.17
C TRP B 22 24.18 -8.18 -41.91
N PHE B 23 23.23 -8.73 -41.16
CA PHE B 23 22.17 -9.53 -41.74
C PHE B 23 20.90 -9.32 -40.92
N GLN B 24 19.84 -8.85 -41.59
CA GLN B 24 18.49 -8.67 -41.02
C GLN B 24 18.47 -7.75 -39.81
N ARG B 25 19.38 -6.77 -39.78
CA ARG B 25 19.48 -5.83 -38.67
C ARG B 25 19.56 -4.40 -39.16
N ARG B 26 18.79 -4.06 -40.20
CA ARG B 26 18.79 -2.72 -40.78
C ARG B 26 17.45 -2.02 -40.59
N GLU B 27 16.36 -2.64 -41.07
CA GLU B 27 15.01 -2.05 -41.12
C GLU B 27 15.02 -0.68 -41.82
N SER B 28 15.79 -0.59 -42.91
CA SER B 28 15.94 0.65 -43.64
C SER B 28 14.77 0.95 -44.57
N TRP B 29 13.80 0.03 -44.66
CA TRP B 29 12.62 0.25 -45.49
C TRP B 29 11.73 1.35 -44.91
N ALA B 30 11.65 1.45 -43.58
CA ALA B 30 10.97 2.58 -42.97
C ALA B 30 11.74 3.87 -43.21
N GLN B 31 13.06 3.79 -43.23
CA GLN B 31 13.87 4.92 -43.66
C GLN B 31 13.70 5.18 -45.15
N SER B 32 13.44 4.12 -45.92
CA SER B 32 13.31 4.27 -47.37
C SER B 32 12.03 5.01 -47.75
N ARG B 33 10.93 4.71 -47.06
CA ARG B 33 9.68 5.39 -47.37
C ARG B 33 9.70 6.84 -46.93
N ASP B 34 10.53 7.17 -45.93
CA ASP B 34 10.71 8.55 -45.56
C ASP B 34 11.44 9.32 -46.66
N GLU B 35 12.39 8.66 -47.32
CA GLU B 35 12.99 9.23 -48.52
C GLU B 35 11.97 9.34 -49.64
N GLN B 36 11.01 8.40 -49.69
CA GLN B 36 9.92 8.53 -50.63
C GLN B 36 9.00 9.67 -50.27
N ASN B 37 8.92 10.05 -48.99
CA ASN B 37 8.08 11.18 -48.59
C ASN B 37 8.65 12.49 -49.08
N LEU B 38 9.93 12.74 -48.81
CA LEU B 38 10.50 14.05 -49.10
C LEU B 38 10.77 14.27 -50.57
N LEU B 39 11.13 13.21 -51.29
CA LEU B 39 11.33 13.34 -52.73
C LEU B 39 10.02 13.63 -53.44
N GLN B 40 8.93 13.05 -52.94
CA GLN B 40 7.60 13.32 -53.50
C GLN B 40 7.20 14.77 -53.28
N GLN B 41 7.58 15.34 -52.14
CA GLN B 41 7.33 16.76 -51.91
C GLN B 41 8.19 17.63 -52.81
N LYS B 42 9.39 17.16 -53.15
CA LYS B 42 10.21 17.86 -54.12
C LYS B 42 9.60 17.80 -55.52
N ARG B 43 9.01 16.66 -55.88
CA ARG B 43 8.30 16.57 -57.14
C ARG B 43 7.08 17.48 -57.17
N ILE B 44 6.45 17.72 -56.01
CA ILE B 44 5.43 18.75 -55.91
C ILE B 44 6.05 20.11 -56.16
N TRP B 45 7.20 20.36 -55.54
CA TRP B 45 7.73 21.72 -55.49
C TRP B 45 8.34 22.15 -56.81
N GLU B 46 8.88 21.21 -57.58
CA GLU B 46 9.52 21.58 -58.85
C GLU B 46 8.48 21.82 -59.94
N SER B 47 7.51 20.95 -60.06
CA SER B 47 6.49 21.08 -61.09
C SER B 47 5.51 22.19 -60.73
N PRO B 48 5.16 23.07 -61.67
CA PRO B 48 4.35 24.24 -61.30
C PRO B 48 2.90 23.92 -61.01
N LEU B 49 2.28 23.04 -61.80
CA LEU B 49 0.85 22.78 -61.66
C LEU B 49 0.52 21.98 -60.41
N LEU B 50 1.50 21.28 -59.83
CA LEU B 50 1.25 20.56 -58.60
C LEU B 50 1.15 21.49 -57.40
N LEU B 51 1.80 22.66 -57.47
CA LEU B 51 1.54 23.69 -56.47
C LEU B 51 0.13 24.21 -56.61
N ALA B 52 -0.34 24.35 -57.85
CA ALA B 52 -1.75 24.64 -58.08
C ALA B 52 -2.63 23.45 -57.75
N ALA B 53 -2.06 22.24 -57.71
CA ALA B 53 -2.76 21.12 -57.13
C ALA B 53 -2.60 21.06 -55.62
N LYS B 54 -1.56 21.71 -55.08
CA LYS B 54 -1.42 21.78 -53.64
C LYS B 54 -2.40 22.79 -53.04
N ASP B 55 -2.80 23.78 -53.83
CA ASP B 55 -3.70 24.83 -53.41
C ASP B 55 -4.93 24.84 -54.31
N ASN B 56 -5.75 25.88 -54.20
CA ASN B 56 -6.77 26.08 -55.21
C ASN B 56 -6.12 26.62 -56.47
N ASP B 57 -5.59 27.85 -56.38
CA ASP B 57 -4.85 28.53 -57.44
C ASP B 57 -5.61 28.54 -58.77
N VAL B 58 -6.92 28.80 -58.69
CA VAL B 58 -7.83 28.52 -59.79
C VAL B 58 -7.59 29.48 -60.96
N GLN B 59 -7.08 30.68 -60.69
CA GLN B 59 -6.88 31.68 -61.74
C GLN B 59 -5.75 31.27 -62.67
N ALA B 60 -4.62 30.82 -62.10
CA ALA B 60 -3.57 30.24 -62.92
C ALA B 60 -3.98 28.87 -63.46
N LEU B 61 -4.86 28.16 -62.75
CA LEU B 61 -5.30 26.84 -63.20
C LEU B 61 -6.12 26.91 -64.48
N ASN B 62 -6.80 28.04 -64.72
CA ASN B 62 -7.49 28.24 -66.00
C ASN B 62 -6.50 28.33 -67.14
N LYS B 63 -5.28 28.77 -66.87
CA LYS B 63 -4.24 28.79 -67.90
C LYS B 63 -3.62 27.41 -68.08
N LEU B 64 -3.55 26.62 -66.99
CA LEU B 64 -2.79 25.37 -66.99
C LEU B 64 -3.39 24.34 -67.94
N LEU B 65 -4.71 24.23 -67.95
CA LEU B 65 -5.36 23.33 -68.89
C LEU B 65 -5.44 23.92 -70.28
N LYS B 66 -5.27 25.22 -70.41
CA LYS B 66 -5.23 25.86 -71.73
C LYS B 66 -3.78 26.00 -72.22
N TYR B 67 -3.10 24.86 -72.24
CA TYR B 67 -1.72 24.74 -72.68
C TYR B 67 -1.62 23.73 -73.83
N GLU B 68 -0.41 23.61 -74.36
CA GLU B 68 -0.16 22.65 -75.42
C GLU B 68 0.25 21.29 -74.87
N ASP B 69 1.22 21.29 -73.96
CA ASP B 69 1.80 20.05 -73.45
C ASP B 69 1.75 20.04 -71.93
N CYS B 70 0.58 20.35 -71.37
CA CYS B 70 0.35 20.10 -69.96
C CYS B 70 0.19 18.59 -69.73
N LYS B 71 1.12 18.01 -68.98
CA LYS B 71 1.14 16.56 -68.80
C LYS B 71 0.04 16.13 -67.86
N VAL B 72 -1.13 15.81 -68.43
CA VAL B 72 -2.29 15.47 -67.62
C VAL B 72 -2.19 14.07 -67.03
N HIS B 73 -1.33 13.22 -67.57
CA HIS B 73 -1.20 11.85 -67.12
C HIS B 73 0.15 11.57 -66.48
N GLN B 74 0.84 12.61 -66.03
CA GLN B 74 2.17 12.43 -65.48
C GLN B 74 2.10 11.83 -64.08
N ARG B 75 3.26 11.46 -63.57
CA ARG B 75 3.37 10.75 -62.30
C ARG B 75 4.26 11.50 -61.33
N GLY B 76 3.97 11.32 -60.04
CA GLY B 76 4.84 11.81 -59.00
C GLY B 76 5.98 10.85 -58.73
N ALA B 77 6.66 11.07 -57.61
CA ALA B 77 7.72 10.14 -57.21
C ALA B 77 7.15 8.79 -56.82
N MET B 78 6.00 8.78 -56.17
CA MET B 78 5.23 7.57 -55.98
C MET B 78 4.07 7.48 -56.96
N GLY B 79 4.00 8.40 -57.93
CA GLY B 79 3.07 8.25 -59.03
C GLY B 79 1.70 8.86 -58.81
N GLU B 80 1.66 10.10 -58.38
CA GLU B 80 0.37 10.78 -58.26
C GLU B 80 -0.06 11.35 -59.61
N THR B 81 -1.19 12.04 -59.58
CA THR B 81 -1.60 13.01 -60.58
C THR B 81 -2.01 14.27 -59.83
N ALA B 82 -2.37 15.31 -60.59
CA ALA B 82 -2.93 16.50 -59.96
C ALA B 82 -4.27 16.19 -59.32
N LEU B 83 -5.01 15.24 -59.88
CA LEU B 83 -6.23 14.74 -59.25
C LEU B 83 -5.91 14.08 -57.91
N HIS B 84 -4.80 13.35 -57.85
CA HIS B 84 -4.39 12.73 -56.59
C HIS B 84 -4.02 13.78 -55.55
N ILE B 85 -3.34 14.85 -55.96
CA ILE B 85 -2.95 15.88 -55.01
C ILE B 85 -4.15 16.72 -54.60
N ALA B 86 -5.06 16.98 -55.53
CA ALA B 86 -6.30 17.67 -55.20
C ALA B 86 -7.16 16.80 -54.29
N ALA B 87 -7.07 15.48 -54.45
CA ALA B 87 -7.72 14.59 -53.51
C ALA B 87 -7.05 14.63 -52.14
N LEU B 88 -5.78 14.98 -52.09
CA LEU B 88 -5.12 15.09 -50.80
C LEU B 88 -5.50 16.39 -50.11
N TYR B 89 -5.30 17.53 -50.80
CA TYR B 89 -5.51 18.84 -50.21
C TYR B 89 -6.94 19.35 -50.41
N ASP B 90 -7.89 18.43 -50.60
CA ASP B 90 -9.35 18.56 -50.65
C ASP B 90 -9.89 19.83 -51.29
N ASN B 91 -9.26 20.26 -52.39
CA ASN B 91 -9.70 21.44 -53.12
C ASN B 91 -10.78 21.02 -54.09
N LEU B 92 -12.03 21.07 -53.63
CA LEU B 92 -13.17 20.64 -54.44
C LEU B 92 -13.39 21.58 -55.62
N GLU B 93 -13.10 22.87 -55.43
CA GLU B 93 -13.27 23.83 -56.51
C GLU B 93 -12.24 23.62 -57.61
N ALA B 94 -10.99 23.40 -57.23
CA ALA B 94 -9.92 23.21 -58.22
C ALA B 94 -10.08 21.89 -58.95
N ALA B 95 -10.52 20.86 -58.25
CA ALA B 95 -10.68 19.55 -58.85
C ALA B 95 -11.81 19.51 -59.88
N MET B 96 -12.76 20.45 -59.79
CA MET B 96 -13.79 20.57 -60.82
C MET B 96 -13.18 20.93 -62.17
N VAL B 97 -12.06 21.66 -62.16
CA VAL B 97 -11.39 22.00 -63.41
C VAL B 97 -10.67 20.78 -63.96
N LEU B 98 -10.23 19.88 -63.08
CA LEU B 98 -9.38 18.75 -63.48
C LEU B 98 -10.12 17.76 -64.36
N MET B 99 -11.37 17.45 -64.04
CA MET B 99 -12.12 16.47 -64.80
C MET B 99 -12.67 17.01 -66.11
N GLU B 100 -12.45 18.29 -66.40
CA GLU B 100 -13.02 18.88 -67.62
C GLU B 100 -12.29 18.40 -68.86
N ALA B 101 -11.01 18.72 -68.99
CA ALA B 101 -10.23 18.33 -70.15
C ALA B 101 -9.53 17.00 -69.97
N ALA B 102 -9.66 16.37 -68.81
CA ALA B 102 -9.04 15.07 -68.54
C ALA B 102 -10.11 14.10 -68.05
N PRO B 103 -10.87 13.50 -68.98
CA PRO B 103 -11.88 12.53 -68.54
C PRO B 103 -11.28 11.21 -68.10
N GLU B 104 -10.16 10.82 -68.70
CA GLU B 104 -9.50 9.57 -68.36
C GLU B 104 -8.82 9.64 -67.00
N LEU B 105 -8.67 10.84 -66.45
CA LEU B 105 -7.90 11.08 -65.22
C LEU B 105 -8.50 10.38 -64.01
N VAL B 106 -9.81 10.18 -64.01
CA VAL B 106 -10.44 9.43 -62.93
C VAL B 106 -10.10 7.95 -63.03
N PHE B 107 -9.77 7.45 -64.22
CA PHE B 107 -9.47 6.04 -64.41
C PHE B 107 -8.00 5.73 -64.18
N GLU B 108 -7.45 6.16 -63.05
CA GLU B 108 -6.07 5.78 -62.75
C GLU B 108 -5.83 5.70 -61.24
N PRO B 109 -5.39 4.55 -60.75
CA PRO B 109 -5.04 4.46 -59.33
C PRO B 109 -3.58 4.79 -59.08
N MET B 110 -3.14 4.68 -57.84
CA MET B 110 -1.72 4.83 -57.52
C MET B 110 -0.98 3.55 -57.87
N THR B 111 0.25 3.70 -58.36
CA THR B 111 1.00 2.59 -58.93
C THR B 111 2.33 2.34 -58.24
N SER B 112 2.56 2.89 -57.07
CA SER B 112 3.82 2.62 -56.40
C SER B 112 3.73 1.30 -55.63
N GLU B 113 4.88 0.87 -55.12
CA GLU B 113 4.89 -0.33 -54.28
C GLU B 113 4.22 -0.03 -52.94
N LEU B 114 4.47 1.14 -52.37
CA LEU B 114 3.86 1.50 -51.10
C LEU B 114 2.38 1.80 -51.28
N TYR B 115 2.05 2.59 -52.28
CA TYR B 115 0.68 2.95 -52.61
C TYR B 115 0.34 2.30 -53.94
N GLU B 116 -0.38 1.18 -53.90
CA GLU B 116 -0.80 0.47 -55.09
C GLU B 116 -2.31 0.33 -55.09
N GLY B 117 -2.94 0.76 -56.18
CA GLY B 117 -4.37 0.57 -56.36
C GLY B 117 -5.25 1.63 -55.75
N GLN B 118 -4.68 2.72 -55.25
CA GLN B 118 -5.47 3.76 -54.60
C GLN B 118 -5.88 4.81 -55.61
N THR B 119 -7.19 4.91 -55.85
CA THR B 119 -7.72 5.93 -56.73
C THR B 119 -8.10 7.17 -55.93
N ALA B 120 -8.44 8.24 -56.66
CA ALA B 120 -8.83 9.48 -56.01
C ALA B 120 -10.20 9.36 -55.36
N LEU B 121 -11.03 8.45 -55.85
CA LEU B 121 -12.31 8.17 -55.21
C LEU B 121 -12.11 7.61 -53.81
N HIS B 122 -11.05 6.83 -53.62
CA HIS B 122 -10.68 6.36 -52.29
C HIS B 122 -10.30 7.53 -51.39
N ILE B 123 -9.59 8.50 -51.94
CA ILE B 123 -8.96 9.50 -51.09
C ILE B 123 -9.99 10.52 -50.61
N ALA B 124 -11.00 10.82 -51.43
CA ALA B 124 -12.06 11.71 -50.98
C ALA B 124 -12.90 11.06 -49.89
N VAL B 125 -13.00 9.73 -49.91
CA VAL B 125 -13.61 9.00 -48.81
C VAL B 125 -12.75 9.14 -47.56
N VAL B 126 -11.44 9.18 -47.71
CA VAL B 126 -10.56 9.41 -46.56
C VAL B 126 -10.75 10.83 -46.01
N ASN B 127 -11.08 11.77 -46.89
CA ASN B 127 -11.40 13.13 -46.43
C ASN B 127 -12.70 13.19 -45.65
N GLN B 128 -13.57 12.19 -45.82
CA GLN B 128 -14.73 11.82 -45.00
C GLN B 128 -15.80 12.89 -44.84
N ASN B 129 -15.63 14.05 -45.48
CA ASN B 129 -16.66 15.09 -45.56
C ASN B 129 -16.46 15.76 -46.92
N MET B 130 -17.13 15.24 -47.94
CA MET B 130 -16.94 15.72 -49.30
C MET B 130 -18.26 15.71 -50.04
N ASN B 131 -18.35 16.59 -51.04
CA ASN B 131 -19.40 16.53 -52.05
C ASN B 131 -18.85 16.31 -53.43
N LEU B 132 -17.52 16.22 -53.57
CA LEU B 132 -16.91 15.85 -54.85
C LEU B 132 -17.22 14.42 -55.22
N VAL B 133 -17.44 13.57 -54.21
CA VAL B 133 -17.78 12.17 -54.39
C VAL B 133 -19.04 11.98 -55.22
N ARG B 134 -19.98 12.93 -55.14
CA ARG B 134 -21.11 12.92 -56.07
C ARG B 134 -20.65 13.21 -57.48
N ALA B 135 -19.78 14.21 -57.64
CA ALA B 135 -19.29 14.56 -58.97
C ALA B 135 -18.32 13.51 -59.49
N LEU B 136 -17.60 12.83 -58.60
CA LEU B 136 -16.72 11.75 -59.02
C LEU B 136 -17.52 10.57 -59.54
N LEU B 137 -18.59 10.20 -58.83
CA LEU B 137 -19.45 9.14 -59.32
C LEU B 137 -20.35 9.61 -60.45
N ALA B 138 -20.53 10.93 -60.59
CA ALA B 138 -21.11 11.46 -61.83
C ALA B 138 -20.17 11.27 -63.01
N ARG B 139 -18.89 11.09 -62.77
CA ARG B 139 -17.91 10.78 -63.80
C ARG B 139 -17.56 9.30 -63.81
N ARG B 140 -18.60 8.48 -63.61
CA ARG B 140 -18.62 7.01 -63.86
C ARG B 140 -17.46 6.27 -63.19
N ALA B 141 -17.11 6.72 -61.99
CA ALA B 141 -16.00 6.14 -61.26
C ALA B 141 -16.36 4.76 -60.71
N SER B 142 -15.55 3.77 -61.05
CA SER B 142 -15.75 2.41 -60.57
C SER B 142 -15.36 2.30 -59.10
N VAL B 143 -16.06 1.45 -58.37
CA VAL B 143 -15.75 1.21 -56.97
C VAL B 143 -15.19 -0.20 -56.83
N SER B 144 -14.81 -0.79 -57.96
CA SER B 144 -14.28 -2.14 -58.00
C SER B 144 -12.76 -2.17 -57.88
N ALA B 145 -12.17 -1.16 -57.26
CA ALA B 145 -10.73 -1.09 -57.10
C ALA B 145 -10.30 -1.90 -55.88
N ARG B 146 -9.01 -2.27 -55.88
CA ARG B 146 -8.40 -3.02 -54.77
C ARG B 146 -7.11 -2.31 -54.40
N ALA B 147 -7.21 -1.36 -53.48
CA ALA B 147 -6.05 -0.58 -53.04
C ALA B 147 -5.25 -1.42 -52.05
N THR B 148 -4.48 -2.35 -52.59
CA THR B 148 -3.72 -3.32 -51.80
C THR B 148 -2.22 -3.00 -51.78
N GLY B 149 -1.88 -1.71 -51.73
CA GLY B 149 -0.49 -1.32 -51.54
C GLY B 149 0.01 -1.69 -50.15
N THR B 150 1.34 -1.71 -50.01
CA THR B 150 1.95 -2.21 -48.79
C THR B 150 1.77 -1.29 -47.59
N ALA B 151 1.27 -0.06 -47.81
CA ALA B 151 0.81 0.78 -46.72
C ALA B 151 -0.57 0.38 -46.20
N PHE B 152 -1.18 -0.66 -46.77
CA PHE B 152 -2.52 -1.04 -46.39
C PHE B 152 -2.61 -2.44 -45.81
N ARG B 153 -1.51 -3.02 -45.37
CA ARG B 153 -1.54 -4.35 -44.77
C ARG B 153 -1.44 -4.21 -43.26
N ARG B 154 -2.15 -5.08 -42.54
CA ARG B 154 -2.16 -4.96 -41.09
C ARG B 154 -0.85 -5.47 -40.50
N SER B 155 -0.23 -4.62 -39.69
CA SER B 155 1.13 -4.79 -39.20
C SER B 155 1.36 -3.74 -38.13
N PRO B 156 2.35 -3.95 -37.24
CA PRO B 156 2.76 -2.89 -36.31
C PRO B 156 3.70 -1.85 -36.93
N CYS B 157 3.40 -1.44 -38.16
CA CYS B 157 4.12 -0.36 -38.83
C CYS B 157 3.19 0.61 -39.54
N ASN B 158 1.88 0.38 -39.55
CA ASN B 158 0.91 1.34 -40.03
C ASN B 158 -0.12 1.58 -38.94
N LEU B 159 -0.74 2.75 -38.97
CA LEU B 159 -1.66 3.13 -37.92
C LEU B 159 -3.08 2.69 -38.20
N ILE B 160 -3.38 2.33 -39.44
CA ILE B 160 -4.73 1.97 -39.86
C ILE B 160 -4.66 0.64 -40.60
N TYR B 161 -5.84 0.05 -40.82
CA TYR B 161 -5.98 -1.11 -41.70
C TYR B 161 -7.40 -1.11 -42.24
N PHE B 162 -7.56 -0.68 -43.48
CA PHE B 162 -8.88 -0.37 -44.00
C PHE B 162 -9.35 -1.29 -45.12
N GLY B 163 -8.57 -2.29 -45.48
CA GLY B 163 -9.00 -3.18 -46.55
C GLY B 163 -8.69 -2.67 -47.95
N GLU B 164 -9.54 -3.01 -48.91
CA GLU B 164 -9.26 -2.73 -50.31
C GLU B 164 -10.36 -1.96 -51.04
N HIS B 165 -11.42 -1.54 -50.36
CA HIS B 165 -12.62 -1.17 -51.10
C HIS B 165 -13.16 0.18 -50.64
N PRO B 166 -13.84 0.92 -51.53
CA PRO B 166 -14.25 2.30 -51.19
C PRO B 166 -15.25 2.40 -50.05
N LEU B 167 -16.34 1.64 -50.10
CA LEU B 167 -17.27 1.66 -48.97
C LEU B 167 -16.68 0.97 -47.76
N SER B 168 -15.72 0.07 -47.95
CA SER B 168 -14.95 -0.44 -46.83
C SER B 168 -14.13 0.66 -46.20
N PHE B 169 -13.60 1.56 -47.03
CA PHE B 169 -12.89 2.72 -46.50
C PHE B 169 -13.88 3.65 -45.82
N ALA B 170 -15.08 3.76 -46.38
CA ALA B 170 -16.13 4.57 -45.78
C ALA B 170 -16.67 3.96 -44.52
N ALA B 171 -16.48 2.65 -44.35
CA ALA B 171 -16.95 1.98 -43.16
C ALA B 171 -16.17 2.43 -41.92
N CYS B 172 -14.91 2.78 -42.10
CA CYS B 172 -14.07 3.11 -40.96
C CYS B 172 -14.14 4.57 -40.56
N VAL B 173 -14.95 5.39 -41.24
CA VAL B 173 -14.95 6.81 -40.99
C VAL B 173 -16.29 7.33 -40.50
N ASN B 174 -17.34 6.49 -40.49
CA ASN B 174 -18.65 6.77 -39.92
C ASN B 174 -19.31 7.98 -40.60
N SER B 175 -19.64 7.80 -41.87
CA SER B 175 -20.35 8.82 -42.65
C SER B 175 -21.50 8.15 -43.40
N GLU B 176 -22.67 8.13 -42.78
CA GLU B 176 -23.83 7.43 -43.33
C GLU B 176 -24.32 8.06 -44.62
N GLU B 177 -24.06 9.35 -44.81
CA GLU B 177 -24.41 10.03 -46.05
C GLU B 177 -23.64 9.48 -47.24
N ILE B 178 -22.41 9.04 -47.00
CA ILE B 178 -21.56 8.57 -48.08
C ILE B 178 -21.72 7.07 -48.28
N VAL B 179 -21.87 6.35 -47.17
CA VAL B 179 -21.99 4.88 -47.19
C VAL B 179 -23.21 4.46 -48.00
N ARG B 180 -24.36 5.07 -47.71
CA ARG B 180 -25.59 4.78 -48.47
C ARG B 180 -25.46 5.26 -49.90
N LEU B 181 -24.69 6.31 -50.14
CA LEU B 181 -24.46 6.76 -51.51
C LEU B 181 -23.52 5.80 -52.24
N LEU B 182 -22.66 5.09 -51.51
CA LEU B 182 -21.85 4.06 -52.13
C LEU B 182 -22.68 2.85 -52.51
N ILE B 183 -23.62 2.47 -51.65
CA ILE B 183 -24.41 1.26 -51.85
C ILE B 183 -25.32 1.41 -53.07
N GLU B 184 -25.88 2.60 -53.28
CA GLU B 184 -26.84 2.82 -54.35
C GLU B 184 -26.19 2.94 -55.73
N HIS B 185 -24.88 2.68 -55.85
CA HIS B 185 -24.22 2.68 -57.15
C HIS B 185 -23.60 1.33 -57.47
N GLY B 186 -24.15 0.25 -56.92
CA GLY B 186 -23.71 -1.08 -57.24
C GLY B 186 -22.56 -1.61 -56.41
N ALA B 187 -22.49 -1.25 -55.13
CA ALA B 187 -21.39 -1.70 -54.28
C ALA B 187 -21.69 -3.11 -53.75
N ASP B 188 -20.89 -4.08 -54.18
CA ASP B 188 -20.98 -5.41 -53.58
C ASP B 188 -20.43 -5.36 -52.16
N ILE B 189 -21.31 -5.55 -51.19
CA ILE B 189 -20.92 -5.45 -49.79
C ILE B 189 -20.08 -6.65 -49.40
N ARG B 190 -20.38 -7.82 -49.96
CA ARG B 190 -19.75 -9.06 -49.56
C ARG B 190 -18.48 -9.37 -50.32
N ALA B 191 -17.77 -8.36 -50.81
CA ALA B 191 -16.44 -8.56 -51.36
C ALA B 191 -15.41 -8.63 -50.24
N GLN B 192 -14.32 -9.35 -50.50
CA GLN B 192 -13.32 -9.63 -49.48
C GLN B 192 -11.97 -9.07 -49.91
N ASP B 193 -11.00 -9.18 -49.02
CA ASP B 193 -9.65 -8.68 -49.25
C ASP B 193 -8.71 -9.81 -49.64
N SER B 194 -7.42 -9.50 -49.70
CA SER B 194 -6.40 -10.53 -49.90
C SER B 194 -6.30 -11.44 -48.68
N LEU B 195 -6.67 -10.94 -47.50
CA LEU B 195 -6.75 -11.76 -46.31
C LEU B 195 -8.02 -12.60 -46.25
N GLY B 196 -8.93 -12.43 -47.21
CA GLY B 196 -10.24 -13.02 -47.15
C GLY B 196 -11.21 -12.27 -46.27
N ASN B 197 -10.80 -11.15 -45.70
CA ASN B 197 -11.67 -10.40 -44.81
C ASN B 197 -12.54 -9.46 -45.63
N THR B 198 -13.81 -9.42 -45.29
CA THR B 198 -14.77 -8.53 -45.91
C THR B 198 -14.89 -7.26 -45.08
N VAL B 199 -15.95 -6.49 -45.36
CA VAL B 199 -16.24 -5.23 -44.66
C VAL B 199 -16.35 -5.47 -43.16
N LEU B 200 -17.12 -6.51 -42.80
CA LEU B 200 -17.53 -6.70 -41.42
C LEU B 200 -16.37 -7.06 -40.52
N HIS B 201 -15.37 -7.75 -41.06
CA HIS B 201 -14.16 -8.05 -40.30
C HIS B 201 -13.43 -6.78 -39.91
N ILE B 202 -13.42 -5.80 -40.80
CA ILE B 202 -12.65 -4.59 -40.57
C ILE B 202 -13.35 -3.72 -39.54
N LEU B 203 -14.67 -3.85 -39.42
CA LEU B 203 -15.41 -3.11 -38.40
C LEU B 203 -15.01 -3.54 -37.00
N ILE B 204 -14.60 -4.80 -36.83
CA ILE B 204 -14.30 -5.31 -35.51
C ILE B 204 -12.98 -4.75 -35.02
N LEU B 205 -12.01 -4.61 -35.92
CA LEU B 205 -10.67 -4.20 -35.53
C LEU B 205 -10.50 -2.68 -35.48
N GLN B 206 -11.58 -1.95 -35.44
CA GLN B 206 -11.49 -0.50 -35.35
C GLN B 206 -11.10 -0.08 -33.93
N PRO B 207 -10.38 1.03 -33.79
CA PRO B 207 -9.98 1.46 -32.45
C PRO B 207 -11.13 2.04 -31.63
N ASN B 208 -12.05 2.78 -32.25
CA ASN B 208 -13.22 3.30 -31.55
C ASN B 208 -14.28 2.21 -31.53
N LYS B 209 -14.50 1.62 -30.36
CA LYS B 209 -15.51 0.58 -30.23
C LYS B 209 -16.94 1.12 -30.25
N THR B 210 -17.11 2.43 -30.16
CA THR B 210 -18.46 3.00 -30.01
C THR B 210 -19.21 3.02 -31.33
N PHE B 211 -18.60 3.64 -32.35
CA PHE B 211 -19.34 4.01 -33.54
C PHE B 211 -19.67 2.83 -34.43
N ALA B 212 -18.96 1.71 -34.28
CA ALA B 212 -19.14 0.59 -35.18
C ALA B 212 -20.47 -0.11 -35.00
N CYS B 213 -21.12 0.05 -33.84
CA CYS B 213 -22.39 -0.61 -33.59
C CYS B 213 -23.48 -0.06 -34.49
N GLN B 214 -23.50 1.26 -34.67
CA GLN B 214 -24.42 1.85 -35.66
C GLN B 214 -24.01 1.46 -37.07
N MET B 215 -22.69 1.35 -37.31
CA MET B 215 -22.22 0.92 -38.61
C MET B 215 -22.56 -0.54 -38.86
N TYR B 216 -22.55 -1.35 -37.81
CA TYR B 216 -22.96 -2.74 -37.97
C TYR B 216 -24.46 -2.85 -38.21
N ASN B 217 -25.26 -2.14 -37.40
CA ASN B 217 -26.71 -2.28 -37.46
C ASN B 217 -27.28 -1.73 -38.75
N LEU B 218 -26.68 -0.67 -39.28
CA LEU B 218 -27.16 -0.13 -40.55
C LEU B 218 -26.81 -1.06 -41.70
N LEU B 219 -25.60 -1.59 -41.71
CA LEU B 219 -25.16 -2.45 -42.81
C LEU B 219 -25.85 -3.80 -42.82
N LEU B 220 -26.46 -4.21 -41.69
CA LEU B 220 -27.28 -5.41 -41.70
C LEU B 220 -28.49 -5.27 -42.61
N SER B 221 -29.03 -4.07 -42.72
CA SER B 221 -30.33 -3.87 -43.36
C SER B 221 -30.27 -3.88 -44.88
N TYR B 222 -29.10 -4.07 -45.48
CA TYR B 222 -28.98 -3.93 -46.93
C TYR B 222 -28.71 -5.25 -47.64
N ASP B 223 -28.54 -6.36 -46.93
CA ASP B 223 -28.30 -7.62 -47.64
C ASP B 223 -29.61 -8.21 -48.16
N ARG B 224 -30.49 -8.64 -47.24
CA ARG B 224 -31.82 -9.26 -47.44
C ARG B 224 -31.89 -10.28 -48.58
N HIS B 225 -30.79 -10.97 -48.86
CA HIS B 225 -30.60 -11.58 -50.16
C HIS B 225 -30.84 -13.08 -50.09
N GLY B 226 -31.25 -13.64 -51.24
CA GLY B 226 -31.56 -15.07 -51.34
C GLY B 226 -30.36 -15.98 -51.32
N ASP B 227 -29.15 -15.44 -51.33
CA ASP B 227 -27.95 -16.24 -51.20
C ASP B 227 -27.83 -16.70 -49.76
N HIS B 228 -28.44 -17.85 -49.45
CA HIS B 228 -28.40 -18.43 -48.12
C HIS B 228 -27.02 -18.96 -47.73
N LEU B 229 -26.08 -19.02 -48.66
CA LEU B 229 -24.72 -19.44 -48.37
C LEU B 229 -24.04 -18.37 -47.53
N GLN B 230 -23.82 -18.69 -46.24
CA GLN B 230 -23.25 -17.83 -45.21
C GLN B 230 -23.70 -16.36 -45.29
N PRO B 231 -25.02 -16.12 -45.21
CA PRO B 231 -25.68 -15.17 -46.13
C PRO B 231 -25.17 -13.74 -46.13
N LEU B 232 -24.77 -13.21 -44.98
CA LEU B 232 -24.09 -11.91 -44.98
C LEU B 232 -22.91 -11.83 -44.03
N ASP B 233 -22.86 -12.63 -42.97
CA ASP B 233 -21.79 -12.51 -41.99
C ASP B 233 -21.32 -13.84 -41.44
N LEU B 234 -21.79 -14.96 -41.96
CA LEU B 234 -21.39 -16.28 -41.49
C LEU B 234 -20.17 -16.81 -42.23
N VAL B 235 -19.34 -15.94 -42.79
CA VAL B 235 -18.25 -16.33 -43.67
C VAL B 235 -16.94 -16.24 -42.90
N PRO B 236 -16.03 -17.21 -43.04
CA PRO B 236 -14.70 -17.07 -42.43
C PRO B 236 -13.69 -16.47 -43.41
N ASN B 237 -12.45 -16.30 -42.97
CA ASN B 237 -11.37 -15.84 -43.82
C ASN B 237 -10.60 -17.05 -44.36
N HIS B 238 -9.43 -16.80 -44.95
CA HIS B 238 -8.60 -17.90 -45.43
C HIS B 238 -8.06 -18.75 -44.29
N GLN B 239 -7.82 -18.15 -43.14
CA GLN B 239 -7.46 -18.92 -41.95
C GLN B 239 -8.67 -19.32 -41.14
N GLY B 240 -9.88 -19.15 -41.67
CA GLY B 240 -11.07 -19.72 -41.05
C GLY B 240 -11.53 -19.02 -39.79
N LEU B 241 -11.74 -17.70 -39.88
CA LEU B 241 -12.18 -16.91 -38.74
C LEU B 241 -13.43 -16.14 -39.10
N THR B 242 -14.54 -16.44 -38.43
CA THR B 242 -15.82 -15.80 -38.62
C THR B 242 -15.92 -14.55 -37.76
N PRO B 243 -16.73 -13.56 -38.18
CA PRO B 243 -16.77 -12.28 -37.43
C PRO B 243 -17.28 -12.37 -36.01
N PHE B 244 -18.28 -13.22 -35.75
CA PHE B 244 -18.74 -13.42 -34.39
C PHE B 244 -17.66 -14.04 -33.53
N LYS B 245 -16.86 -14.93 -34.11
CA LYS B 245 -15.69 -15.44 -33.42
C LYS B 245 -14.54 -14.45 -33.42
N LEU B 246 -14.49 -13.54 -34.39
CA LEU B 246 -13.36 -12.63 -34.50
C LEU B 246 -13.36 -11.61 -33.37
N ALA B 247 -14.55 -11.22 -32.90
CA ALA B 247 -14.63 -10.29 -31.78
C ALA B 247 -14.06 -10.89 -30.50
N GLY B 248 -14.20 -12.20 -30.33
CA GLY B 248 -13.52 -12.87 -29.25
C GLY B 248 -12.02 -12.91 -29.43
N VAL B 249 -11.57 -12.95 -30.69
CA VAL B 249 -10.13 -13.00 -30.95
C VAL B 249 -9.49 -11.66 -30.63
N GLU B 250 -10.04 -10.57 -31.16
CA GLU B 250 -9.46 -9.27 -30.93
C GLU B 250 -9.97 -8.60 -29.68
N GLY B 251 -10.86 -9.25 -28.94
CA GLY B 251 -11.27 -8.74 -27.64
C GLY B 251 -12.20 -7.55 -27.67
N ASN B 252 -13.24 -7.60 -28.49
CA ASN B 252 -14.24 -6.54 -28.51
C ASN B 252 -15.18 -6.77 -27.33
N THR B 253 -14.96 -6.02 -26.25
CA THR B 253 -15.84 -6.10 -25.09
C THR B 253 -17.21 -5.55 -25.41
N VAL B 254 -17.26 -4.51 -26.25
CA VAL B 254 -18.50 -3.79 -26.49
C VAL B 254 -19.43 -4.60 -27.38
N MET B 255 -18.98 -4.94 -28.60
CA MET B 255 -19.89 -5.47 -29.59
C MET B 255 -20.29 -6.90 -29.33
N PHE B 256 -19.52 -7.64 -28.53
CA PHE B 256 -19.86 -9.03 -28.25
C PHE B 256 -21.15 -9.13 -27.44
N GLN B 257 -21.38 -8.17 -26.55
CA GLN B 257 -22.68 -8.05 -25.93
C GLN B 257 -23.72 -7.65 -26.97
N HIS B 258 -23.35 -6.77 -27.90
CA HIS B 258 -24.31 -6.33 -28.90
C HIS B 258 -24.57 -7.42 -29.94
N LEU B 259 -23.55 -8.20 -30.28
CA LEU B 259 -23.75 -9.27 -31.25
C LEU B 259 -24.52 -10.43 -30.67
N MET B 260 -24.61 -10.53 -29.35
CA MET B 260 -25.32 -11.63 -28.73
C MET B 260 -26.83 -11.44 -28.76
N GLN B 261 -27.30 -10.25 -29.14
CA GLN B 261 -28.72 -9.92 -29.04
C GLN B 261 -29.56 -10.77 -29.97
N LYS B 262 -29.18 -10.84 -31.25
CA LYS B 262 -29.88 -11.77 -32.14
C LYS B 262 -29.48 -13.21 -31.88
N ARG B 263 -28.33 -13.43 -31.23
CA ARG B 263 -27.96 -14.78 -30.83
C ARG B 263 -28.79 -15.26 -29.66
N LYS B 264 -29.02 -14.42 -28.67
CA LYS B 264 -29.84 -14.78 -27.53
C LYS B 264 -31.31 -14.78 -27.92
N HIS B 265 -32.05 -15.77 -27.41
CA HIS B 265 -33.49 -15.81 -27.56
C HIS B 265 -34.11 -15.89 -26.17
N THR B 266 -35.15 -15.10 -25.94
CA THR B 266 -35.82 -15.06 -24.65
C THR B 266 -37.07 -15.92 -24.68
N GLN B 267 -37.53 -16.32 -23.49
CA GLN B 267 -38.71 -17.16 -23.38
C GLN B 267 -39.87 -16.43 -22.69
N TRP B 268 -39.66 -15.98 -21.46
CA TRP B 268 -40.72 -15.40 -20.65
C TRP B 268 -40.10 -14.65 -19.48
N THR B 269 -40.90 -13.78 -18.86
CA THR B 269 -40.45 -13.00 -17.73
C THR B 269 -41.41 -13.17 -16.56
N TYR B 270 -40.96 -12.76 -15.37
CA TYR B 270 -41.75 -12.90 -14.16
C TYR B 270 -41.39 -11.75 -13.23
N GLY B 271 -42.11 -10.63 -13.39
CA GLY B 271 -41.81 -9.42 -12.66
C GLY B 271 -40.39 -8.95 -12.88
N PRO B 272 -39.57 -8.98 -11.82
CA PRO B 272 -38.14 -8.71 -11.97
C PRO B 272 -37.31 -9.91 -12.42
N LEU B 273 -37.96 -11.04 -12.66
CA LEU B 273 -37.29 -12.24 -13.13
C LEU B 273 -37.60 -12.47 -14.60
N THR B 274 -36.66 -13.07 -15.32
CA THR B 274 -36.84 -13.38 -16.72
C THR B 274 -36.42 -14.81 -16.99
N SER B 275 -36.54 -15.22 -18.26
CA SER B 275 -36.10 -16.54 -18.71
C SER B 275 -35.66 -16.42 -20.15
N THR B 276 -34.37 -16.61 -20.40
CA THR B 276 -33.78 -16.52 -21.73
C THR B 276 -33.22 -17.88 -22.14
N LEU B 277 -32.57 -17.90 -23.29
CA LEU B 277 -31.98 -19.13 -23.81
C LEU B 277 -30.83 -18.75 -24.74
N TYR B 278 -29.74 -19.49 -24.68
CA TYR B 278 -28.56 -19.16 -25.48
C TYR B 278 -28.40 -20.13 -26.64
N ASP B 279 -27.86 -19.62 -27.74
CA ASP B 279 -27.69 -20.43 -28.94
C ASP B 279 -26.55 -21.44 -28.76
N LEU B 280 -25.38 -20.96 -28.34
CA LEU B 280 -24.21 -21.72 -27.90
C LEU B 280 -23.52 -22.48 -29.05
N THR B 281 -24.09 -22.46 -30.26
CA THR B 281 -23.73 -23.38 -31.33
C THR B 281 -22.35 -23.13 -31.92
N GLU B 282 -21.73 -22.00 -31.62
CA GLU B 282 -20.37 -21.73 -32.07
C GLU B 282 -19.51 -21.30 -30.91
N ILE B 283 -19.74 -21.94 -29.75
CA ILE B 283 -18.98 -21.67 -28.54
C ILE B 283 -18.34 -22.96 -28.00
N ASP B 284 -19.16 -23.99 -27.78
CA ASP B 284 -18.64 -25.28 -27.35
C ASP B 284 -18.06 -26.03 -28.55
N SER B 285 -17.08 -26.89 -28.27
CA SER B 285 -16.46 -27.71 -29.30
C SER B 285 -17.46 -28.77 -29.75
N SER B 286 -18.10 -28.52 -30.90
CA SER B 286 -19.05 -29.48 -31.44
C SER B 286 -18.33 -30.69 -32.02
N GLY B 287 -17.49 -30.46 -33.01
CA GLY B 287 -16.69 -31.51 -33.63
C GLY B 287 -15.23 -31.18 -33.50
N ASP B 288 -14.48 -31.49 -34.56
CA ASP B 288 -13.05 -31.24 -34.61
C ASP B 288 -12.71 -29.81 -35.00
N GLU B 289 -13.71 -28.95 -35.16
CA GLU B 289 -13.47 -27.60 -35.62
C GLU B 289 -12.86 -26.74 -34.52
N GLN B 290 -12.26 -25.63 -34.93
CA GLN B 290 -11.68 -24.67 -34.00
C GLN B 290 -12.82 -23.93 -33.31
N SER B 291 -13.04 -24.23 -32.04
CA SER B 291 -14.13 -23.62 -31.31
C SER B 291 -13.77 -22.22 -30.84
N LEU B 292 -14.76 -21.54 -30.26
CA LEU B 292 -14.53 -20.25 -29.66
C LEU B 292 -13.60 -20.35 -28.45
N LEU B 293 -13.82 -21.36 -27.62
CA LEU B 293 -13.05 -21.52 -26.39
C LEU B 293 -11.59 -21.84 -26.69
N GLU B 294 -11.35 -22.62 -27.75
CA GLU B 294 -9.98 -22.85 -28.20
C GLU B 294 -9.32 -21.57 -28.66
N LEU B 295 -10.05 -20.70 -29.34
CA LEU B 295 -9.49 -19.46 -29.82
C LEU B 295 -9.28 -18.42 -28.72
N ILE B 296 -9.79 -18.67 -27.52
CA ILE B 296 -9.57 -17.73 -26.43
C ILE B 296 -8.13 -17.80 -25.94
N ILE B 297 -7.69 -18.99 -25.53
CA ILE B 297 -6.39 -19.10 -24.90
C ILE B 297 -5.24 -19.11 -25.90
N THR B 298 -5.52 -19.25 -27.20
CA THR B 298 -4.47 -19.27 -28.21
C THR B 298 -4.18 -17.85 -28.72
N THR B 299 -3.79 -16.99 -27.80
CA THR B 299 -3.36 -15.64 -28.14
C THR B 299 -2.40 -15.14 -27.07
N LYS B 300 -1.76 -14.01 -27.38
CA LYS B 300 -0.97 -13.27 -26.40
C LYS B 300 -1.66 -11.98 -25.99
N LYS B 301 -2.85 -11.73 -26.53
CA LYS B 301 -3.57 -10.48 -26.27
C LYS B 301 -4.18 -10.52 -24.89
N ARG B 302 -3.96 -9.47 -24.12
CA ARG B 302 -4.36 -9.45 -22.71
C ARG B 302 -5.85 -9.18 -22.56
N GLU B 303 -6.38 -8.21 -23.31
CA GLU B 303 -7.75 -7.75 -23.11
C GLU B 303 -8.79 -8.77 -23.53
N ALA B 304 -8.41 -9.75 -24.36
CA ALA B 304 -9.36 -10.78 -24.74
C ALA B 304 -9.60 -11.81 -23.65
N ARG B 305 -8.81 -11.80 -22.59
CA ARG B 305 -9.00 -12.77 -21.53
C ARG B 305 -10.12 -12.39 -20.57
N GLN B 306 -10.51 -11.12 -20.51
CA GLN B 306 -11.62 -10.70 -19.66
C GLN B 306 -12.96 -10.81 -20.37
N ILE B 307 -13.01 -11.45 -21.54
CA ILE B 307 -14.27 -11.81 -22.17
C ILE B 307 -15.02 -12.84 -21.33
N LEU B 308 -14.30 -13.61 -20.52
CA LEU B 308 -14.87 -14.69 -19.72
C LEU B 308 -15.80 -14.23 -18.60
N ASP B 309 -16.04 -12.92 -18.45
CA ASP B 309 -16.94 -12.40 -17.43
C ASP B 309 -18.28 -12.01 -18.04
N GLN B 310 -18.81 -12.83 -18.95
CA GLN B 310 -20.08 -12.52 -19.58
C GLN B 310 -21.09 -13.64 -19.36
N THR B 311 -22.36 -13.24 -19.40
CA THR B 311 -23.49 -14.12 -19.13
C THR B 311 -23.70 -15.33 -20.05
N PRO B 312 -23.18 -15.43 -21.30
CA PRO B 312 -23.20 -16.76 -21.91
C PRO B 312 -21.97 -17.58 -21.56
N VAL B 313 -20.91 -16.91 -21.13
CA VAL B 313 -19.59 -17.51 -21.20
C VAL B 313 -19.28 -18.35 -19.96
N LYS B 314 -19.22 -17.69 -18.80
CA LYS B 314 -18.71 -18.35 -17.61
C LYS B 314 -19.68 -19.37 -17.05
N GLU B 315 -20.96 -19.26 -17.39
CA GLU B 315 -21.95 -20.17 -16.85
C GLU B 315 -21.85 -21.53 -17.51
N LEU B 316 -21.42 -21.56 -18.77
CA LEU B 316 -20.98 -22.82 -19.37
C LEU B 316 -19.78 -23.38 -18.64
N VAL B 317 -18.83 -22.49 -18.32
CA VAL B 317 -17.61 -22.91 -17.63
C VAL B 317 -17.93 -23.35 -16.21
N SER B 318 -18.70 -22.56 -15.50
CA SER B 318 -19.05 -22.86 -14.11
C SER B 318 -20.20 -23.85 -13.99
N LEU B 319 -20.53 -24.59 -15.05
CA LEU B 319 -21.39 -25.75 -14.93
C LEU B 319 -20.61 -27.04 -15.11
N LYS B 320 -19.90 -27.18 -16.23
CA LYS B 320 -19.33 -28.47 -16.57
C LYS B 320 -18.06 -28.80 -15.79
N TRP B 321 -17.33 -27.80 -15.32
CA TRP B 321 -16.25 -28.09 -14.39
C TRP B 321 -16.76 -28.41 -13.01
N LYS B 322 -17.91 -27.83 -12.62
CA LYS B 322 -18.52 -28.16 -11.35
C LYS B 322 -19.11 -29.56 -11.35
N ARG B 323 -19.63 -30.03 -12.48
CA ARG B 323 -20.25 -31.35 -12.49
C ARG B 323 -19.34 -32.45 -12.98
N TYR B 324 -18.36 -32.14 -13.82
CA TYR B 324 -17.53 -33.18 -14.45
C TYR B 324 -16.05 -33.03 -14.19
N GLY B 325 -15.53 -31.80 -14.19
CA GLY B 325 -14.10 -31.57 -14.13
C GLY B 325 -13.46 -31.95 -12.81
N ARG B 326 -13.97 -31.38 -11.72
CA ARG B 326 -13.47 -31.70 -10.39
C ARG B 326 -13.49 -33.18 -10.02
N PRO B 327 -14.47 -34.01 -10.45
CA PRO B 327 -14.22 -35.46 -10.32
C PRO B 327 -13.14 -35.95 -11.25
N TYR B 328 -13.09 -35.45 -12.48
CA TYR B 328 -12.11 -35.98 -13.43
C TYR B 328 -10.71 -35.46 -13.14
N PHE B 329 -10.61 -34.24 -12.61
CA PHE B 329 -9.29 -33.68 -12.33
C PHE B 329 -8.64 -34.33 -11.13
N CYS B 330 -9.42 -34.59 -10.07
CA CYS B 330 -8.87 -35.16 -8.85
C CYS B 330 -8.47 -36.62 -9.02
N MET B 331 -9.26 -37.40 -9.76
CA MET B 331 -8.89 -38.80 -9.99
C MET B 331 -7.67 -38.89 -10.89
N LEU B 332 -7.57 -38.01 -11.89
CA LEU B 332 -6.32 -37.86 -12.61
C LEU B 332 -5.23 -37.33 -11.70
N GLY B 333 -5.59 -36.45 -10.77
CA GLY B 333 -4.63 -36.03 -9.77
C GLY B 333 -4.25 -37.12 -8.81
N ALA B 334 -5.14 -38.07 -8.55
CA ALA B 334 -4.87 -39.14 -7.61
C ALA B 334 -3.91 -40.17 -8.16
N ILE B 335 -4.07 -40.55 -9.43
CA ILE B 335 -3.30 -41.64 -9.99
C ILE B 335 -1.85 -41.23 -10.18
N TYR B 336 -1.61 -39.96 -10.53
CA TYR B 336 -0.24 -39.46 -10.64
C TYR B 336 0.46 -39.45 -9.29
N LEU B 337 -0.30 -39.25 -8.21
CA LEU B 337 0.28 -39.37 -6.88
C LEU B 337 0.70 -40.81 -6.58
N LEU B 338 -0.05 -41.78 -7.10
CA LEU B 338 0.34 -43.18 -6.93
C LEU B 338 1.54 -43.53 -7.78
N TYR B 339 1.71 -42.85 -8.92
CA TYR B 339 2.77 -43.21 -9.86
C TYR B 339 4.15 -42.89 -9.30
N ILE B 340 4.25 -41.92 -8.41
CA ILE B 340 5.55 -41.45 -8.00
C ILE B 340 6.04 -42.13 -6.72
N ILE B 341 5.11 -42.62 -5.90
CA ILE B 341 5.51 -43.17 -4.60
C ILE B 341 6.08 -44.56 -4.77
N CYS B 342 5.48 -45.36 -5.66
CA CYS B 342 6.10 -46.62 -6.04
C CYS B 342 7.41 -46.38 -6.77
N PHE B 343 7.48 -45.31 -7.56
CA PHE B 343 8.75 -44.90 -8.14
C PHE B 343 9.71 -44.43 -7.07
N THR B 344 9.20 -43.81 -6.01
CA THR B 344 10.04 -43.50 -4.87
C THR B 344 10.43 -44.79 -4.14
N MET B 345 9.51 -45.75 -4.10
CA MET B 345 9.73 -47.00 -3.37
C MET B 345 10.85 -47.82 -3.99
N CYS B 346 10.92 -47.85 -5.32
CA CYS B 346 11.97 -48.63 -5.97
C CYS B 346 13.32 -47.91 -5.90
N CYS B 347 13.30 -46.60 -6.10
CA CYS B 347 14.56 -45.86 -6.19
C CYS B 347 15.26 -45.74 -4.84
N ILE B 348 14.54 -45.90 -3.72
CA ILE B 348 15.21 -45.94 -2.44
C ILE B 348 15.69 -47.34 -2.06
N TYR B 349 15.37 -48.35 -2.86
CA TYR B 349 15.73 -49.74 -2.55
C TYR B 349 16.69 -50.31 -3.58
N ARG B 350 17.66 -49.53 -4.02
CA ARG B 350 18.58 -49.97 -5.06
C ARG B 350 19.56 -51.01 -4.51
N PRO B 351 19.99 -51.95 -5.34
CA PRO B 351 20.92 -52.98 -4.85
C PRO B 351 22.31 -52.41 -4.65
N LEU B 352 23.04 -53.02 -3.72
CA LEU B 352 24.26 -52.39 -3.23
C LEU B 352 25.13 -53.44 -2.55
N LYS B 353 26.43 -53.37 -2.78
CA LYS B 353 27.42 -54.23 -2.15
C LYS B 353 28.40 -53.33 -1.40
N PRO B 354 29.38 -53.85 -0.66
CA PRO B 354 30.45 -52.99 -0.16
C PRO B 354 31.58 -52.83 -1.18
N ARG B 355 32.59 -52.06 -0.77
CA ARG B 355 33.71 -51.69 -1.62
C ARG B 355 34.60 -52.90 -1.89
N THR B 356 35.21 -52.91 -3.08
CA THR B 356 36.14 -53.96 -3.44
C THR B 356 37.57 -53.48 -3.63
N ASN B 357 37.79 -52.22 -4.03
CA ASN B 357 39.11 -51.77 -4.43
C ASN B 357 39.90 -51.10 -3.30
N ASN B 358 39.61 -51.46 -2.05
CA ASN B 358 40.56 -51.47 -0.92
C ASN B 358 40.97 -50.06 -0.45
N ARG B 359 40.29 -49.00 -0.92
CA ARG B 359 40.59 -47.60 -0.58
C ARG B 359 42.03 -47.26 -0.96
N THR B 360 42.25 -47.24 -2.27
CA THR B 360 43.61 -47.29 -2.79
C THR B 360 44.21 -45.91 -3.00
N SER B 361 43.60 -45.10 -3.86
CA SER B 361 44.30 -43.90 -4.31
C SER B 361 44.23 -42.71 -3.34
N PRO B 362 43.08 -42.24 -2.87
CA PRO B 362 43.13 -40.99 -2.10
C PRO B 362 43.40 -41.18 -0.61
N ARG B 363 44.32 -40.38 -0.09
CA ARG B 363 44.58 -40.31 1.33
C ARG B 363 43.50 -39.40 1.93
N ASP B 364 42.50 -40.03 2.56
CA ASP B 364 41.41 -39.34 3.26
C ASP B 364 40.62 -38.41 2.35
N ASN B 365 40.47 -38.79 1.09
CA ASN B 365 39.67 -38.01 0.16
C ASN B 365 38.67 -38.89 -0.56
N THR B 366 38.48 -40.12 -0.08
CA THR B 366 37.28 -40.88 -0.36
C THR B 366 36.59 -41.17 0.96
N LEU B 367 35.27 -41.25 0.89
CA LEU B 367 34.49 -41.68 2.05
C LEU B 367 33.32 -42.54 1.59
N LEU B 368 33.23 -42.81 0.28
CA LEU B 368 32.28 -43.78 -0.23
C LEU B 368 32.85 -45.18 -0.10
N GLN B 369 31.98 -46.14 0.17
CA GLN B 369 32.47 -47.48 0.48
C GLN B 369 31.59 -48.57 -0.14
N GLN B 370 30.84 -48.27 -1.19
CA GLN B 370 29.84 -49.23 -1.63
C GLN B 370 30.04 -49.76 -3.04
N LYS B 371 30.17 -48.88 -4.05
CA LYS B 371 30.41 -49.22 -5.47
C LYS B 371 29.43 -50.27 -6.01
N LEU B 372 28.20 -49.80 -6.21
CA LEU B 372 26.96 -50.56 -6.42
C LEU B 372 26.98 -51.74 -7.37
N LEU B 373 26.02 -52.64 -7.16
CA LEU B 373 25.97 -53.97 -7.77
C LEU B 373 25.70 -53.93 -9.27
N GLN B 374 25.49 -55.11 -9.83
CA GLN B 374 25.51 -55.35 -11.27
C GLN B 374 24.32 -56.25 -11.55
N GLU B 375 24.30 -56.93 -12.71
CA GLU B 375 23.17 -57.75 -13.13
C GLU B 375 22.94 -59.00 -12.28
N ALA B 376 23.84 -59.30 -11.33
CA ALA B 376 23.55 -60.36 -10.36
C ALA B 376 22.42 -59.87 -9.46
N TYR B 377 21.21 -60.37 -9.72
CA TYR B 377 20.00 -59.69 -9.30
C TYR B 377 18.94 -60.60 -8.69
N MET B 378 18.96 -61.91 -8.96
CA MET B 378 17.81 -62.76 -8.68
C MET B 378 17.74 -63.11 -7.19
N THR B 379 16.68 -62.64 -6.55
CA THR B 379 16.36 -62.96 -5.16
C THR B 379 14.87 -62.75 -4.98
N PRO B 380 14.23 -63.40 -3.98
CA PRO B 380 12.79 -63.18 -3.79
C PRO B 380 12.41 -61.88 -3.11
N LYS B 381 13.31 -60.91 -3.03
CA LYS B 381 12.97 -59.55 -2.63
C LYS B 381 13.05 -58.55 -3.77
N ASP B 382 14.00 -58.73 -4.70
CA ASP B 382 14.13 -57.78 -5.81
C ASP B 382 13.00 -57.93 -6.81
N ASP B 383 12.34 -59.10 -6.82
CA ASP B 383 11.21 -59.34 -7.71
C ASP B 383 10.07 -58.38 -7.46
N ILE B 384 9.88 -57.98 -6.19
CA ILE B 384 8.94 -56.90 -5.87
C ILE B 384 9.39 -55.60 -6.51
N ARG B 385 10.68 -55.28 -6.38
CA ARG B 385 11.21 -54.10 -7.03
C ARG B 385 11.23 -54.26 -8.55
N LEU B 386 11.39 -55.49 -9.04
CA LEU B 386 11.37 -55.75 -10.48
C LEU B 386 10.02 -55.40 -11.08
N VAL B 387 8.94 -55.83 -10.42
CA VAL B 387 7.61 -55.39 -10.83
C VAL B 387 7.45 -53.91 -10.53
N GLY B 388 8.08 -53.42 -9.47
CA GLY B 388 7.93 -52.04 -9.08
C GLY B 388 8.52 -51.07 -10.10
N GLU B 389 9.74 -51.32 -10.54
CA GLU B 389 10.29 -50.47 -11.58
C GLU B 389 9.76 -50.82 -12.97
N LEU B 390 9.03 -51.93 -13.11
CA LEU B 390 8.43 -52.25 -14.40
C LEU B 390 7.31 -51.28 -14.73
N VAL B 391 6.55 -50.88 -13.71
CA VAL B 391 5.36 -50.06 -13.93
C VAL B 391 5.75 -48.66 -14.34
N THR B 392 6.74 -48.08 -13.66
CA THR B 392 7.12 -46.70 -13.94
C THR B 392 7.79 -46.52 -15.30
N VAL B 393 8.34 -47.58 -15.87
CA VAL B 393 8.86 -47.48 -17.23
C VAL B 393 7.72 -47.41 -18.22
N ILE B 394 6.73 -48.30 -18.07
CA ILE B 394 5.62 -48.38 -19.01
C ILE B 394 4.74 -47.15 -18.88
N GLY B 395 4.57 -46.64 -17.65
CA GLY B 395 3.82 -45.41 -17.46
C GLY B 395 4.52 -44.20 -18.05
N ALA B 396 5.85 -44.24 -18.11
CA ALA B 396 6.58 -43.15 -18.76
C ALA B 396 6.38 -43.18 -20.26
N ILE B 397 6.16 -44.37 -20.83
CA ILE B 397 5.87 -44.49 -22.26
C ILE B 397 4.53 -43.83 -22.57
N ILE B 398 3.58 -43.95 -21.64
CA ILE B 398 2.24 -43.38 -21.80
C ILE B 398 2.32 -41.86 -21.91
N ILE B 399 3.24 -41.26 -21.16
CA ILE B 399 3.47 -39.82 -21.27
C ILE B 399 4.01 -39.48 -22.65
N LEU B 400 4.85 -40.35 -23.20
CA LEU B 400 5.41 -40.13 -24.52
C LEU B 400 4.49 -40.62 -25.64
N LEU B 401 3.23 -40.93 -25.33
CA LEU B 401 2.25 -41.29 -26.35
C LEU B 401 1.07 -40.34 -26.39
N VAL B 402 1.11 -39.24 -25.64
CA VAL B 402 -0.03 -38.32 -25.62
C VAL B 402 0.41 -36.92 -26.00
N GLU B 403 1.70 -36.61 -25.79
CA GLU B 403 2.22 -35.28 -26.08
C GLU B 403 3.25 -35.27 -27.21
N VAL B 404 3.99 -36.37 -27.35
CA VAL B 404 4.74 -36.60 -28.59
C VAL B 404 3.85 -36.55 -29.83
N PRO B 405 2.64 -37.15 -29.87
CA PRO B 405 1.79 -36.91 -31.06
C PRO B 405 1.27 -35.50 -31.20
N ASP B 406 1.35 -34.67 -30.15
CA ASP B 406 0.85 -33.30 -30.27
C ASP B 406 1.77 -32.45 -31.13
N ILE B 407 3.09 -32.56 -30.92
CA ILE B 407 4.03 -31.65 -31.56
C ILE B 407 4.28 -31.98 -33.02
N PHE B 408 3.70 -33.07 -33.55
CA PHE B 408 3.75 -33.28 -34.99
C PHE B 408 2.89 -32.28 -35.75
N ARG B 409 1.87 -31.73 -35.10
CA ARG B 409 0.94 -30.81 -35.76
C ARG B 409 0.74 -29.51 -35.01
N MET B 410 1.15 -29.41 -33.75
CA MET B 410 0.99 -28.18 -32.97
C MET B 410 2.21 -27.29 -33.02
N GLY B 411 2.96 -27.36 -34.12
CA GLY B 411 4.13 -26.56 -34.44
C GLY B 411 5.25 -26.67 -33.40
N VAL B 412 6.18 -25.73 -33.50
CA VAL B 412 7.26 -25.58 -32.54
C VAL B 412 7.03 -24.35 -31.68
N THR B 413 7.01 -23.16 -32.28
CA THR B 413 6.67 -21.94 -31.56
C THR B 413 5.20 -21.94 -31.15
N ARG B 414 4.36 -22.58 -31.96
CA ARG B 414 2.96 -22.77 -31.59
C ARG B 414 2.82 -23.62 -30.33
N PHE B 415 3.73 -24.59 -30.15
CA PHE B 415 3.75 -25.33 -28.90
C PHE B 415 4.25 -24.47 -27.74
N PHE B 416 5.28 -23.66 -27.98
CA PHE B 416 5.75 -22.76 -26.93
C PHE B 416 4.83 -21.57 -26.72
N GLY B 417 3.87 -21.33 -27.62
CA GLY B 417 2.88 -20.29 -27.38
C GLY B 417 1.96 -20.62 -26.23
N GLN B 418 1.70 -21.91 -26.03
CA GLN B 418 0.89 -22.37 -24.90
C GLN B 418 1.64 -22.28 -23.58
N THR B 419 2.98 -22.22 -23.64
CA THR B 419 3.81 -22.44 -22.46
C THR B 419 3.70 -21.30 -21.44
N ILE B 420 3.81 -20.06 -21.91
CA ILE B 420 3.87 -18.92 -20.99
C ILE B 420 2.50 -18.66 -20.38
N LEU B 421 1.44 -18.91 -21.13
CA LEU B 421 0.09 -18.62 -20.64
C LEU B 421 -0.33 -19.61 -19.56
N GLY B 422 -0.24 -20.91 -19.85
CA GLY B 422 -0.73 -21.92 -18.93
C GLY B 422 0.28 -22.52 -17.99
N GLY B 423 1.54 -22.11 -18.05
CA GLY B 423 2.56 -22.69 -17.19
C GLY B 423 3.45 -23.66 -17.94
N PRO B 424 4.75 -23.65 -17.61
CA PRO B 424 5.73 -24.46 -18.34
C PRO B 424 5.83 -25.90 -17.85
N PHE B 425 4.68 -26.54 -17.69
CA PHE B 425 4.68 -27.90 -17.17
C PHE B 425 4.75 -28.94 -18.27
N HIS B 426 4.30 -28.60 -19.48
CA HIS B 426 4.28 -29.55 -20.59
C HIS B 426 5.68 -29.96 -21.00
N VAL B 427 6.66 -29.10 -20.83
CA VAL B 427 8.05 -29.48 -21.12
C VAL B 427 8.55 -30.45 -20.06
N LEU B 428 8.27 -30.15 -18.80
CA LEU B 428 8.88 -30.88 -17.69
C LEU B 428 8.31 -32.29 -17.56
N ILE B 429 7.11 -32.53 -18.06
CA ILE B 429 6.56 -33.88 -17.92
C ILE B 429 7.22 -34.83 -18.90
N ILE B 430 7.63 -34.36 -20.07
CA ILE B 430 8.44 -35.18 -20.96
C ILE B 430 9.87 -35.27 -20.43
N THR B 431 10.34 -34.19 -19.81
CA THR B 431 11.67 -34.16 -19.21
C THR B 431 11.77 -35.13 -18.04
N TYR B 432 10.64 -35.38 -17.37
CA TYR B 432 10.56 -36.47 -16.41
C TYR B 432 10.86 -37.82 -17.05
N ALA B 433 10.06 -38.19 -18.05
CA ALA B 433 10.20 -39.50 -18.68
C ALA B 433 11.46 -39.61 -19.52
N PHE B 434 12.08 -38.49 -19.89
CA PHE B 434 13.33 -38.51 -20.64
C PHE B 434 14.44 -39.16 -19.83
N MET B 435 14.47 -38.89 -18.53
CA MET B 435 15.45 -39.53 -17.67
C MET B 435 15.06 -40.96 -17.31
N VAL B 436 13.77 -41.29 -17.39
CA VAL B 436 13.31 -42.63 -17.08
C VAL B 436 13.77 -43.60 -18.17
N LEU B 437 13.93 -43.11 -19.39
CA LEU B 437 14.56 -43.93 -20.43
C LEU B 437 16.01 -44.26 -20.09
N VAL B 438 16.70 -43.31 -19.45
CA VAL B 438 18.11 -43.50 -19.15
C VAL B 438 18.30 -44.49 -18.01
N THR B 439 17.44 -44.40 -16.99
CA THR B 439 17.64 -45.14 -15.76
C THR B 439 17.38 -46.64 -15.91
N MET B 440 16.85 -47.08 -17.05
CA MET B 440 16.74 -48.50 -17.32
C MET B 440 17.76 -48.99 -18.34
N VAL B 441 18.24 -48.11 -19.20
CA VAL B 441 19.30 -48.47 -20.13
C VAL B 441 20.61 -48.65 -19.40
N MET B 442 20.99 -47.65 -18.60
CA MET B 442 22.21 -47.77 -17.80
C MET B 442 22.09 -48.83 -16.71
N ARG B 443 20.87 -49.13 -16.27
CA ARG B 443 20.65 -50.31 -15.45
C ARG B 443 20.93 -51.58 -16.26
N LEU B 444 20.54 -51.58 -17.53
CA LEU B 444 20.73 -52.77 -18.36
C LEU B 444 22.20 -52.99 -18.68
N ILE B 445 22.89 -51.95 -19.17
CA ILE B 445 24.27 -52.10 -19.60
C ILE B 445 25.26 -51.97 -18.45
N SER B 446 24.77 -51.76 -17.22
CA SER B 446 25.56 -51.66 -15.99
C SER B 446 26.60 -50.54 -16.08
N ALA B 447 26.09 -49.32 -16.21
CA ALA B 447 26.96 -48.16 -16.24
C ALA B 447 27.34 -47.73 -14.82
N SER B 448 28.29 -46.82 -14.73
CA SER B 448 28.76 -46.36 -13.44
C SER B 448 27.75 -45.42 -12.79
N GLY B 449 27.35 -44.37 -13.50
CA GLY B 449 26.52 -43.34 -12.93
C GLY B 449 25.03 -43.65 -12.99
N GLU B 450 24.48 -44.12 -11.88
CA GLU B 450 23.05 -44.33 -11.76
C GLU B 450 22.40 -43.27 -10.90
N VAL B 451 23.16 -42.68 -9.97
CA VAL B 451 22.62 -41.68 -9.05
C VAL B 451 22.21 -40.42 -9.80
N VAL B 452 23.01 -40.00 -10.77
CA VAL B 452 22.79 -38.71 -11.42
C VAL B 452 21.54 -38.67 -12.30
N PRO B 453 21.27 -39.66 -13.17
CA PRO B 453 20.01 -39.55 -13.93
C PRO B 453 18.78 -39.78 -13.08
N MET B 454 18.89 -40.55 -12.00
CA MET B 454 17.75 -40.65 -11.08
C MET B 454 17.54 -39.36 -10.32
N SER B 455 18.60 -38.58 -10.12
CA SER B 455 18.52 -37.42 -9.24
C SER B 455 17.62 -36.33 -9.81
N PHE B 456 17.77 -36.05 -11.10
CA PHE B 456 16.78 -35.22 -11.77
C PHE B 456 15.44 -35.92 -11.82
N ALA B 457 15.45 -37.24 -12.06
CA ALA B 457 14.22 -37.99 -12.25
C ALA B 457 13.37 -38.04 -10.99
N LEU B 458 13.99 -38.04 -9.83
CA LEU B 458 13.19 -37.99 -8.60
C LEU B 458 12.64 -36.60 -8.37
N VAL B 459 13.44 -35.57 -8.59
CA VAL B 459 12.99 -34.24 -8.19
C VAL B 459 12.06 -33.64 -9.24
N LEU B 460 12.19 -34.03 -10.51
CA LEU B 460 11.34 -33.44 -11.54
C LEU B 460 9.93 -34.00 -11.49
N GLY B 461 9.76 -35.18 -10.92
CA GLY B 461 8.41 -35.73 -10.82
C GLY B 461 7.57 -34.98 -9.80
N TRP B 462 8.14 -34.74 -8.62
CA TRP B 462 7.41 -34.08 -7.55
C TRP B 462 7.13 -32.62 -7.87
N CYS B 463 7.90 -32.00 -8.75
CA CYS B 463 7.57 -30.66 -9.20
C CYS B 463 6.31 -30.66 -10.04
N ASN B 464 6.06 -31.74 -10.79
CA ASN B 464 4.84 -31.83 -11.59
C ASN B 464 3.60 -32.11 -10.77
N VAL B 465 3.73 -32.31 -9.46
CA VAL B 465 2.55 -32.42 -8.62
C VAL B 465 1.83 -31.07 -8.55
N MET B 466 2.58 -29.98 -8.61
CA MET B 466 1.98 -28.66 -8.59
C MET B 466 1.23 -28.32 -9.88
N TYR B 467 1.37 -29.13 -10.93
CA TYR B 467 0.45 -29.04 -12.06
C TYR B 467 -0.95 -29.48 -11.67
N PHE B 468 -1.10 -30.27 -10.61
CA PHE B 468 -2.41 -30.54 -10.07
C PHE B 468 -2.72 -29.67 -8.86
N ALA B 469 -1.93 -28.64 -8.63
CA ALA B 469 -2.30 -27.63 -7.63
C ALA B 469 -3.06 -26.48 -8.28
N ARG B 470 -4.08 -26.82 -9.04
CA ARG B 470 -4.87 -25.88 -9.82
C ARG B 470 -6.35 -26.04 -9.62
N GLY B 471 -6.81 -27.21 -9.18
CA GLY B 471 -8.21 -27.47 -8.96
C GLY B 471 -8.74 -27.09 -7.60
N PHE B 472 -8.10 -26.15 -6.92
CA PHE B 472 -8.59 -25.67 -5.63
C PHE B 472 -8.32 -24.17 -5.55
N GLN B 473 -9.26 -23.44 -4.95
CA GLN B 473 -9.12 -21.99 -4.88
C GLN B 473 -8.09 -21.60 -3.83
N MET B 474 -7.90 -22.44 -2.81
CA MET B 474 -7.10 -22.05 -1.67
C MET B 474 -5.61 -22.03 -1.98
N LEU B 475 -5.16 -22.88 -2.91
CA LEU B 475 -3.74 -22.96 -3.25
C LEU B 475 -3.49 -22.86 -4.75
N GLY B 476 -4.52 -22.67 -5.55
CA GLY B 476 -4.40 -22.48 -6.97
C GLY B 476 -3.64 -21.24 -7.39
N PRO B 477 -4.19 -20.04 -7.12
CA PRO B 477 -3.55 -18.81 -7.61
C PRO B 477 -2.20 -18.49 -6.99
N PHE B 478 -1.85 -19.11 -5.87
CA PHE B 478 -0.52 -18.93 -5.30
C PHE B 478 0.56 -19.49 -6.20
N THR B 479 0.23 -20.49 -7.00
CA THR B 479 1.19 -21.08 -7.93
C THR B 479 1.56 -20.13 -9.06
N ILE B 480 0.68 -19.18 -9.38
CA ILE B 480 0.88 -18.35 -10.56
C ILE B 480 2.00 -17.35 -10.33
N MET B 481 1.98 -16.64 -9.21
CA MET B 481 3.01 -15.63 -8.99
C MET B 481 4.36 -16.24 -8.63
N ILE B 482 4.41 -17.54 -8.34
CA ILE B 482 5.68 -18.25 -8.36
C ILE B 482 6.28 -18.20 -9.76
N GLN B 483 5.47 -18.54 -10.76
CA GLN B 483 5.89 -18.47 -12.15
C GLN B 483 6.21 -17.05 -12.57
N LYS B 484 5.50 -16.08 -12.03
CA LYS B 484 5.76 -14.67 -12.34
C LYS B 484 7.01 -14.12 -11.66
N MET B 485 7.70 -14.92 -10.84
CA MET B 485 8.97 -14.49 -10.28
C MET B 485 10.15 -15.35 -10.73
N ILE B 486 9.91 -16.61 -11.08
CA ILE B 486 10.97 -17.43 -11.66
C ILE B 486 11.38 -16.87 -13.01
N PHE B 487 10.42 -16.69 -13.90
CA PHE B 487 10.63 -15.93 -15.12
C PHE B 487 10.58 -14.42 -14.88
N GLY B 488 10.37 -13.99 -13.64
CA GLY B 488 10.30 -12.59 -13.32
C GLY B 488 11.46 -12.08 -12.47
N ASP B 489 11.18 -11.80 -11.21
CA ASP B 489 12.12 -11.02 -10.40
C ASP B 489 13.29 -11.82 -9.86
N LEU B 490 13.20 -13.15 -9.81
CA LEU B 490 14.37 -13.92 -9.42
C LEU B 490 15.38 -13.97 -10.54
N MET B 491 14.91 -13.97 -11.78
CA MET B 491 15.82 -14.03 -12.93
C MET B 491 16.61 -12.74 -13.06
N ARG B 492 15.97 -11.60 -12.83
CA ARG B 492 16.70 -10.33 -12.82
C ARG B 492 17.58 -10.20 -11.60
N PHE B 493 17.27 -10.94 -10.54
CA PHE B 493 18.16 -10.95 -9.38
C PHE B 493 19.38 -11.81 -9.62
N CYS B 494 19.24 -12.85 -10.45
CA CYS B 494 20.36 -13.76 -10.70
C CYS B 494 21.47 -13.08 -11.50
N TRP B 495 21.11 -12.18 -12.42
CA TRP B 495 22.11 -11.49 -13.23
C TRP B 495 22.74 -10.31 -12.51
N LEU B 496 22.51 -10.16 -11.21
CA LEU B 496 23.34 -9.33 -10.36
C LEU B 496 23.96 -10.11 -9.21
N MET B 497 23.29 -11.16 -8.74
CA MET B 497 23.85 -12.02 -7.71
C MET B 497 25.12 -12.71 -8.18
N ALA B 498 25.09 -13.23 -9.41
CA ALA B 498 26.28 -13.84 -9.99
C ALA B 498 27.38 -12.80 -10.23
N VAL B 499 27.00 -11.55 -10.45
CA VAL B 499 27.98 -10.49 -10.58
C VAL B 499 28.67 -10.23 -9.25
N VAL B 500 27.95 -10.40 -8.14
CA VAL B 500 28.56 -10.20 -6.84
C VAL B 500 29.46 -11.38 -6.48
N ILE B 501 28.94 -12.60 -6.61
CA ILE B 501 29.64 -13.75 -6.06
C ILE B 501 30.82 -14.19 -6.91
N LEU B 502 30.87 -13.83 -8.19
CA LEU B 502 32.04 -14.17 -8.98
C LEU B 502 33.21 -13.29 -8.64
N GLY B 503 32.97 -12.13 -8.03
CA GLY B 503 34.04 -11.26 -7.63
C GLY B 503 34.65 -11.62 -6.30
N PHE B 504 33.81 -11.68 -5.26
CA PHE B 504 34.29 -11.89 -3.90
C PHE B 504 34.96 -13.23 -3.72
N ALA B 505 34.48 -14.27 -4.41
CA ALA B 505 35.05 -15.59 -4.28
C ALA B 505 36.47 -15.62 -4.82
N SER B 506 36.69 -15.05 -6.00
CA SER B 506 38.04 -14.88 -6.50
C SER B 506 38.85 -13.96 -5.61
N ALA B 507 38.19 -12.94 -5.05
CA ALA B 507 38.86 -12.07 -4.10
C ALA B 507 39.20 -12.82 -2.81
N PHE B 508 38.30 -13.70 -2.37
CA PHE B 508 38.59 -14.50 -1.18
C PHE B 508 39.69 -15.51 -1.43
N TYR B 509 39.81 -15.99 -2.68
CA TYR B 509 40.66 -17.14 -2.96
C TYR B 509 42.13 -16.83 -2.77
N ILE B 510 42.54 -15.61 -3.13
CA ILE B 510 43.94 -15.24 -2.97
C ILE B 510 44.30 -15.02 -1.50
N ILE B 511 43.31 -14.81 -0.64
CA ILE B 511 43.58 -14.49 0.75
C ILE B 511 44.08 -15.73 1.47
N PHE B 512 43.29 -16.80 1.45
CA PHE B 512 43.71 -18.06 2.02
C PHE B 512 44.46 -18.93 1.02
N GLN B 513 44.95 -18.34 -0.07
CA GLN B 513 45.82 -19.07 -0.98
C GLN B 513 47.15 -19.41 -0.31
N THR B 514 47.72 -18.45 0.41
CA THR B 514 48.99 -18.63 1.12
C THR B 514 48.71 -19.16 2.53
N GLU B 515 48.01 -20.28 2.59
CA GLU B 515 47.44 -20.71 3.85
C GLU B 515 47.17 -22.19 3.80
N ASP B 516 47.39 -22.86 4.93
CA ASP B 516 47.18 -24.29 5.02
C ASP B 516 45.70 -24.61 5.18
N PRO B 517 45.18 -25.61 4.47
CA PRO B 517 43.74 -25.85 4.47
C PRO B 517 43.24 -26.77 5.56
N GLU B 518 44.08 -27.23 6.48
CA GLU B 518 43.61 -28.15 7.51
C GLU B 518 42.69 -27.47 8.51
N GLU B 519 42.81 -26.15 8.65
CA GLU B 519 41.85 -25.37 9.42
C GLU B 519 41.26 -24.30 8.54
N LEU B 520 39.96 -24.06 8.75
CA LEU B 520 39.11 -23.19 7.94
C LEU B 520 39.20 -23.57 6.46
N GLY B 521 38.75 -24.79 6.20
CA GLY B 521 38.70 -25.32 4.86
C GLY B 521 37.43 -24.98 4.12
N HIS B 522 36.85 -23.81 4.43
CA HIS B 522 35.67 -23.30 3.74
C HIS B 522 35.92 -23.18 2.24
N PHE B 523 37.15 -22.84 1.87
CA PHE B 523 37.59 -22.99 0.49
C PHE B 523 39.08 -23.23 0.50
N TYR B 524 39.52 -24.20 -0.30
CA TYR B 524 40.93 -24.47 -0.52
C TYR B 524 41.26 -24.54 -2.00
N ASP B 525 40.25 -24.47 -2.86
CA ASP B 525 40.44 -24.50 -4.30
C ASP B 525 39.31 -23.71 -4.94
N TYR B 526 39.62 -23.12 -6.09
CA TYR B 526 38.74 -22.19 -6.78
C TYR B 526 37.31 -22.69 -7.10
N PRO B 527 37.05 -23.94 -7.53
CA PRO B 527 35.65 -24.31 -7.78
C PRO B 527 34.81 -24.42 -6.53
N MET B 528 35.37 -24.99 -5.46
CA MET B 528 34.67 -25.09 -4.19
C MET B 528 34.47 -23.70 -3.57
N ALA B 529 35.33 -22.75 -3.93
CA ALA B 529 35.23 -21.40 -3.40
C ALA B 529 33.97 -20.70 -3.87
N LEU B 530 33.63 -20.87 -5.15
CA LEU B 530 32.39 -20.31 -5.67
C LEU B 530 31.19 -20.99 -5.02
N PHE B 531 31.31 -22.28 -4.74
CA PHE B 531 30.26 -22.99 -4.01
C PHE B 531 30.15 -22.50 -2.58
N SER B 532 31.27 -22.07 -2.00
CA SER B 532 31.25 -21.58 -0.63
C SER B 532 30.67 -20.18 -0.55
N THR B 533 31.10 -19.29 -1.45
CA THR B 533 30.73 -17.90 -1.36
C THR B 533 29.26 -17.69 -1.74
N PHE B 534 28.74 -18.56 -2.60
CA PHE B 534 27.31 -18.57 -2.89
C PHE B 534 26.52 -18.90 -1.63
N GLU B 535 27.04 -19.82 -0.83
CA GLU B 535 26.41 -20.14 0.44
C GLU B 535 26.60 -19.01 1.46
N LEU B 536 27.69 -18.25 1.33
CA LEU B 536 27.84 -17.04 2.13
C LEU B 536 26.83 -15.99 1.76
N PHE B 537 26.38 -15.99 0.51
CA PHE B 537 25.42 -15.00 0.06
C PHE B 537 24.04 -15.24 0.65
N LEU B 538 23.61 -16.50 0.72
CA LEU B 538 22.28 -16.82 1.18
C LEU B 538 22.23 -17.09 2.68
N THR B 539 23.38 -17.00 3.36
CA THR B 539 23.53 -17.20 4.82
C THR B 539 22.99 -18.56 5.27
N ILE B 540 23.14 -19.57 4.42
CA ILE B 540 22.67 -20.91 4.73
C ILE B 540 23.77 -21.78 5.32
N ILE B 541 24.92 -21.19 5.64
CA ILE B 541 26.02 -21.90 6.27
C ILE B 541 26.45 -21.13 7.51
N ASP B 542 27.54 -21.60 8.12
CA ASP B 542 27.91 -21.11 9.44
C ASP B 542 28.74 -19.84 9.36
N GLY B 543 29.89 -19.91 8.67
CA GLY B 543 30.79 -18.79 8.61
C GLY B 543 32.17 -19.13 9.15
N PRO B 544 33.21 -18.55 8.57
CA PRO B 544 34.58 -18.94 8.92
C PRO B 544 35.03 -18.32 10.23
N ALA B 545 35.49 -19.18 11.15
CA ALA B 545 36.10 -18.75 12.39
C ALA B 545 36.96 -19.89 12.92
N ASN B 546 38.21 -19.57 13.27
CA ASN B 546 39.09 -20.54 13.91
C ASN B 546 39.37 -20.22 15.37
N TYR B 547 39.47 -18.94 15.72
CA TYR B 547 39.60 -18.44 17.09
C TYR B 547 40.89 -18.91 17.75
N ASN B 548 41.87 -19.31 16.97
CA ASN B 548 43.16 -19.76 17.48
C ASN B 548 44.31 -19.05 16.81
N VAL B 549 44.20 -18.79 15.51
CA VAL B 549 45.19 -18.07 14.74
C VAL B 549 44.52 -16.84 14.17
N ASP B 550 45.18 -15.69 14.29
CA ASP B 550 44.71 -14.50 13.60
C ASP B 550 44.75 -14.70 12.08
N LEU B 551 43.66 -14.35 11.45
CA LEU B 551 43.50 -14.43 10.01
C LEU B 551 44.33 -13.31 9.36
N PRO B 552 44.57 -13.38 8.05
CA PRO B 552 45.29 -12.28 7.39
C PRO B 552 44.55 -10.96 7.47
N PHE B 553 45.34 -9.88 7.41
CA PHE B 553 44.87 -8.54 7.74
C PHE B 553 43.80 -8.05 6.78
N MET B 554 43.79 -8.57 5.56
CA MET B 554 42.77 -8.16 4.60
C MET B 554 41.41 -8.77 4.92
N TYR B 555 41.39 -9.94 5.55
CA TYR B 555 40.17 -10.76 5.62
C TYR B 555 39.07 -10.08 6.44
N SER B 556 39.43 -9.48 7.57
CA SER B 556 38.44 -8.86 8.43
C SER B 556 37.80 -7.65 7.77
N ILE B 557 38.51 -7.00 6.87
CA ILE B 557 37.91 -5.91 6.10
C ILE B 557 36.94 -6.47 5.08
N THR B 558 37.40 -7.39 4.25
CA THR B 558 36.61 -7.81 3.09
C THR B 558 35.44 -8.72 3.45
N TYR B 559 35.47 -9.38 4.60
CA TYR B 559 34.37 -10.27 4.93
C TYR B 559 33.15 -9.48 5.40
N ALA B 560 33.38 -8.46 6.20
CA ALA B 560 32.26 -7.68 6.74
C ALA B 560 31.63 -6.81 5.67
N ALA B 561 32.44 -6.28 4.75
CA ALA B 561 31.91 -5.45 3.68
C ALA B 561 31.07 -6.28 2.73
N PHE B 562 31.49 -7.52 2.48
CA PHE B 562 30.66 -8.46 1.75
C PHE B 562 29.36 -8.75 2.48
N ALA B 563 29.41 -8.78 3.82
CA ALA B 563 28.22 -9.12 4.60
C ALA B 563 27.19 -8.01 4.54
N ILE B 564 27.64 -6.76 4.49
CA ILE B 564 26.71 -5.63 4.49
C ILE B 564 25.98 -5.54 3.16
N ILE B 565 26.73 -5.45 2.06
CA ILE B 565 26.14 -5.11 0.78
C ILE B 565 25.38 -6.28 0.15
N ALA B 566 25.47 -7.47 0.72
CA ALA B 566 24.76 -8.62 0.20
C ALA B 566 23.66 -9.08 1.12
N THR B 567 23.97 -9.38 2.38
CA THR B 567 22.96 -9.87 3.30
C THR B 567 22.08 -8.74 3.80
N LEU B 568 22.70 -7.69 4.34
CA LEU B 568 21.93 -6.60 4.89
C LEU B 568 21.29 -5.75 3.80
N LEU B 569 21.98 -5.57 2.67
CA LEU B 569 21.45 -4.75 1.59
C LEU B 569 20.72 -5.57 0.54
N MET B 570 21.44 -6.46 -0.15
CA MET B 570 20.93 -6.99 -1.41
C MET B 570 19.92 -8.09 -1.19
N LEU B 571 20.05 -8.86 -0.11
CA LEU B 571 19.04 -9.84 0.23
C LEU B 571 17.73 -9.17 0.61
N ASN B 572 17.79 -8.21 1.53
CA ASN B 572 16.58 -7.57 2.03
C ASN B 572 15.96 -6.64 1.00
N LEU B 573 16.75 -6.17 0.03
CA LEU B 573 16.16 -5.46 -1.10
C LEU B 573 15.31 -6.38 -1.94
N LEU B 574 15.78 -7.61 -2.13
CA LEU B 574 15.09 -8.57 -2.98
C LEU B 574 13.76 -9.00 -2.39
N ILE B 575 13.67 -9.06 -1.06
CA ILE B 575 12.38 -9.40 -0.47
C ILE B 575 11.45 -8.20 -0.46
N ALA B 576 11.99 -7.00 -0.63
CA ALA B 576 11.14 -5.83 -0.65
C ALA B 576 10.47 -5.64 -2.00
N MET B 577 11.20 -5.95 -3.08
CA MET B 577 10.67 -5.69 -4.42
C MET B 577 9.54 -6.64 -4.79
N MET B 578 9.49 -7.82 -4.18
CA MET B 578 8.38 -8.71 -4.46
C MET B 578 7.13 -8.32 -3.67
N GLY B 579 7.29 -7.61 -2.56
CA GLY B 579 6.14 -7.07 -1.87
C GLY B 579 5.49 -5.96 -2.67
N ASP B 580 6.27 -5.27 -3.51
CA ASP B 580 5.73 -4.32 -4.46
C ASP B 580 4.87 -4.99 -5.52
N THR B 581 5.08 -6.27 -5.78
CA THR B 581 4.43 -6.93 -6.90
C THR B 581 2.98 -7.30 -6.59
N HIS B 582 2.71 -7.76 -5.37
CA HIS B 582 1.47 -8.49 -5.09
C HIS B 582 0.23 -7.62 -5.23
N TRP B 583 0.27 -6.42 -4.65
CA TRP B 583 -0.91 -5.57 -4.65
C TRP B 583 -1.21 -5.03 -6.04
N ARG B 584 -0.19 -4.94 -6.91
CA ARG B 584 -0.44 -4.53 -8.28
C ARG B 584 -0.59 -5.71 -9.23
N VAL B 585 -0.71 -6.94 -8.71
CA VAL B 585 -1.08 -8.07 -9.55
C VAL B 585 -2.26 -8.80 -8.90
N ALA B 586 -2.80 -8.22 -7.83
CA ALA B 586 -3.83 -8.91 -7.05
C ALA B 586 -5.15 -9.01 -7.78
N HIS B 587 -5.56 -7.96 -8.48
CA HIS B 587 -6.85 -7.98 -9.15
C HIS B 587 -6.81 -8.85 -10.41
N GLU B 588 -5.64 -8.97 -11.03
CA GLU B 588 -5.57 -9.68 -12.30
C GLU B 588 -5.42 -11.18 -12.13
N ARG B 589 -4.91 -11.65 -11.00
CA ARG B 589 -4.62 -13.07 -10.85
C ARG B 589 -5.87 -13.93 -10.70
N ASP B 590 -7.00 -13.31 -10.36
CA ASP B 590 -8.25 -14.06 -10.18
C ASP B 590 -8.72 -14.65 -11.51
N GLU B 591 -8.70 -13.85 -12.57
CA GLU B 591 -9.07 -14.38 -13.87
C GLU B 591 -7.97 -15.24 -14.48
N LEU B 592 -6.71 -15.05 -14.06
CA LEU B 592 -5.67 -16.03 -14.38
C LEU B 592 -6.01 -17.39 -13.79
N TRP B 593 -6.55 -17.40 -12.58
CA TRP B 593 -7.02 -18.66 -12.00
C TRP B 593 -8.22 -19.18 -12.76
N ARG B 594 -9.06 -18.27 -13.26
CA ARG B 594 -10.11 -18.70 -14.17
C ARG B 594 -9.54 -19.13 -15.51
N ALA B 595 -8.41 -18.53 -15.92
CA ALA B 595 -7.76 -18.95 -17.14
C ALA B 595 -7.13 -20.33 -17.00
N GLN B 596 -6.83 -20.74 -15.77
CA GLN B 596 -6.37 -22.10 -15.54
C GLN B 596 -7.47 -23.10 -15.89
N ILE B 597 -8.70 -22.80 -15.51
CA ILE B 597 -9.76 -23.79 -15.51
C ILE B 597 -10.19 -24.10 -16.94
N VAL B 598 -10.39 -23.06 -17.74
CA VAL B 598 -10.89 -23.23 -19.10
C VAL B 598 -9.83 -23.90 -19.97
N ALA B 599 -8.57 -23.51 -19.77
CA ALA B 599 -7.49 -24.17 -20.48
C ALA B 599 -7.37 -25.63 -20.07
N THR B 600 -7.64 -25.92 -18.79
CA THR B 600 -7.72 -27.31 -18.36
C THR B 600 -8.95 -27.97 -18.94
N THR B 601 -10.03 -27.20 -19.10
CA THR B 601 -11.32 -27.77 -19.49
C THR B 601 -11.29 -28.29 -20.92
N VAL B 602 -10.74 -27.50 -21.84
CA VAL B 602 -10.80 -27.83 -23.26
C VAL B 602 -9.92 -29.04 -23.55
N MET B 603 -8.73 -29.09 -22.94
CA MET B 603 -7.84 -30.23 -23.17
C MET B 603 -8.38 -31.49 -22.52
N LEU B 604 -9.00 -31.39 -21.35
CA LEU B 604 -9.63 -32.55 -20.74
C LEU B 604 -10.83 -33.00 -21.55
N GLU B 605 -11.58 -32.06 -22.12
CA GLU B 605 -12.75 -32.43 -22.90
C GLU B 605 -12.35 -33.06 -24.23
N ARG B 606 -11.32 -32.52 -24.89
CA ARG B 606 -11.01 -32.96 -26.24
C ARG B 606 -10.35 -34.33 -26.25
N LYS B 607 -9.51 -34.60 -25.25
CA LYS B 607 -8.80 -35.88 -25.24
C LYS B 607 -9.69 -37.02 -24.76
N LEU B 608 -10.58 -36.76 -23.82
CA LEU B 608 -11.38 -37.85 -23.27
C LEU B 608 -12.53 -38.19 -24.20
N PRO B 609 -12.90 -39.48 -24.32
CA PRO B 609 -13.76 -39.90 -25.44
C PRO B 609 -15.25 -39.69 -25.25
N ARG B 610 -16.01 -40.21 -26.21
CA ARG B 610 -17.45 -40.00 -26.32
C ARG B 610 -18.25 -40.81 -25.32
N CYS B 611 -17.73 -41.95 -24.86
CA CYS B 611 -18.43 -42.73 -23.84
C CYS B 611 -18.45 -41.98 -22.51
N LEU B 612 -17.37 -41.29 -22.20
CA LEU B 612 -17.40 -40.32 -21.12
C LEU B 612 -17.93 -39.00 -21.66
N TRP B 613 -18.02 -38.01 -20.76
CA TRP B 613 -18.36 -36.61 -21.05
C TRP B 613 -19.66 -36.45 -21.82
N PRO B 614 -20.81 -36.55 -21.17
CA PRO B 614 -22.05 -36.12 -21.82
C PRO B 614 -21.96 -34.65 -22.22
N ARG B 615 -22.53 -34.33 -23.38
CA ARG B 615 -22.34 -33.01 -23.96
C ARG B 615 -23.09 -31.94 -23.17
N SER B 616 -22.56 -30.72 -23.23
CA SER B 616 -23.12 -29.63 -22.47
C SER B 616 -24.41 -29.13 -23.10
N GLY B 617 -25.19 -28.42 -22.30
CA GLY B 617 -26.41 -27.83 -22.79
C GLY B 617 -27.52 -28.86 -22.97
N ILE B 618 -28.51 -28.47 -23.78
CA ILE B 618 -29.65 -29.31 -24.07
C ILE B 618 -29.83 -29.34 -25.58
N CYS B 619 -29.72 -30.53 -26.16
CA CYS B 619 -29.88 -30.73 -27.59
C CYS B 619 -31.33 -30.53 -28.02
N GLY B 620 -31.51 -30.26 -29.32
CA GLY B 620 -32.83 -30.15 -29.89
C GLY B 620 -33.43 -31.48 -30.29
N ARG B 621 -33.91 -31.56 -31.54
CA ARG B 621 -34.36 -32.77 -32.23
C ARG B 621 -35.64 -33.38 -31.65
N GLU B 622 -36.14 -32.84 -30.55
CA GLU B 622 -37.39 -33.25 -29.94
C GLU B 622 -38.23 -32.05 -29.54
N TYR B 623 -37.68 -30.85 -29.64
CA TYR B 623 -38.28 -29.65 -29.07
C TYR B 623 -38.65 -28.63 -30.13
N GLY B 624 -38.60 -29.03 -31.40
CA GLY B 624 -38.95 -28.14 -32.49
C GLY B 624 -38.00 -26.99 -32.68
N LEU B 625 -36.71 -27.18 -32.34
CA LEU B 625 -35.75 -26.08 -32.36
C LEU B 625 -34.45 -26.47 -33.05
N GLY B 626 -34.49 -27.37 -34.03
CA GLY B 626 -33.31 -27.73 -34.78
C GLY B 626 -32.52 -28.84 -34.12
N ASP B 627 -31.33 -29.06 -34.67
CA ASP B 627 -30.42 -30.08 -34.17
C ASP B 627 -29.45 -29.54 -33.14
N ARG B 628 -29.50 -28.23 -32.86
CA ARG B 628 -28.48 -27.55 -32.09
C ARG B 628 -28.64 -27.81 -30.59
N TRP B 629 -27.88 -27.08 -29.80
CA TRP B 629 -27.71 -27.34 -28.37
C TRP B 629 -27.89 -26.03 -27.60
N PHE B 630 -28.89 -25.98 -26.73
CA PHE B 630 -29.25 -24.75 -26.06
C PHE B 630 -28.83 -24.76 -24.59
N LEU B 631 -28.66 -23.56 -24.04
CA LEU B 631 -28.36 -23.34 -22.65
C LEU B 631 -29.14 -22.12 -22.19
N ARG B 632 -29.59 -22.14 -20.95
CA ARG B 632 -30.39 -21.04 -20.42
C ARG B 632 -29.71 -20.41 -19.21
N VAL B 633 -30.35 -19.34 -18.72
CA VAL B 633 -30.07 -18.79 -17.40
C VAL B 633 -31.31 -18.02 -17.00
N GLU B 634 -31.46 -17.78 -15.71
CA GLU B 634 -32.52 -16.91 -15.22
C GLU B 634 -32.01 -16.18 -14.00
N ASP B 635 -32.37 -14.91 -13.89
CA ASP B 635 -31.82 -14.04 -12.84
C ASP B 635 -32.72 -12.83 -12.66
N ARG B 636 -32.47 -12.13 -11.56
CA ARG B 636 -33.19 -10.91 -11.24
C ARG B 636 -32.56 -9.74 -11.98
N GLN B 637 -33.39 -9.00 -12.72
CA GLN B 637 -32.90 -7.86 -13.48
C GLN B 637 -32.53 -6.69 -12.58
N ASP B 638 -33.23 -6.53 -11.46
CA ASP B 638 -33.18 -5.42 -10.46
C ASP B 638 -32.43 -4.12 -10.78
N PHE C 19 -18.60 -45.77 -13.92
CA PHE C 19 -19.78 -45.31 -13.19
C PHE C 19 -20.61 -46.47 -12.68
N CYS C 20 -20.45 -46.80 -11.40
CA CYS C 20 -21.26 -47.83 -10.77
C CYS C 20 -21.75 -47.45 -9.37
N ARG C 21 -21.15 -46.46 -8.71
CA ARG C 21 -21.48 -46.14 -7.33
C ARG C 21 -21.63 -44.64 -7.13
N TRP C 22 -22.36 -43.97 -8.01
CA TRP C 22 -22.63 -42.55 -7.83
C TRP C 22 -23.73 -42.36 -6.80
N PHE C 23 -23.50 -41.48 -5.83
CA PHE C 23 -24.47 -41.23 -4.77
C PHE C 23 -24.40 -39.77 -4.37
N GLN C 24 -25.54 -39.08 -4.48
CA GLN C 24 -25.73 -37.69 -4.05
C GLN C 24 -24.78 -36.71 -4.75
N ARG C 25 -24.40 -37.03 -5.98
CA ARG C 25 -23.47 -36.20 -6.75
C ARG C 25 -23.99 -35.94 -8.15
N ARG C 26 -25.30 -35.71 -8.29
CA ARG C 26 -25.91 -35.46 -9.59
C ARG C 26 -26.49 -34.05 -9.70
N GLU C 27 -27.38 -33.67 -8.77
CA GLU C 27 -28.15 -32.42 -8.80
C GLU C 27 -28.87 -32.24 -10.14
N SER C 28 -29.44 -33.33 -10.65
CA SER C 28 -30.12 -33.32 -11.94
C SER C 28 -31.52 -32.74 -11.87
N TRP C 29 -32.00 -32.39 -10.67
CA TRP C 29 -33.31 -31.79 -10.53
C TRP C 29 -33.36 -30.38 -11.12
N ALA C 30 -32.26 -29.63 -11.01
CA ALA C 30 -32.16 -28.36 -11.72
C ALA C 30 -32.11 -28.57 -13.22
N GLN C 31 -31.46 -29.65 -13.66
CA GLN C 31 -31.54 -30.04 -15.06
C GLN C 31 -32.94 -30.52 -15.41
N SER C 32 -33.64 -31.12 -14.44
CA SER C 32 -34.97 -31.67 -14.70
C SER C 32 -36.00 -30.57 -14.93
N ARG C 33 -35.92 -29.49 -14.15
CA ARG C 33 -36.86 -28.40 -14.34
C ARG C 33 -36.61 -27.64 -15.62
N ASP C 34 -35.37 -27.66 -16.10
CA ASP C 34 -35.08 -27.09 -17.41
C ASP C 34 -35.73 -27.89 -18.52
N GLU C 35 -35.77 -29.21 -18.37
CA GLU C 35 -36.56 -30.04 -19.26
C GLU C 35 -38.05 -29.75 -19.11
N GLN C 36 -38.48 -29.39 -17.90
CA GLN C 36 -39.86 -28.95 -17.70
C GLN C 36 -40.09 -27.60 -18.35
N ASN C 37 -39.05 -26.78 -18.51
CA ASN C 37 -39.23 -25.49 -19.17
C ASN C 37 -39.50 -25.66 -20.66
N LEU C 38 -38.66 -26.42 -21.34
CA LEU C 38 -38.74 -26.48 -22.80
C LEU C 38 -39.90 -27.33 -23.27
N LEU C 39 -40.25 -28.38 -22.53
CA LEU C 39 -41.40 -29.19 -22.90
C LEU C 39 -42.69 -28.40 -22.75
N GLN C 40 -42.75 -27.53 -21.74
CA GLN C 40 -43.91 -26.66 -21.55
C GLN C 40 -44.04 -25.68 -22.70
N GLN C 41 -42.93 -25.17 -23.23
CA GLN C 41 -42.97 -24.32 -24.41
C GLN C 41 -43.42 -25.09 -25.63
N LYS C 42 -43.08 -26.38 -25.71
CA LYS C 42 -43.57 -27.22 -26.79
C LYS C 42 -45.07 -27.44 -26.68
N ARG C 43 -45.57 -27.61 -25.45
CA ARG C 43 -47.01 -27.71 -25.24
C ARG C 43 -47.72 -26.41 -25.62
N ILE C 44 -47.05 -25.28 -25.44
CA ILE C 44 -47.57 -24.02 -25.98
C ILE C 44 -47.59 -24.09 -27.51
N TRP C 45 -46.51 -24.59 -28.10
CA TRP C 45 -46.33 -24.44 -29.54
C TRP C 45 -47.21 -25.39 -30.33
N GLU C 46 -47.52 -26.57 -29.77
CA GLU C 46 -48.33 -27.53 -30.51
C GLU C 46 -49.81 -27.16 -30.48
N SER C 47 -50.31 -26.80 -29.31
CA SER C 47 -51.73 -26.45 -29.17
C SER C 47 -52.00 -25.08 -29.77
N PRO C 48 -53.06 -24.92 -30.55
CA PRO C 48 -53.25 -23.65 -31.26
C PRO C 48 -53.70 -22.50 -30.38
N LEU C 49 -54.61 -22.75 -29.44
CA LEU C 49 -55.16 -21.67 -28.63
C LEU C 49 -54.17 -21.12 -27.62
N LEU C 50 -53.12 -21.88 -27.29
CA LEU C 50 -52.12 -21.35 -26.37
C LEU C 50 -51.22 -20.33 -27.05
N LEU C 51 -51.07 -20.41 -28.37
CA LEU C 51 -50.42 -19.33 -29.09
C LEU C 51 -51.29 -18.08 -29.05
N ALA C 52 -52.60 -18.26 -29.15
CA ALA C 52 -53.52 -17.17 -28.89
C ALA C 52 -53.56 -16.79 -27.43
N ALA C 53 -53.14 -17.69 -26.54
CA ALA C 53 -52.88 -17.29 -25.17
C ALA C 53 -51.50 -16.70 -25.00
N LYS C 54 -50.57 -17.00 -25.92
CA LYS C 54 -49.26 -16.37 -25.86
C LYS C 54 -49.33 -14.93 -26.34
N ASP C 55 -50.30 -14.61 -27.18
CA ASP C 55 -50.47 -13.29 -27.75
C ASP C 55 -51.86 -12.77 -27.40
N ASN C 56 -52.26 -11.67 -28.03
CA ASN C 56 -53.66 -11.28 -27.94
C ASN C 56 -54.47 -12.20 -28.84
N ASP C 57 -54.25 -12.08 -30.16
CA ASP C 57 -54.87 -12.92 -31.20
C ASP C 57 -56.39 -12.97 -31.07
N VAL C 58 -56.99 -11.80 -30.80
CA VAL C 58 -58.37 -11.73 -30.34
C VAL C 58 -59.35 -12.12 -31.44
N GLN C 59 -58.97 -11.91 -32.71
CA GLN C 59 -59.86 -12.19 -33.82
C GLN C 59 -60.07 -13.70 -33.99
N ALA C 60 -58.98 -14.47 -33.95
CA ALA C 60 -59.13 -15.91 -33.92
C ALA C 60 -59.66 -16.40 -32.58
N LEU C 61 -59.43 -15.64 -31.50
CA LEU C 61 -59.91 -16.03 -30.18
C LEU C 61 -61.42 -16.00 -30.09
N ASN C 62 -62.06 -15.13 -30.89
CA ASN C 62 -63.53 -15.14 -30.97
C ASN C 62 -64.05 -16.44 -31.58
N LYS C 63 -63.24 -17.09 -32.42
CA LYS C 63 -63.63 -18.39 -32.94
C LYS C 63 -63.33 -19.50 -31.94
N LEU C 64 -62.30 -19.33 -31.12
CA LEU C 64 -61.81 -20.42 -30.27
C LEU C 64 -62.83 -20.81 -29.21
N LEU C 65 -63.49 -19.83 -28.60
CA LEU C 65 -64.53 -20.15 -27.65
C LEU C 65 -65.83 -20.52 -28.33
N LYS C 66 -65.98 -20.22 -29.60
CA LYS C 66 -67.15 -20.63 -30.36
C LYS C 66 -66.87 -21.94 -31.10
N TYR C 67 -66.45 -22.94 -30.32
CA TYR C 67 -66.14 -24.28 -30.80
C TYR C 67 -66.98 -25.30 -30.06
N GLU C 68 -66.83 -26.56 -30.47
CA GLU C 68 -67.55 -27.65 -29.82
C GLU C 68 -66.73 -28.23 -28.67
N ASP C 69 -65.47 -28.56 -28.92
CA ASP C 69 -64.63 -29.24 -27.95
C ASP C 69 -63.34 -28.46 -27.73
N CYS C 70 -63.48 -27.16 -27.51
CA CYS C 70 -62.34 -26.39 -27.01
C CYS C 70 -62.09 -26.74 -25.54
N LYS C 71 -60.92 -27.32 -25.27
CA LYS C 71 -60.62 -27.82 -23.94
C LYS C 71 -60.32 -26.67 -22.99
N VAL C 72 -61.36 -26.16 -22.32
CA VAL C 72 -61.20 -24.99 -21.48
C VAL C 72 -60.51 -25.33 -20.17
N HIS C 73 -60.48 -26.60 -19.78
CA HIS C 73 -59.91 -27.02 -18.50
C HIS C 73 -58.65 -27.87 -18.69
N GLN C 74 -58.02 -27.78 -19.86
CA GLN C 74 -56.87 -28.62 -20.14
C GLN C 74 -55.64 -28.12 -19.39
N ARG C 75 -54.58 -28.91 -19.43
CA ARG C 75 -53.37 -28.66 -18.66
C ARG C 75 -52.16 -28.59 -19.57
N GLY C 76 -51.18 -27.81 -19.15
CA GLY C 76 -49.88 -27.77 -19.79
C GLY C 76 -49.01 -28.92 -19.31
N ALA C 77 -47.72 -28.81 -19.64
CA ALA C 77 -46.76 -29.81 -19.15
C ALA C 77 -46.59 -29.71 -17.65
N MET C 78 -46.60 -28.49 -17.12
CA MET C 78 -46.71 -28.27 -15.68
C MET C 78 -48.12 -27.89 -15.28
N GLY C 79 -49.07 -27.94 -16.20
CA GLY C 79 -50.47 -27.82 -15.85
C GLY C 79 -51.01 -26.41 -15.86
N GLU C 80 -50.77 -25.67 -16.93
CA GLU C 80 -51.37 -24.35 -17.05
C GLU C 80 -52.80 -24.43 -17.57
N THR C 81 -53.40 -23.27 -17.76
CA THR C 81 -54.55 -23.06 -18.62
C THR C 81 -54.22 -21.88 -19.52
N ALA C 82 -55.15 -21.57 -20.43
CA ALA C 82 -54.99 -20.35 -21.22
C ALA C 82 -55.08 -19.12 -20.35
N LEU C 83 -55.85 -19.19 -19.26
CA LEU C 83 -55.85 -18.13 -18.27
C LEU C 83 -54.49 -17.98 -17.62
N HIS C 84 -53.81 -19.11 -17.37
CA HIS C 84 -52.46 -19.05 -16.80
C HIS C 84 -51.47 -18.41 -17.77
N ILE C 85 -51.59 -18.72 -19.07
CA ILE C 85 -50.67 -18.17 -20.04
C ILE C 85 -50.98 -16.70 -20.29
N ALA C 86 -52.27 -16.34 -20.31
CA ALA C 86 -52.66 -14.94 -20.41
C ALA C 86 -52.22 -14.17 -19.18
N ALA C 87 -52.19 -14.83 -18.03
CA ALA C 87 -51.61 -14.22 -16.84
C ALA C 87 -50.11 -14.06 -16.97
N LEU C 88 -49.47 -14.90 -17.77
CA LEU C 88 -48.04 -14.73 -17.96
C LEU C 88 -47.75 -13.59 -18.93
N TYR C 89 -48.34 -13.62 -20.12
CA TYR C 89 -48.06 -12.66 -21.17
C TYR C 89 -48.98 -11.45 -21.12
N ASP C 90 -49.54 -11.17 -19.94
CA ASP C 90 -50.32 -10.00 -19.50
C ASP C 90 -51.26 -9.39 -20.55
N ASN C 91 -51.93 -10.25 -21.30
CA ASN C 91 -52.88 -9.81 -22.31
C ASN C 91 -54.22 -9.60 -21.63
N LEU C 92 -54.44 -8.38 -21.15
CA LEU C 92 -55.66 -8.05 -20.42
C LEU C 92 -56.88 -8.09 -21.34
N GLU C 93 -56.69 -7.71 -22.61
CA GLU C 93 -57.80 -7.73 -23.55
C GLU C 93 -58.21 -9.15 -23.88
N ALA C 94 -57.24 -10.04 -24.12
CA ALA C 94 -57.56 -11.42 -24.48
C ALA C 94 -58.15 -12.18 -23.31
N ALA C 95 -57.66 -11.89 -22.10
CA ALA C 95 -58.15 -12.58 -20.91
C ALA C 95 -59.59 -12.21 -20.57
N MET C 96 -60.07 -11.06 -21.05
CA MET C 96 -61.48 -10.72 -20.90
C MET C 96 -62.38 -11.71 -21.63
N VAL C 97 -61.89 -12.28 -22.72
CA VAL C 97 -62.66 -13.29 -23.44
C VAL C 97 -62.67 -14.60 -22.67
N LEU C 98 -61.61 -14.86 -21.90
CA LEU C 98 -61.43 -16.16 -21.24
C LEU C 98 -62.47 -16.40 -20.17
N MET C 99 -62.78 -15.38 -19.37
CA MET C 99 -63.72 -15.56 -18.27
C MET C 99 -65.18 -15.56 -18.71
N GLU C 100 -65.44 -15.37 -20.00
CA GLU C 100 -66.81 -15.28 -20.49
C GLU C 100 -67.49 -16.65 -20.47
N ALA C 101 -66.99 -17.58 -21.28
CA ALA C 101 -67.58 -18.91 -21.36
C ALA C 101 -66.95 -19.90 -20.40
N ALA C 102 -65.96 -19.48 -19.62
CA ALA C 102 -65.30 -20.33 -18.64
C ALA C 102 -65.32 -19.65 -17.27
N PRO C 103 -66.45 -19.74 -16.55
CA PRO C 103 -66.49 -19.12 -15.21
C PRO C 103 -65.68 -19.88 -14.19
N GLU C 104 -65.61 -21.21 -14.34
CA GLU C 104 -64.88 -22.05 -13.40
C GLU C 104 -63.36 -21.88 -13.55
N LEU C 105 -62.92 -21.26 -14.65
CA LEU C 105 -61.51 -21.18 -15.00
C LEU C 105 -60.70 -20.39 -13.98
N VAL C 106 -61.33 -19.43 -13.30
CA VAL C 106 -60.64 -18.72 -12.24
C VAL C 106 -60.41 -19.61 -11.03
N PHE C 107 -61.23 -20.65 -10.85
CA PHE C 107 -61.12 -21.53 -9.69
C PHE C 107 -60.17 -22.69 -9.95
N GLU C 108 -58.96 -22.40 -10.41
CA GLU C 108 -57.98 -23.47 -10.56
C GLU C 108 -56.55 -22.95 -10.38
N PRO C 109 -55.80 -23.51 -9.44
CA PRO C 109 -54.39 -23.13 -9.31
C PRO C 109 -53.49 -24.02 -10.15
N MET C 110 -52.19 -23.78 -10.07
CA MET C 110 -51.23 -24.67 -10.71
C MET C 110 -51.04 -25.93 -9.85
N THR C 111 -50.88 -27.07 -10.53
CA THR C 111 -50.90 -28.37 -9.87
C THR C 111 -49.62 -29.17 -10.07
N SER C 112 -48.54 -28.55 -10.53
CA SER C 112 -47.31 -29.32 -10.66
C SER C 112 -46.57 -29.39 -9.34
N GLU C 113 -45.53 -30.21 -9.30
CA GLU C 113 -44.68 -30.26 -8.12
C GLU C 113 -43.88 -28.99 -7.96
N LEU C 114 -43.38 -28.44 -9.07
CA LEU C 114 -42.61 -27.20 -9.00
C LEU C 114 -43.53 -26.02 -8.74
N TYR C 115 -44.63 -25.94 -9.46
CA TYR C 115 -45.62 -24.89 -9.30
C TYR C 115 -46.89 -25.53 -8.74
N GLU C 116 -47.10 -25.39 -7.44
CA GLU C 116 -48.27 -25.93 -6.77
C GLU C 116 -49.01 -24.80 -6.07
N GLY C 117 -50.30 -24.67 -6.35
CA GLY C 117 -51.14 -23.73 -5.65
C GLY C 117 -51.15 -22.32 -6.20
N GLN C 118 -50.54 -22.09 -7.37
CA GLN C 118 -50.45 -20.75 -7.93
C GLN C 118 -51.64 -20.51 -8.86
N THR C 119 -52.49 -19.57 -8.48
CA THR C 119 -53.61 -19.18 -9.31
C THR C 119 -53.23 -18.01 -10.21
N ALA C 120 -54.12 -17.69 -11.15
CA ALA C 120 -53.86 -16.57 -12.05
C ALA C 120 -53.97 -15.24 -11.35
N LEU C 121 -54.72 -15.19 -10.25
CA LEU C 121 -54.78 -13.98 -9.43
C LEU C 121 -53.42 -13.68 -8.82
N HIS C 122 -52.65 -14.72 -8.48
CA HIS C 122 -51.29 -14.55 -8.03
C HIS C 122 -50.43 -13.95 -9.13
N ILE C 123 -50.62 -14.39 -10.36
CA ILE C 123 -49.68 -14.07 -11.42
C ILE C 123 -49.86 -12.63 -11.90
N ALA C 124 -51.10 -12.13 -11.88
CA ALA C 124 -51.31 -10.73 -12.23
C ALA C 124 -50.74 -9.79 -11.18
N VAL C 125 -50.68 -10.26 -9.93
CA VAL C 125 -49.96 -9.52 -8.90
C VAL C 125 -48.46 -9.53 -9.19
N VAL C 126 -47.95 -10.61 -9.76
CA VAL C 126 -46.54 -10.64 -10.17
C VAL C 126 -46.30 -9.68 -11.32
N ASN C 127 -47.31 -9.47 -12.17
CA ASN C 127 -47.19 -8.47 -13.22
C ASN C 127 -47.16 -7.05 -12.69
N GLN C 128 -47.66 -6.84 -11.46
CA GLN C 128 -47.48 -5.68 -10.57
C GLN C 128 -47.96 -4.35 -11.13
N ASN C 129 -48.55 -4.34 -12.33
CA ASN C 129 -49.21 -3.18 -12.90
C ASN C 129 -50.35 -3.73 -13.77
N MET C 130 -51.52 -3.90 -13.16
CA MET C 130 -52.65 -4.53 -13.82
C MET C 130 -53.94 -3.86 -13.41
N ASN C 131 -54.93 -3.95 -14.30
CA ASN C 131 -56.31 -3.64 -13.97
C ASN C 131 -57.22 -4.84 -14.14
N LEU C 132 -56.68 -5.97 -14.59
CA LEU C 132 -57.43 -7.21 -14.65
C LEU C 132 -57.78 -7.71 -13.27
N VAL C 133 -56.94 -7.39 -12.27
CA VAL C 133 -57.14 -7.76 -10.88
C VAL C 133 -58.47 -7.26 -10.33
N ARG C 134 -58.95 -6.11 -10.82
CA ARG C 134 -60.30 -5.69 -10.50
C ARG C 134 -61.32 -6.61 -11.13
N ALA C 135 -61.13 -6.97 -12.40
CA ALA C 135 -62.06 -7.87 -13.06
C ALA C 135 -61.93 -9.30 -12.54
N LEU C 136 -60.74 -9.69 -12.09
CA LEU C 136 -60.57 -11.00 -11.48
C LEU C 136 -61.31 -11.09 -10.15
N LEU C 137 -61.19 -10.06 -9.32
CA LEU C 137 -61.95 -10.05 -8.08
C LEU C 137 -63.42 -9.70 -8.31
N ALA C 138 -63.75 -9.12 -9.46
CA ALA C 138 -65.14 -9.06 -9.87
C ALA C 138 -65.70 -10.44 -10.21
N ARG C 139 -64.82 -11.40 -10.51
CA ARG C 139 -65.21 -12.79 -10.73
C ARG C 139 -64.90 -13.64 -9.51
N ARG C 140 -65.18 -13.07 -8.32
CA ARG C 140 -65.27 -13.74 -7.01
C ARG C 140 -64.05 -14.61 -6.68
N ALA C 141 -62.87 -14.11 -7.09
CA ALA C 141 -61.64 -14.86 -6.89
C ALA C 141 -61.21 -14.85 -5.43
N SER C 142 -61.03 -16.04 -4.87
CA SER C 142 -60.58 -16.17 -3.49
C SER C 142 -59.11 -15.80 -3.36
N VAL C 143 -58.75 -15.24 -2.22
CA VAL C 143 -57.37 -14.89 -1.95
C VAL C 143 -56.85 -15.82 -0.85
N SER C 144 -57.58 -16.90 -0.60
CA SER C 144 -57.23 -17.86 0.43
C SER C 144 -56.37 -19.00 -0.11
N ALA C 145 -55.63 -18.75 -1.18
CA ALA C 145 -54.78 -19.77 -1.78
C ALA C 145 -53.45 -19.84 -1.06
N ARG C 146 -52.77 -20.98 -1.20
CA ARG C 146 -51.45 -21.21 -0.62
C ARG C 146 -50.55 -21.75 -1.72
N ALA C 147 -49.89 -20.86 -2.45
CA ALA C 147 -49.01 -21.24 -3.54
C ALA C 147 -47.68 -21.70 -2.95
N THR C 148 -47.68 -22.94 -2.47
CA THR C 148 -46.53 -23.52 -1.79
C THR C 148 -45.80 -24.56 -2.64
N GLY C 149 -45.71 -24.31 -3.95
CA GLY C 149 -44.89 -25.13 -4.80
C GLY C 149 -43.41 -24.99 -4.49
N THR C 150 -42.63 -25.97 -4.96
CA THR C 150 -41.22 -26.05 -4.60
C THR C 150 -40.37 -24.95 -5.22
N ALA C 151 -40.91 -24.19 -6.17
CA ALA C 151 -40.27 -22.98 -6.63
C ALA C 151 -40.47 -21.80 -5.68
N PHE C 152 -41.16 -22.00 -4.56
CA PHE C 152 -41.48 -20.92 -3.66
C PHE C 152 -40.89 -21.11 -2.27
N ARG C 153 -39.91 -21.99 -2.11
CA ARG C 153 -39.29 -22.20 -0.81
C ARG C 153 -37.94 -21.49 -0.78
N ARG C 154 -37.59 -20.93 0.38
CA ARG C 154 -36.36 -20.15 0.45
C ARG C 154 -35.15 -21.10 0.48
N SER C 155 -34.22 -20.85 -0.43
CA SER C 155 -33.10 -21.73 -0.73
C SER C 155 -32.16 -20.99 -1.65
N PRO C 156 -30.88 -21.41 -1.74
CA PRO C 156 -29.98 -20.86 -2.76
C PRO C 156 -30.14 -21.48 -4.14
N CYS C 157 -31.40 -21.69 -4.55
CA CYS C 157 -31.70 -22.14 -5.89
C CYS C 157 -32.87 -21.40 -6.51
N ASN C 158 -33.50 -20.47 -5.79
CA ASN C 158 -34.49 -19.57 -6.37
C ASN C 158 -34.07 -18.14 -6.06
N LEU C 159 -34.52 -17.21 -6.90
CA LEU C 159 -34.10 -15.83 -6.76
C LEU C 159 -35.01 -15.03 -5.84
N ILE C 160 -36.21 -15.54 -5.55
CA ILE C 160 -37.20 -14.84 -4.76
C ILE C 160 -37.68 -15.77 -3.66
N TYR C 161 -38.40 -15.20 -2.70
CA TYR C 161 -39.12 -15.97 -1.68
C TYR C 161 -40.29 -15.12 -1.21
N PHE C 162 -41.49 -15.43 -1.69
CA PHE C 162 -42.62 -14.54 -1.54
C PHE C 162 -43.73 -15.08 -0.66
N GLY C 163 -43.56 -16.26 -0.07
CA GLY C 163 -44.62 -16.79 0.77
C GLY C 163 -45.72 -17.51 0.01
N GLU C 164 -46.95 -17.45 0.53
CA GLU C 164 -48.04 -18.25 -0.01
C GLU C 164 -49.28 -17.45 -0.39
N HIS C 165 -49.26 -16.12 -0.27
CA HIS C 165 -50.53 -15.40 -0.25
C HIS C 165 -50.52 -14.23 -1.23
N PRO C 166 -51.70 -13.85 -1.75
CA PRO C 166 -51.72 -12.82 -2.82
C PRO C 166 -51.24 -11.44 -2.37
N LEU C 167 -51.76 -10.92 -1.27
CA LEU C 167 -51.26 -9.63 -0.80
C LEU C 167 -49.84 -9.76 -0.24
N SER C 168 -49.45 -10.96 0.20
CA SER C 168 -48.06 -11.22 0.51
C SER C 168 -47.20 -11.12 -0.74
N PHE C 169 -47.74 -11.58 -1.87
CA PHE C 169 -47.04 -11.42 -3.13
C PHE C 169 -47.03 -9.95 -3.53
N ALA C 170 -48.12 -9.24 -3.23
CA ALA C 170 -48.19 -7.82 -3.51
C ALA C 170 -47.31 -7.02 -2.57
N ALA C 171 -46.95 -7.61 -1.43
CA ALA C 171 -46.09 -6.91 -0.49
C ALA C 171 -44.68 -6.74 -1.05
N CYS C 172 -44.23 -7.67 -1.88
CA CYS C 172 -42.87 -7.65 -2.36
C CYS C 172 -42.69 -6.83 -3.62
N VAL C 173 -43.76 -6.21 -4.13
CA VAL C 173 -43.68 -5.52 -5.42
C VAL C 173 -43.96 -4.04 -5.32
N ASN C 174 -44.39 -3.55 -4.15
CA ASN C 174 -44.58 -2.13 -3.83
C ASN C 174 -45.60 -1.47 -4.76
N SER C 175 -46.85 -1.90 -4.63
CA SER C 175 -47.97 -1.34 -5.39
C SER C 175 -49.12 -1.07 -4.43
N GLU C 176 -49.16 0.15 -3.89
CA GLU C 176 -50.15 0.51 -2.87
C GLU C 176 -51.56 0.50 -3.42
N GLU C 177 -51.71 0.72 -4.73
CA GLU C 177 -53.03 0.65 -5.36
C GLU C 177 -53.61 -0.75 -5.30
N ILE C 178 -52.75 -1.77 -5.33
CA ILE C 178 -53.23 -3.14 -5.36
C ILE C 178 -53.34 -3.70 -3.96
N VAL C 179 -52.40 -3.32 -3.09
CA VAL C 179 -52.34 -3.81 -1.72
C VAL C 179 -53.60 -3.41 -0.96
N ARG C 180 -53.99 -2.14 -1.05
CA ARG C 180 -55.20 -1.68 -0.41
C ARG C 180 -56.43 -2.28 -1.06
N LEU C 181 -56.36 -2.59 -2.35
CA LEU C 181 -57.46 -3.26 -3.01
C LEU C 181 -57.55 -4.73 -2.59
N LEU C 182 -56.42 -5.31 -2.19
CA LEU C 182 -56.45 -6.66 -1.63
C LEU C 182 -57.09 -6.67 -0.24
N ILE C 183 -56.77 -5.66 0.57
CA ILE C 183 -57.24 -5.62 1.96
C ILE C 183 -58.75 -5.45 2.01
N GLU C 184 -59.30 -4.65 1.12
CA GLU C 184 -60.73 -4.34 1.14
C GLU C 184 -61.61 -5.46 0.62
N HIS C 185 -61.06 -6.64 0.34
CA HIS C 185 -61.85 -7.80 -0.07
C HIS C 185 -61.70 -8.97 0.88
N GLY C 186 -61.39 -8.69 2.15
CA GLY C 186 -61.33 -9.72 3.16
C GLY C 186 -59.99 -10.41 3.31
N ALA C 187 -58.89 -9.70 3.11
CA ALA C 187 -57.56 -10.32 3.21
C ALA C 187 -57.13 -10.37 4.67
N ASP C 188 -57.02 -11.59 5.22
CA ASP C 188 -56.42 -11.76 6.54
C ASP C 188 -54.93 -11.47 6.44
N ILE C 189 -54.51 -10.38 7.08
CA ILE C 189 -53.12 -9.97 7.00
C ILE C 189 -52.25 -10.91 7.84
N ARG C 190 -52.79 -11.40 8.95
CA ARG C 190 -52.00 -12.18 9.90
C ARG C 190 -52.00 -13.67 9.60
N ALA C 191 -52.17 -14.06 8.34
CA ALA C 191 -51.96 -15.45 7.95
C ALA C 191 -50.48 -15.73 7.75
N GLN C 192 -50.10 -16.99 7.98
CA GLN C 192 -48.71 -17.38 7.97
C GLN C 192 -48.46 -18.43 6.88
N ASP C 193 -47.20 -18.80 6.72
CA ASP C 193 -46.77 -19.76 5.72
C ASP C 193 -46.55 -21.13 6.35
N SER C 194 -45.99 -22.04 5.55
CA SER C 194 -45.55 -23.33 6.09
C SER C 194 -44.38 -23.17 7.04
N LEU C 195 -43.58 -22.12 6.86
CA LEU C 195 -42.52 -21.80 7.79
C LEU C 195 -43.03 -21.10 9.05
N GLY C 196 -44.32 -20.80 9.12
CA GLY C 196 -44.85 -19.97 10.17
C GLY C 196 -44.66 -18.50 9.97
N ASN C 197 -44.05 -18.10 8.86
CA ASN C 197 -43.79 -16.70 8.62
C ASN C 197 -45.00 -16.05 7.98
N THR C 198 -45.34 -14.87 8.49
CA THR C 198 -46.44 -14.07 7.95
C THR C 198 -45.90 -13.08 6.93
N VAL C 199 -46.74 -12.09 6.60
CA VAL C 199 -46.38 -11.03 5.65
C VAL C 199 -45.13 -10.29 6.10
N LEU C 200 -45.09 -9.94 7.38
CA LEU C 200 -44.09 -9.01 7.88
C LEU C 200 -42.69 -9.62 7.89
N HIS C 201 -42.62 -10.94 8.07
CA HIS C 201 -41.33 -11.63 7.98
C HIS C 201 -40.75 -11.51 6.58
N ILE C 202 -41.61 -11.57 5.57
CA ILE C 202 -41.14 -11.58 4.19
C ILE C 202 -40.66 -10.19 3.79
N LEU C 203 -41.21 -9.15 4.43
CA LEU C 203 -40.75 -7.78 4.17
C LEU C 203 -39.31 -7.59 4.59
N ILE C 204 -38.85 -8.31 5.60
CA ILE C 204 -37.51 -8.10 6.11
C ILE C 204 -36.48 -8.68 5.15
N LEU C 205 -36.78 -9.82 4.54
CA LEU C 205 -35.84 -10.52 3.70
C LEU C 205 -35.85 -10.03 2.25
N GLN C 206 -36.41 -8.86 2.00
CA GLN C 206 -36.42 -8.33 0.65
C GLN C 206 -35.04 -7.79 0.29
N PRO C 207 -34.66 -7.84 -1.00
CA PRO C 207 -33.34 -7.33 -1.37
C PRO C 207 -33.26 -5.80 -1.36
N ASN C 208 -34.31 -5.10 -1.75
CA ASN C 208 -34.33 -3.65 -1.70
C ASN C 208 -34.74 -3.24 -0.29
N LYS C 209 -33.79 -2.73 0.48
CA LYS C 209 -34.08 -2.27 1.83
C LYS C 209 -34.86 -0.97 1.88
N THR C 210 -34.99 -0.26 0.75
CA THR C 210 -35.57 1.07 0.77
C THR C 210 -37.08 1.02 0.87
N PHE C 211 -37.72 0.29 -0.04
CA PHE C 211 -39.15 0.44 -0.25
C PHE C 211 -39.98 -0.21 0.84
N ALA C 212 -39.40 -1.11 1.61
CA ALA C 212 -40.16 -1.87 2.60
C ALA C 212 -40.60 -1.01 3.77
N CYS C 213 -39.94 0.12 4.02
CA CYS C 213 -40.29 0.98 5.14
C CYS C 213 -41.66 1.61 4.94
N GLN C 214 -41.95 2.06 3.72
CA GLN C 214 -43.29 2.52 3.41
C GLN C 214 -44.28 1.36 3.44
N MET C 215 -43.83 0.18 3.01
CA MET C 215 -44.68 -1.00 3.05
C MET C 215 -44.93 -1.43 4.49
N TYR C 216 -43.95 -1.24 5.36
CA TYR C 216 -44.17 -1.54 6.77
C TYR C 216 -45.10 -0.53 7.42
N ASN C 217 -44.85 0.76 7.17
CA ASN C 217 -45.61 1.81 7.85
C ASN C 217 -47.06 1.84 7.41
N LEU C 218 -47.32 1.53 6.13
CA LEU C 218 -48.70 1.49 5.67
C LEU C 218 -49.44 0.29 6.25
N LEU C 219 -48.79 -0.87 6.27
CA LEU C 219 -49.45 -2.07 6.75
C LEU C 219 -49.68 -2.07 8.25
N LEU C 220 -48.98 -1.21 9.00
CA LEU C 220 -49.27 -1.04 10.42
C LEU C 220 -50.68 -0.49 10.64
N SER C 221 -51.15 0.35 9.73
CA SER C 221 -52.36 1.12 9.96
C SER C 221 -53.64 0.34 9.76
N TYR C 222 -53.57 -0.95 9.41
CA TYR C 222 -54.77 -1.69 9.07
C TYR C 222 -55.13 -2.76 10.08
N ASP C 223 -54.33 -2.97 11.12
CA ASP C 223 -54.71 -4.01 12.09
C ASP C 223 -55.75 -3.48 13.07
N ARG C 224 -55.36 -2.51 13.92
CA ARG C 224 -56.12 -1.82 14.96
C ARG C 224 -57.06 -2.71 15.78
N HIS C 225 -56.69 -3.98 15.96
CA HIS C 225 -57.67 -5.00 16.29
C HIS C 225 -57.59 -5.37 17.77
N GLY C 226 -58.73 -5.83 18.30
CA GLY C 226 -58.85 -6.19 19.70
C GLY C 226 -58.15 -7.48 20.08
N ASP C 227 -57.61 -8.21 19.11
CA ASP C 227 -56.83 -9.41 19.41
C ASP C 227 -55.48 -8.98 19.97
N HIS C 228 -55.42 -8.80 21.29
CA HIS C 228 -54.19 -8.41 21.97
C HIS C 228 -53.13 -9.50 21.98
N LEU C 229 -53.46 -10.71 21.54
CA LEU C 229 -52.49 -11.79 21.46
C LEU C 229 -51.54 -11.50 20.32
N GLN C 230 -50.28 -11.16 20.68
CA GLN C 230 -49.18 -10.77 19.80
C GLN C 230 -49.60 -9.88 18.63
N PRO C 231 -50.22 -8.72 18.91
CA PRO C 231 -51.42 -8.28 18.19
C PRO C 231 -51.30 -8.11 16.68
N LEU C 232 -50.16 -7.66 16.18
CA LEU C 232 -49.94 -7.68 14.74
C LEU C 232 -48.55 -8.09 14.33
N ASP C 233 -47.53 -7.94 15.17
CA ASP C 233 -46.16 -8.25 14.76
C ASP C 233 -45.33 -8.87 15.87
N LEU C 234 -45.92 -9.20 17.02
CA LEU C 234 -45.19 -9.80 18.12
C LEU C 234 -45.17 -11.32 18.05
N VAL C 235 -45.33 -11.89 16.87
CA VAL C 235 -45.51 -13.33 16.70
C VAL C 235 -44.20 -13.94 16.20
N PRO C 236 -43.79 -15.09 16.73
CA PRO C 236 -42.62 -15.78 16.17
C PRO C 236 -43.02 -16.81 15.12
N ASN C 237 -42.04 -17.49 14.54
CA ASN C 237 -42.28 -18.57 13.61
C ASN C 237 -42.25 -19.91 14.36
N HIS C 238 -42.21 -21.01 13.60
CA HIS C 238 -42.12 -22.33 14.22
C HIS C 238 -40.79 -22.52 14.94
N GLN C 239 -39.73 -21.91 14.44
CA GLN C 239 -38.46 -21.92 15.15
C GLN C 239 -38.31 -20.73 16.09
N GLY C 240 -39.38 -19.98 16.32
CA GLY C 240 -39.39 -18.99 17.38
C GLY C 240 -38.60 -17.73 17.06
N LEU C 241 -38.90 -17.09 15.94
CA LEU C 241 -38.20 -15.88 15.52
C LEU C 241 -39.21 -14.78 15.25
N THR C 242 -39.13 -13.72 16.03
CA THR C 242 -40.00 -12.56 15.91
C THR C 242 -39.42 -11.56 14.91
N PRO C 243 -40.27 -10.74 14.26
CA PRO C 243 -39.76 -9.85 13.19
C PRO C 243 -38.78 -8.79 13.66
N PHE C 244 -38.97 -8.22 14.84
CA PHE C 244 -38.01 -7.27 15.37
C PHE C 244 -36.66 -7.95 15.62
N LYS C 245 -36.69 -9.19 16.06
CA LYS C 245 -35.47 -9.97 16.18
C LYS C 245 -34.99 -10.49 14.83
N LEU C 246 -35.90 -10.63 13.86
CA LEU C 246 -35.51 -11.21 12.57
C LEU C 246 -34.62 -10.26 11.77
N ALA C 247 -34.83 -8.95 11.93
CA ALA C 247 -34.00 -7.99 11.24
C ALA C 247 -32.56 -8.04 11.73
N GLY C 248 -32.36 -8.36 13.02
CA GLY C 248 -31.02 -8.62 13.50
C GLY C 248 -30.45 -9.90 12.94
N VAL C 249 -31.30 -10.88 12.64
CA VAL C 249 -30.82 -12.15 12.11
C VAL C 249 -30.33 -11.97 10.68
N GLU C 250 -31.16 -11.38 9.83
CA GLU C 250 -30.80 -11.21 8.44
C GLU C 250 -30.03 -9.92 8.18
N GLY C 251 -29.78 -9.12 9.21
CA GLY C 251 -28.90 -7.98 9.06
C GLY C 251 -29.49 -6.80 8.32
N ASN C 252 -30.72 -6.41 8.65
CA ASN C 252 -31.32 -5.22 8.07
C ASN C 252 -30.75 -4.00 8.78
N THR C 253 -29.76 -3.35 8.15
CA THR C 253 -29.19 -2.14 8.70
C THR C 253 -30.20 -1.00 8.68
N VAL C 254 -31.05 -0.97 7.65
CA VAL C 254 -31.94 0.17 7.44
C VAL C 254 -33.09 0.14 8.43
N MET C 255 -33.88 -0.94 8.41
CA MET C 255 -35.15 -0.92 9.12
C MET C 255 -34.99 -1.05 10.63
N PHE C 256 -33.85 -1.54 11.11
CA PHE C 256 -33.65 -1.68 12.54
C PHE C 256 -33.58 -0.33 13.22
N GLN C 257 -33.01 0.66 12.53
CA GLN C 257 -33.13 2.04 13.00
C GLN C 257 -34.58 2.50 12.92
N HIS C 258 -35.29 2.09 11.86
CA HIS C 258 -36.67 2.53 11.69
C HIS C 258 -37.59 1.81 12.65
N LEU C 259 -37.31 0.53 12.93
CA LEU C 259 -38.15 -0.21 13.87
C LEU C 259 -37.91 0.21 15.31
N MET C 260 -36.82 0.90 15.60
CA MET C 260 -36.52 1.31 16.96
C MET C 260 -37.31 2.55 17.36
N GLN C 261 -37.99 3.20 16.39
CA GLN C 261 -38.63 4.49 16.65
C GLN C 261 -39.78 4.35 17.64
N LYS C 262 -40.70 3.41 17.40
CA LYS C 262 -41.72 3.16 18.40
C LYS C 262 -41.16 2.40 19.60
N ARG C 263 -40.01 1.75 19.45
CA ARG C 263 -39.36 1.11 20.58
C ARG C 263 -38.73 2.15 21.49
N LYS C 264 -38.05 3.15 20.92
CA LYS C 264 -37.44 4.20 21.72
C LYS C 264 -38.52 5.15 22.23
N HIS C 265 -38.36 5.59 23.47
CA HIS C 265 -39.18 6.63 24.05
C HIS C 265 -38.29 7.76 24.54
N THR C 266 -38.67 8.99 24.24
CA THR C 266 -37.89 10.15 24.62
C THR C 266 -38.46 10.78 25.88
N GLN C 267 -37.63 11.56 26.56
CA GLN C 267 -38.04 12.20 27.80
C GLN C 267 -38.07 13.72 27.66
N TRP C 268 -36.94 14.34 27.31
CA TRP C 268 -36.83 15.80 27.29
C TRP C 268 -35.58 16.18 26.52
N THR C 269 -35.52 17.44 26.11
CA THR C 269 -34.40 17.96 25.36
C THR C 269 -33.84 19.20 26.02
N TYR C 270 -32.63 19.59 25.62
CA TYR C 270 -31.96 20.74 26.21
C TYR C 270 -31.08 21.37 25.13
N GLY C 271 -31.67 22.29 24.35
CA GLY C 271 -31.00 22.89 23.23
C GLY C 271 -30.53 21.86 22.22
N PRO C 272 -29.21 21.73 22.07
CA PRO C 272 -28.67 20.64 21.25
C PRO C 272 -28.53 19.31 21.97
N LEU C 273 -28.96 19.25 23.23
CA LEU C 273 -28.91 18.03 24.02
C LEU C 273 -30.33 17.47 24.16
N THR C 274 -30.42 16.15 24.26
CA THR C 274 -31.71 15.47 24.44
C THR C 274 -31.60 14.45 25.56
N SER C 275 -32.71 13.77 25.82
CA SER C 275 -32.76 12.70 26.81
C SER C 275 -33.80 11.69 26.35
N THR C 276 -33.36 10.49 26.01
CA THR C 276 -34.22 9.42 25.53
C THR C 276 -34.18 8.25 26.51
N LEU C 277 -34.84 7.16 26.14
CA LEU C 277 -34.89 5.97 26.98
C LEU C 277 -35.18 4.78 26.07
N TYR C 278 -34.51 3.66 26.34
CA TYR C 278 -34.64 2.48 25.49
C TYR C 278 -35.47 1.41 26.17
N ASP C 279 -36.21 0.65 25.36
CA ASP C 279 -37.08 -0.38 25.89
C ASP C 279 -36.27 -1.58 26.39
N LEU C 280 -35.38 -2.10 25.56
CA LEU C 280 -34.35 -3.10 25.87
C LEU C 280 -34.93 -4.49 26.16
N THR C 281 -36.26 -4.63 26.20
CA THR C 281 -36.92 -5.80 26.78
C THR C 281 -36.78 -7.06 25.94
N GLU C 282 -36.31 -6.96 24.71
CA GLU C 282 -36.05 -8.13 23.89
C GLU C 282 -34.66 -8.06 23.31
N ILE C 283 -33.72 -7.57 24.12
CA ILE C 283 -32.31 -7.47 23.74
C ILE C 283 -31.42 -8.20 24.74
N ASP C 284 -31.54 -7.87 26.02
CA ASP C 284 -30.80 -8.57 27.05
C ASP C 284 -31.48 -9.90 27.37
N SER C 285 -30.67 -10.87 27.81
CA SER C 285 -31.18 -12.18 28.21
C SER C 285 -31.97 -12.03 29.50
N SER C 286 -33.29 -11.99 29.38
CA SER C 286 -34.14 -11.89 30.56
C SER C 286 -34.18 -13.20 31.31
N GLY C 287 -34.64 -14.26 30.66
CA GLY C 287 -34.69 -15.59 31.24
C GLY C 287 -33.88 -16.55 30.39
N ASP C 288 -34.40 -17.77 30.26
CA ASP C 288 -33.75 -18.81 29.48
C ASP C 288 -34.05 -18.70 27.99
N GLU C 289 -34.77 -17.67 27.57
CA GLU C 289 -35.17 -17.55 26.17
C GLU C 289 -33.99 -17.14 25.30
N GLN C 290 -34.15 -17.38 24.00
CA GLN C 290 -33.15 -17.00 23.01
C GLN C 290 -33.19 -15.49 22.86
N SER C 291 -32.16 -14.82 23.37
CA SER C 291 -32.14 -13.37 23.33
C SER C 291 -31.67 -12.87 21.95
N LEU C 292 -31.72 -11.55 21.80
CA LEU C 292 -31.21 -10.91 20.59
C LEU C 292 -29.70 -11.10 20.48
N LEU C 293 -28.99 -10.93 21.59
CA LEU C 293 -27.53 -10.99 21.60
C LEU C 293 -27.05 -12.40 21.28
N GLU C 294 -27.76 -13.41 21.77
CA GLU C 294 -27.46 -14.79 21.41
C GLU C 294 -27.64 -15.02 19.92
N LEU C 295 -28.67 -14.43 19.33
CA LEU C 295 -28.93 -14.63 17.91
C LEU C 295 -27.97 -13.85 17.03
N ILE C 296 -27.16 -12.96 17.59
CA ILE C 296 -26.18 -12.23 16.78
C ILE C 296 -25.05 -13.14 16.35
N ILE C 297 -24.37 -13.75 17.33
CA ILE C 297 -23.18 -14.52 17.01
C ILE C 297 -23.47 -15.90 16.45
N THR C 298 -24.71 -16.35 16.53
CA THR C 298 -25.06 -17.68 16.01
C THR C 298 -25.49 -17.60 14.55
N THR C 299 -24.57 -17.12 13.72
CA THR C 299 -24.78 -17.09 12.28
C THR C 299 -23.43 -17.12 11.59
N LYS C 300 -23.47 -17.33 10.27
CA LYS C 300 -22.32 -17.18 9.41
C LYS C 300 -22.42 -15.93 8.55
N LYS C 301 -23.50 -15.17 8.70
CA LYS C 301 -23.75 -14.00 7.86
C LYS C 301 -22.85 -12.85 8.30
N ARG C 302 -22.16 -12.24 7.35
CA ARG C 302 -21.16 -11.23 7.66
C ARG C 302 -21.79 -9.89 8.00
N GLU C 303 -22.78 -9.47 7.22
CA GLU C 303 -23.33 -8.12 7.35
C GLU C 303 -24.12 -7.92 8.64
N ALA C 304 -24.55 -8.99 9.29
CA ALA C 304 -25.26 -8.84 10.55
C ALA C 304 -24.34 -8.53 11.72
N ARG C 305 -23.04 -8.62 11.54
CA ARG C 305 -22.13 -8.34 12.63
C ARG C 305 -21.88 -6.85 12.83
N GLN C 306 -22.14 -6.02 11.82
CA GLN C 306 -22.00 -4.58 11.97
C GLN C 306 -23.26 -3.92 12.50
N ILE C 307 -24.24 -4.70 12.95
CA ILE C 307 -25.38 -4.17 13.68
C ILE C 307 -24.93 -3.58 15.02
N LEU C 308 -23.80 -4.04 15.56
CA LEU C 308 -23.30 -3.63 16.86
C LEU C 308 -22.83 -2.18 16.93
N ASP C 309 -22.94 -1.41 15.85
CA ASP C 309 -22.55 -0.01 15.84
C ASP C 309 -23.77 0.90 15.91
N GLN C 310 -24.75 0.56 16.75
CA GLN C 310 -25.95 1.35 16.88
C GLN C 310 -26.16 1.80 18.31
N THR C 311 -26.85 2.94 18.44
CA THR C 311 -27.10 3.60 19.71
C THR C 311 -27.90 2.85 20.79
N PRO C 312 -28.69 1.79 20.52
CA PRO C 312 -29.12 0.98 21.67
C PRO C 312 -28.14 -0.13 21.99
N VAL C 313 -27.30 -0.48 21.03
CA VAL C 313 -26.65 -1.78 21.06
C VAL C 313 -25.36 -1.75 21.86
N LYS C 314 -24.39 -0.97 21.39
CA LYS C 314 -23.04 -1.04 21.95
C LYS C 314 -22.94 -0.41 23.31
N GLU C 315 -23.88 0.47 23.65
CA GLU C 315 -23.81 1.14 24.94
C GLU C 315 -24.22 0.22 26.07
N LEU C 316 -25.09 -0.75 25.77
CA LEU C 316 -25.28 -1.88 26.68
C LEU C 316 -24.01 -2.68 26.81
N VAL C 317 -23.33 -2.92 25.69
CA VAL C 317 -22.10 -3.70 25.69
C VAL C 317 -20.99 -2.93 26.39
N SER C 318 -20.82 -1.67 26.04
CA SER C 318 -19.77 -0.85 26.63
C SER C 318 -20.15 -0.28 27.99
N LEU C 319 -21.16 -0.82 28.66
CA LEU C 319 -21.37 -0.54 30.07
C LEU C 319 -21.03 -1.75 30.93
N LYS C 320 -21.63 -2.90 30.65
CA LYS C 320 -21.53 -4.03 31.57
C LYS C 320 -20.19 -4.75 31.47
N TRP C 321 -19.52 -4.71 30.33
CA TRP C 321 -18.16 -5.21 30.31
C TRP C 321 -17.18 -4.25 30.97
N LYS C 322 -17.47 -2.96 30.92
CA LYS C 322 -16.65 -1.98 31.63
C LYS C 322 -16.81 -2.08 33.13
N ARG C 323 -18.00 -2.41 33.62
CA ARG C 323 -18.20 -2.44 35.06
C ARG C 323 -18.06 -3.82 35.65
N TYR C 324 -18.34 -4.88 34.90
CA TYR C 324 -18.38 -6.23 35.45
C TYR C 324 -17.43 -7.20 34.78
N GLY C 325 -17.28 -7.13 33.46
CA GLY C 325 -16.55 -8.13 32.71
C GLY C 325 -15.06 -8.13 32.96
N ARG C 326 -14.42 -6.97 32.78
CA ARG C 326 -12.99 -6.84 33.04
C ARG C 326 -12.55 -7.22 34.46
N PRO C 327 -13.32 -7.00 35.53
CA PRO C 327 -12.97 -7.69 36.77
C PRO C 327 -13.19 -9.19 36.69
N TYR C 328 -14.27 -9.63 36.08
CA TYR C 328 -14.56 -11.05 36.06
C TYR C 328 -13.67 -11.80 35.09
N PHE C 329 -13.26 -11.15 34.00
CA PHE C 329 -12.43 -11.83 33.01
C PHE C 329 -11.00 -12.00 33.51
N CYS C 330 -10.46 -10.98 34.18
CA CYS C 330 -9.07 -11.03 34.64
C CYS C 330 -8.89 -11.99 35.79
N MET C 331 -9.84 -12.05 36.73
CA MET C 331 -9.72 -13.00 37.83
C MET C 331 -9.90 -14.43 37.33
N LEU C 332 -10.79 -14.63 36.37
CA LEU C 332 -10.81 -15.91 35.67
C LEU C 332 -9.53 -16.11 34.87
N GLY C 333 -8.98 -15.04 34.32
CA GLY C 333 -7.69 -15.12 33.69
C GLY C 333 -6.56 -15.38 34.67
N ALA C 334 -6.71 -14.93 35.91
CA ALA C 334 -5.65 -15.11 36.90
C ALA C 334 -5.56 -16.54 37.41
N ILE C 335 -6.70 -17.17 37.67
CA ILE C 335 -6.71 -18.48 38.29
C ILE C 335 -6.19 -19.55 37.33
N TYR C 336 -6.49 -19.39 36.04
CA TYR C 336 -5.95 -20.32 35.05
C TYR C 336 -4.44 -20.20 34.93
N LEU C 337 -3.89 -19.01 35.18
CA LEU C 337 -2.45 -18.87 35.22
C LEU C 337 -1.86 -19.60 36.42
N LEU C 338 -2.59 -19.65 37.53
CA LEU C 338 -2.12 -20.42 38.68
C LEU C 338 -2.23 -21.92 38.44
N TYR C 339 -3.19 -22.34 37.61
CA TYR C 339 -3.45 -23.75 37.42
C TYR C 339 -2.32 -24.44 36.67
N ILE C 340 -1.59 -23.70 35.85
CA ILE C 340 -0.62 -24.33 34.97
C ILE C 340 0.78 -24.35 35.56
N ILE C 341 1.08 -23.43 36.47
CA ILE C 341 2.44 -23.30 36.98
C ILE C 341 2.71 -24.39 38.02
N CYS C 342 1.72 -24.67 38.86
CA CYS C 342 1.81 -25.82 39.74
C CYS C 342 1.79 -27.12 38.93
N PHE C 343 1.06 -27.13 37.82
CA PHE C 343 1.15 -28.24 36.89
C PHE C 343 2.52 -28.28 36.22
N THR C 344 3.11 -27.11 35.98
CA THR C 344 4.49 -27.11 35.52
C THR C 344 5.43 -27.55 36.63
N MET C 345 5.10 -27.20 37.87
CA MET C 345 5.95 -27.51 39.03
C MET C 345 6.04 -29.01 39.26
N CYS C 346 4.93 -29.72 39.11
CA CYS C 346 4.97 -31.15 39.34
C CYS C 346 5.61 -31.89 38.18
N CYS C 347 5.32 -31.47 36.95
CA CYS C 347 5.80 -32.20 35.78
C CYS C 347 7.30 -32.04 35.57
N ILE C 348 7.93 -31.00 36.13
CA ILE C 348 9.38 -30.91 36.07
C ILE C 348 10.06 -31.64 37.21
N TYR C 349 9.30 -32.18 38.16
CA TYR C 349 9.86 -32.86 39.32
C TYR C 349 9.50 -34.33 39.36
N ARG C 350 9.54 -35.00 38.22
CA ARG C 350 9.15 -36.39 38.14
C ARG C 350 10.19 -37.30 38.79
N PRO C 351 9.78 -38.42 39.39
CA PRO C 351 10.76 -39.30 40.03
C PRO C 351 11.56 -40.07 39.00
N LEU C 352 12.78 -40.42 39.38
CA LEU C 352 13.75 -40.88 38.40
C LEU C 352 14.87 -41.63 39.11
N LYS C 353 15.30 -42.74 38.53
CA LYS C 353 16.42 -43.53 39.02
C LYS C 353 17.47 -43.58 37.91
N PRO C 354 18.64 -44.19 38.10
CA PRO C 354 19.52 -44.44 36.97
C PRO C 354 19.20 -45.76 36.26
N ARG C 355 19.98 -46.05 35.22
CA ARG C 355 19.76 -47.19 34.34
C ARG C 355 20.07 -48.49 35.07
N THR C 356 19.35 -49.55 34.71
CA THR C 356 19.59 -50.87 35.26
C THR C 356 20.10 -51.89 34.26
N ASN C 357 19.75 -51.75 32.97
CA ASN C 357 20.02 -52.80 32.00
C ASN C 357 21.31 -52.61 31.23
N ASN C 358 22.29 -51.92 31.82
CA ASN C 358 23.72 -52.10 31.60
C ASN C 358 24.21 -51.65 30.22
N ARG C 359 23.38 -50.93 29.45
CA ARG C 359 23.69 -50.44 28.09
C ARG C 359 24.04 -51.63 27.18
N THR C 360 23.02 -52.43 26.92
CA THR C 360 23.25 -53.76 26.37
C THR C 360 23.23 -53.79 24.85
N SER C 361 22.12 -53.42 24.25
CA SER C 361 21.97 -53.71 22.83
C SER C 361 22.66 -52.72 21.88
N PRO C 362 22.47 -51.39 21.94
CA PRO C 362 23.03 -50.58 20.87
C PRO C 362 24.46 -50.14 21.13
N ARG C 363 25.30 -50.29 20.11
CA ARG C 363 26.65 -49.76 20.13
C ARG C 363 26.55 -48.28 19.79
N ASP C 364 26.66 -47.44 20.81
CA ASP C 364 26.67 -45.97 20.69
C ASP C 364 25.41 -45.44 20.03
N ASN C 365 24.28 -46.09 20.28
CA ASN C 365 23.00 -45.61 19.76
C ASN C 365 21.97 -45.52 20.86
N THR C 366 22.40 -45.63 22.11
CA THR C 366 21.63 -45.12 23.23
C THR C 366 22.45 -44.06 23.93
N LEU C 367 21.76 -43.09 24.50
CA LEU C 367 22.41 -42.09 25.33
C LEU C 367 21.50 -41.74 26.50
N LEU C 368 20.36 -42.40 26.62
CA LEU C 368 19.52 -42.30 27.82
C LEU C 368 20.06 -43.23 28.90
N GLN C 369 19.95 -42.79 30.15
CA GLN C 369 20.56 -43.55 31.22
C GLN C 369 19.71 -43.60 32.48
N GLN C 370 18.40 -43.39 32.37
CA GLN C 370 17.61 -43.21 33.58
C GLN C 370 16.54 -44.27 33.81
N LYS C 371 15.64 -44.50 32.84
CA LYS C 371 14.58 -45.53 32.87
C LYS C 371 13.72 -45.43 34.16
N LEU C 372 12.89 -44.39 34.16
CA LEU C 372 12.17 -43.83 35.30
C LEU C 372 11.47 -44.78 36.26
N LEU C 373 11.24 -44.27 37.48
CA LEU C 373 10.82 -45.05 38.64
C LEU C 373 9.39 -45.56 38.52
N GLN C 374 8.91 -46.13 39.61
CA GLN C 374 7.70 -46.94 39.64
C GLN C 374 6.94 -46.50 40.90
N GLU C 375 5.99 -47.32 41.38
CA GLU C 375 5.15 -46.96 42.51
C GLU C 375 5.89 -46.86 43.84
N ALA C 376 7.17 -47.21 43.90
CA ALA C 376 7.96 -46.93 45.09
C ALA C 376 8.13 -45.42 45.20
N TYR C 377 7.36 -44.80 46.09
CA TYR C 377 7.06 -43.39 45.98
C TYR C 377 7.15 -42.62 47.30
N MET C 378 7.03 -43.27 48.44
CA MET C 378 6.81 -42.58 49.70
C MET C 378 8.08 -41.93 50.22
N THR C 379 8.07 -40.61 50.29
CA THR C 379 9.14 -39.81 50.88
C THR C 379 8.53 -38.46 51.27
N PRO C 380 9.14 -37.75 52.23
CA PRO C 380 8.58 -36.44 52.62
C PRO C 380 8.85 -35.30 51.65
N LYS C 381 9.29 -35.59 50.43
CA LYS C 381 9.33 -34.59 49.37
C LYS C 381 8.30 -34.82 48.27
N ASP C 382 7.98 -36.08 47.96
CA ASP C 382 7.00 -36.36 46.91
C ASP C 382 5.59 -36.03 47.36
N ASP C 383 5.36 -35.96 48.68
CA ASP C 383 4.05 -35.62 49.23
C ASP C 383 3.61 -34.22 48.79
N ILE C 384 4.58 -33.31 48.66
CA ILE C 384 4.31 -32.00 48.09
C ILE C 384 3.85 -32.14 46.64
N ARG C 385 4.58 -32.97 45.88
CA ARG C 385 4.17 -33.23 44.50
C ARG C 385 2.88 -34.05 44.46
N LEU C 386 2.65 -34.89 45.46
CA LEU C 386 1.42 -35.68 45.52
C LEU C 386 0.20 -34.79 45.66
N VAL C 387 0.27 -33.80 46.54
CA VAL C 387 -0.77 -32.78 46.60
C VAL C 387 -0.75 -31.93 45.34
N GLY C 388 0.46 -31.71 44.79
CA GLY C 388 0.58 -30.86 43.61
C GLY C 388 -0.09 -31.44 42.38
N GLU C 389 0.15 -32.71 42.09
CA GLU C 389 -0.56 -33.31 40.98
C GLU C 389 -1.98 -33.71 41.33
N LEU C 390 -2.36 -33.65 42.60
CA LEU C 390 -3.75 -33.94 42.96
C LEU C 390 -4.68 -32.83 42.48
N VAL C 391 -4.21 -31.59 42.52
CA VAL C 391 -5.06 -30.45 42.20
C VAL C 391 -5.35 -30.40 40.71
N THR C 392 -4.33 -30.62 39.88
CA THR C 392 -4.49 -30.51 38.44
C THR C 392 -5.36 -31.61 37.86
N VAL C 393 -5.48 -32.75 38.55
CA VAL C 393 -6.41 -33.78 38.09
C VAL C 393 -7.84 -33.34 38.34
N ILE C 394 -8.11 -32.85 39.55
CA ILE C 394 -9.48 -32.47 39.93
C ILE C 394 -9.91 -31.23 39.16
N GLY C 395 -8.98 -30.30 38.91
CA GLY C 395 -9.29 -29.15 38.10
C GLY C 395 -9.57 -29.51 36.66
N ALA C 396 -8.96 -30.59 36.16
CA ALA C 396 -9.26 -31.05 34.81
C ALA C 396 -10.66 -31.63 34.72
N ILE C 397 -11.15 -32.21 35.83
CA ILE C 397 -12.51 -32.72 35.88
C ILE C 397 -13.50 -31.57 35.75
N ILE C 398 -13.16 -30.43 36.33
CA ILE C 398 -14.02 -29.25 36.31
C ILE C 398 -14.20 -28.75 34.88
N ILE C 399 -13.16 -28.87 34.06
CA ILE C 399 -13.27 -28.54 32.64
C ILE C 399 -14.23 -29.51 31.96
N LEU C 400 -14.21 -30.77 32.36
CA LEU C 400 -15.10 -31.76 31.79
C LEU C 400 -16.46 -31.78 32.45
N LEU C 401 -16.79 -30.77 33.26
CA LEU C 401 -18.12 -30.65 33.84
C LEU C 401 -18.84 -29.38 33.41
N VAL C 402 -18.27 -28.61 32.48
CA VAL C 402 -18.90 -27.36 32.08
C VAL C 402 -19.13 -27.33 30.57
N GLU C 403 -18.35 -28.11 29.82
CA GLU C 403 -18.45 -28.14 28.37
C GLU C 403 -18.92 -29.48 27.84
N VAL C 404 -18.58 -30.57 28.54
CA VAL C 404 -19.26 -31.85 28.31
C VAL C 404 -20.77 -31.74 28.45
N PRO C 405 -21.36 -31.04 29.45
CA PRO C 405 -22.82 -30.88 29.43
C PRO C 405 -23.33 -29.97 28.31
N ASP C 406 -22.47 -29.20 27.64
CA ASP C 406 -22.94 -28.34 26.57
C ASP C 406 -23.30 -29.14 25.33
N ILE C 407 -22.45 -30.11 24.96
CA ILE C 407 -22.63 -30.80 23.69
C ILE C 407 -23.75 -31.84 23.72
N PHE C 408 -24.38 -32.07 24.86
CA PHE C 408 -25.59 -32.90 24.86
C PHE C 408 -26.76 -32.20 24.19
N ARG C 409 -26.76 -30.87 24.15
CA ARG C 409 -27.86 -30.11 23.58
C ARG C 409 -27.44 -29.08 22.56
N MET C 410 -26.15 -28.74 22.46
CA MET C 410 -25.67 -27.75 21.51
C MET C 410 -25.18 -28.39 20.21
N GLY C 411 -25.76 -29.53 19.84
CA GLY C 411 -25.52 -30.28 18.63
C GLY C 411 -24.07 -30.70 18.43
N VAL C 412 -23.78 -31.10 17.20
CA VAL C 412 -22.43 -31.41 16.77
C VAL C 412 -21.90 -30.33 15.84
N THR C 413 -22.55 -30.15 14.68
CA THR C 413 -22.21 -29.06 13.78
C THR C 413 -22.57 -27.71 14.39
N ARG C 414 -23.63 -27.69 15.21
CA ARG C 414 -23.99 -26.49 15.96
C ARG C 414 -22.90 -26.11 16.96
N PHE C 415 -22.20 -27.11 17.50
CA PHE C 415 -21.04 -26.80 18.34
C PHE C 415 -19.87 -26.29 17.50
N PHE C 416 -19.64 -26.89 16.33
CA PHE C 416 -18.59 -26.39 15.45
C PHE C 416 -18.97 -25.11 14.75
N GLY C 417 -20.24 -24.71 14.77
CA GLY C 417 -20.62 -23.42 14.23
C GLY C 417 -20.05 -22.27 15.03
N GLN C 418 -19.89 -22.45 16.34
CA GLN C 418 -19.27 -21.46 17.21
C GLN C 418 -17.77 -21.37 17.00
N THR C 419 -17.16 -22.41 16.43
CA THR C 419 -15.71 -22.57 16.46
C THR C 419 -14.99 -21.55 15.58
N ILE C 420 -15.44 -21.38 14.34
CA ILE C 420 -14.74 -20.53 13.39
C ILE C 420 -14.90 -19.06 13.75
N LEU C 421 -16.06 -18.69 14.30
CA LEU C 421 -16.33 -17.29 14.61
C LEU C 421 -15.51 -16.83 15.80
N GLY C 422 -15.59 -17.54 16.93
CA GLY C 422 -14.96 -17.11 18.16
C GLY C 422 -13.59 -17.67 18.44
N GLY C 423 -13.05 -18.52 17.57
CA GLY C 423 -11.76 -19.12 17.80
C GLY C 423 -11.87 -20.56 18.26
N PRO C 424 -10.94 -21.42 17.80
CA PRO C 424 -11.02 -22.86 18.08
C PRO C 424 -10.42 -23.26 19.42
N PHE C 425 -10.78 -22.54 20.47
CA PHE C 425 -10.22 -22.82 21.77
C PHE C 425 -11.04 -23.82 22.56
N HIS C 426 -12.34 -23.92 22.27
CA HIS C 426 -13.22 -24.82 23.02
C HIS C 426 -12.85 -26.27 22.81
N VAL C 427 -12.28 -26.61 21.65
CA VAL C 427 -11.82 -27.98 21.44
C VAL C 427 -10.56 -28.24 22.26
N LEU C 428 -9.64 -27.29 22.26
CA LEU C 428 -8.32 -27.51 22.83
C LEU C 428 -8.35 -27.55 24.35
N ILE C 429 -9.36 -26.95 24.97
CA ILE C 429 -9.39 -26.99 26.43
C ILE C 429 -9.83 -28.36 26.94
N ILE C 430 -10.67 -29.07 26.20
CA ILE C 430 -10.96 -30.46 26.53
C ILE C 430 -9.78 -31.34 26.13
N THR C 431 -9.12 -30.98 25.03
CA THR C 431 -7.94 -31.71 24.57
C THR C 431 -6.80 -31.61 25.57
N TYR C 432 -6.76 -30.50 26.32
CA TYR C 432 -5.86 -30.38 27.46
C TYR C 432 -6.15 -31.46 28.49
N ALA C 433 -7.37 -31.48 29.02
CA ALA C 433 -7.74 -32.40 30.09
C ALA C 433 -7.82 -33.84 29.60
N PHE C 434 -7.93 -34.06 28.29
CA PHE C 434 -7.97 -35.41 27.75
C PHE C 434 -6.65 -36.13 28.01
N MET C 435 -5.53 -35.42 27.91
CA MET C 435 -4.25 -36.02 28.24
C MET C 435 -4.01 -36.09 29.74
N VAL C 436 -4.69 -35.25 30.51
CA VAL C 436 -4.53 -35.27 31.97
C VAL C 436 -5.14 -36.55 32.54
N LEU C 437 -6.17 -37.08 31.88
CA LEU C 437 -6.69 -38.40 32.26
C LEU C 437 -5.64 -39.49 32.05
N VAL C 438 -4.83 -39.34 31.00
CA VAL C 438 -3.86 -40.37 30.67
C VAL C 438 -2.69 -40.35 31.64
N THR C 439 -2.23 -39.15 32.00
CA THR C 439 -1.00 -39.00 32.77
C THR C 439 -1.13 -39.45 34.22
N MET C 440 -2.34 -39.77 34.68
CA MET C 440 -2.50 -40.37 36.00
C MET C 440 -2.83 -41.85 35.93
N VAL C 441 -3.42 -42.30 34.83
CA VAL C 441 -3.67 -43.73 34.65
C VAL C 441 -2.37 -44.46 34.39
N MET C 442 -1.57 -43.97 33.44
CA MET C 442 -0.28 -44.59 33.17
C MET C 442 0.71 -44.37 34.32
N ARG C 443 0.51 -43.31 35.11
CA ARG C 443 1.22 -43.22 36.38
C ARG C 443 0.77 -44.32 37.33
N LEU C 444 -0.52 -44.65 37.33
CA LEU C 444 -1.03 -45.66 38.24
C LEU C 444 -0.56 -47.05 37.84
N ILE C 445 -0.75 -47.41 36.56
CA ILE C 445 -0.40 -48.76 36.12
C ILE C 445 1.05 -48.92 35.77
N SER C 446 1.86 -47.85 35.91
CA SER C 446 3.31 -47.84 35.67
C SER C 446 3.64 -48.25 34.23
N ALA C 447 3.16 -47.44 33.30
CA ALA C 447 3.47 -47.69 31.89
C ALA C 447 4.83 -47.11 31.54
N SER C 448 5.30 -47.46 30.35
CA SER C 448 6.62 -47.01 29.90
C SER C 448 6.59 -45.53 29.51
N GLY C 449 5.67 -45.17 28.62
CA GLY C 449 5.66 -43.82 28.07
C GLY C 449 4.90 -42.82 28.90
N GLU C 450 5.63 -42.04 29.69
CA GLU C 450 5.05 -40.95 30.45
C GLU C 450 5.37 -39.60 29.83
N VAL C 451 6.50 -39.51 29.12
CA VAL C 451 6.93 -38.25 28.52
C VAL C 451 5.96 -37.79 27.43
N VAL C 452 5.49 -38.73 26.61
CA VAL C 452 4.71 -38.37 25.44
C VAL C 452 3.33 -37.81 25.77
N PRO C 453 2.53 -38.40 26.67
CA PRO C 453 1.23 -37.75 26.96
C PRO C 453 1.39 -36.47 27.75
N MET C 454 2.44 -36.33 28.55
CA MET C 454 2.68 -35.04 29.19
C MET C 454 3.11 -33.99 28.18
N SER C 455 3.73 -34.41 27.08
CA SER C 455 4.36 -33.47 26.16
C SER C 455 3.31 -32.63 25.44
N PHE C 456 2.25 -33.25 24.96
CA PHE C 456 1.10 -32.48 24.49
C PHE C 456 0.46 -31.74 25.66
N ALA C 457 0.38 -32.38 26.83
CA ALA C 457 -0.32 -31.81 27.97
C ALA C 457 0.35 -30.55 28.49
N LEU C 458 1.67 -30.46 28.39
CA LEU C 458 2.32 -29.23 28.80
C LEU C 458 2.12 -28.13 27.77
N VAL C 459 2.23 -28.46 26.49
CA VAL C 459 2.23 -27.40 25.50
C VAL C 459 0.81 -26.95 25.17
N LEU C 460 -0.18 -27.83 25.33
CA LEU C 460 -1.54 -27.43 24.99
C LEU C 460 -2.15 -26.53 26.04
N GLY C 461 -1.64 -26.58 27.26
CA GLY C 461 -2.16 -25.69 28.30
C GLY C 461 -1.77 -24.25 28.05
N TRP C 462 -0.48 -24.02 27.76
CA TRP C 462 0.01 -22.67 27.56
C TRP C 462 -0.54 -22.03 26.30
N CYS C 463 -0.97 -22.83 25.33
CA CYS C 463 -1.64 -22.27 24.18
C CYS C 463 -3.00 -21.69 24.56
N ASN C 464 -3.66 -22.29 25.55
CA ASN C 464 -4.95 -21.77 25.99
C ASN C 464 -4.84 -20.50 26.82
N VAL C 465 -3.62 -20.04 27.13
CA VAL C 465 -3.46 -18.75 27.78
C VAL C 465 -3.88 -17.63 26.84
N MET C 466 -3.66 -17.81 25.54
CA MET C 466 -4.07 -16.81 24.56
C MET C 466 -5.58 -16.73 24.38
N TYR C 467 -6.35 -17.68 24.93
CA TYR C 467 -7.78 -17.47 25.07
C TYR C 467 -8.11 -16.36 26.05
N PHE C 468 -7.19 -16.04 26.95
CA PHE C 468 -7.35 -14.85 27.78
C PHE C 468 -6.53 -13.68 27.26
N ALA C 469 -6.03 -13.78 26.03
CA ALA C 469 -5.44 -12.61 25.37
C ALA C 469 -6.49 -11.89 24.53
N ARG C 470 -7.63 -11.60 25.15
CA ARG C 470 -8.77 -11.00 24.48
C ARG C 470 -9.32 -9.79 25.22
N GLY C 471 -9.05 -9.68 26.52
CA GLY C 471 -9.54 -8.59 27.32
C GLY C 471 -8.66 -7.37 27.35
N PHE C 472 -7.84 -7.16 26.33
CA PHE C 472 -7.02 -5.96 26.23
C PHE C 472 -6.94 -5.55 24.77
N GLN C 473 -6.97 -4.23 24.54
CA GLN C 473 -6.96 -3.74 23.17
C GLN C 473 -5.58 -3.87 22.54
N MET C 474 -4.53 -3.85 23.36
CA MET C 474 -3.17 -3.77 22.84
C MET C 474 -2.72 -5.08 22.22
N LEU C 475 -3.22 -6.22 22.70
CA LEU C 475 -2.80 -7.52 22.20
C LEU C 475 -3.98 -8.41 21.81
N GLY C 476 -5.21 -7.92 21.95
CA GLY C 476 -6.39 -8.64 21.54
C GLY C 476 -6.49 -8.95 20.06
N PRO C 477 -6.63 -7.91 19.21
CA PRO C 477 -6.85 -8.16 17.77
C PRO C 477 -5.69 -8.79 17.05
N PHE C 478 -4.48 -8.77 17.63
CA PHE C 478 -3.35 -9.45 17.02
C PHE C 478 -3.53 -10.95 17.00
N THR C 479 -4.31 -11.48 17.95
CA THR C 479 -4.57 -12.90 18.01
C THR C 479 -5.45 -13.37 16.86
N ILE C 480 -6.26 -12.48 16.29
CA ILE C 480 -7.24 -12.87 15.30
C ILE C 480 -6.59 -13.25 13.98
N MET C 481 -5.69 -12.41 13.49
CA MET C 481 -5.09 -12.70 12.19
C MET C 481 -4.06 -13.83 12.27
N ILE C 482 -3.65 -14.24 13.48
CA ILE C 482 -2.98 -15.51 13.64
C ILE C 482 -3.89 -16.65 13.20
N GLN C 483 -5.13 -16.63 13.70
CA GLN C 483 -6.13 -17.63 13.30
C GLN C 483 -6.47 -17.51 11.82
N LYS C 484 -6.44 -16.30 11.26
CA LYS C 484 -6.71 -16.12 9.85
C LYS C 484 -5.55 -16.53 8.95
N MET C 485 -4.44 -16.99 9.51
CA MET C 485 -3.36 -17.54 8.70
C MET C 485 -3.08 -19.01 8.98
N ILE C 486 -3.39 -19.49 10.18
CA ILE C 486 -3.28 -20.93 10.45
C ILE C 486 -4.31 -21.69 9.63
N PHE C 487 -5.57 -21.29 9.72
CA PHE C 487 -6.59 -21.75 8.78
C PHE C 487 -6.55 -21.00 7.45
N GLY C 488 -5.60 -20.08 7.30
CA GLY C 488 -5.49 -19.31 6.08
C GLY C 488 -4.24 -19.61 5.28
N ASP C 489 -3.30 -18.66 5.28
CA ASP C 489 -2.22 -18.69 4.31
C ASP C 489 -1.10 -19.66 4.66
N LEU C 490 -0.99 -20.09 5.91
CA LEU C 490 0.02 -21.10 6.21
C LEU C 490 -0.45 -22.48 5.73
N MET C 491 -1.76 -22.71 5.77
CA MET C 491 -2.29 -23.99 5.33
C MET C 491 -2.13 -24.17 3.83
N ARG C 492 -2.36 -23.11 3.05
CA ARG C 492 -2.11 -23.18 1.63
C ARG C 492 -0.62 -23.22 1.31
N PHE C 493 0.21 -22.74 2.24
CA PHE C 493 1.65 -22.87 2.06
C PHE C 493 2.12 -24.29 2.33
N CYS C 494 1.44 -24.99 3.23
CA CYS C 494 1.86 -26.33 3.61
C CYS C 494 1.64 -27.33 2.48
N TRP C 495 0.60 -27.15 1.68
CA TRP C 495 0.33 -28.04 0.56
C TRP C 495 1.15 -27.72 -0.68
N LEU C 496 2.14 -26.86 -0.56
CA LEU C 496 3.22 -26.77 -1.54
C LEU C 496 4.59 -26.99 -0.93
N MET C 497 4.75 -26.66 0.36
CA MET C 497 6.00 -26.92 1.06
C MET C 497 6.29 -28.41 1.15
N ALA C 498 5.26 -29.20 1.48
CA ALA C 498 5.41 -30.64 1.50
C ALA C 498 5.65 -31.21 0.11
N VAL C 499 5.15 -30.53 -0.92
CA VAL C 499 5.43 -30.95 -2.28
C VAL C 499 6.90 -30.73 -2.61
N VAL C 500 7.51 -29.69 -2.05
CA VAL C 500 8.92 -29.46 -2.30
C VAL C 500 9.79 -30.44 -1.53
N ILE C 501 9.53 -30.58 -0.23
CA ILE C 501 10.45 -31.31 0.63
C ILE C 501 10.34 -32.82 0.47
N LEU C 502 9.23 -33.33 -0.03
CA LEU C 502 9.16 -34.77 -0.27
C LEU C 502 9.95 -35.17 -1.50
N GLY C 503 10.26 -34.24 -2.37
CA GLY C 503 11.05 -34.53 -3.54
C GLY C 503 12.53 -34.51 -3.27
N PHE C 504 13.02 -33.36 -2.77
CA PHE C 504 14.46 -33.15 -2.60
C PHE C 504 15.07 -34.12 -1.60
N ALA C 505 14.32 -34.48 -0.55
CA ALA C 505 14.83 -35.39 0.46
C ALA C 505 15.08 -36.77 -0.12
N SER C 506 14.11 -37.29 -0.88
CA SER C 506 14.34 -38.53 -1.61
C SER C 506 15.42 -38.35 -2.66
N ALA C 507 15.49 -37.17 -3.27
CA ALA C 507 16.57 -36.89 -4.20
C ALA C 507 17.91 -36.82 -3.49
N PHE C 508 17.93 -36.24 -2.29
CA PHE C 508 19.16 -36.20 -1.51
C PHE C 508 19.59 -37.58 -1.05
N TYR C 509 18.62 -38.47 -0.81
CA TYR C 509 18.90 -39.72 -0.11
C TYR C 509 19.76 -40.65 -0.95
N ILE C 510 19.55 -40.67 -2.25
CA ILE C 510 20.35 -41.54 -3.10
C ILE C 510 21.76 -41.02 -3.27
N ILE C 511 22.00 -39.74 -2.98
CA ILE C 511 23.31 -39.15 -3.20
C ILE C 511 24.29 -39.67 -2.17
N PHE C 512 23.97 -39.49 -0.89
CA PHE C 512 24.80 -40.03 0.18
C PHE C 512 24.39 -41.44 0.57
N GLN C 513 23.64 -42.13 -0.30
CA GLN C 513 23.34 -43.54 -0.08
C GLN C 513 24.61 -44.37 -0.20
N THR C 514 25.42 -44.09 -1.20
CA THR C 514 26.68 -44.80 -1.44
C THR C 514 27.81 -44.11 -0.68
N GLU C 515 27.61 -43.97 0.63
CA GLU C 515 28.46 -43.08 1.39
C GLU C 515 28.43 -43.48 2.86
N ASP C 516 29.57 -43.35 3.51
CA ASP C 516 29.68 -43.71 4.92
C ASP C 516 29.11 -42.61 5.80
N PRO C 517 28.33 -42.94 6.82
CA PRO C 517 27.64 -41.91 7.60
C PRO C 517 28.41 -41.35 8.77
N GLU C 518 29.67 -41.74 8.97
CA GLU C 518 30.42 -41.23 10.13
C GLU C 518 30.75 -39.76 9.97
N GLU C 519 30.82 -39.26 8.74
CA GLU C 519 30.94 -37.84 8.50
C GLU C 519 29.78 -37.38 7.63
N LEU C 520 29.31 -36.17 7.93
CA LEU C 520 28.10 -35.57 7.36
C LEU C 520 26.90 -36.51 7.50
N GLY C 521 26.57 -36.76 8.75
CA GLY C 521 25.42 -37.59 9.08
C GLY C 521 24.12 -36.82 9.17
N HIS C 522 24.01 -35.75 8.37
CA HIS C 522 22.78 -34.98 8.26
C HIS C 522 21.59 -35.85 7.87
N PHE C 523 21.84 -36.85 7.05
CA PHE C 523 20.89 -37.93 6.84
C PHE C 523 21.66 -39.20 6.49
N TYR C 524 21.27 -40.30 7.11
CA TYR C 524 21.80 -41.61 6.79
C TYR C 524 20.70 -42.61 6.56
N ASP C 525 19.46 -42.23 6.77
CA ASP C 525 18.30 -43.09 6.55
C ASP C 525 17.11 -42.21 6.18
N TYR C 526 16.23 -42.79 5.38
CA TYR C 526 15.11 -42.06 4.78
C TYR C 526 14.16 -41.31 5.73
N PRO C 527 13.79 -41.80 6.93
CA PRO C 527 12.90 -40.97 7.77
C PRO C 527 13.59 -39.75 8.35
N MET C 528 14.83 -39.90 8.79
CA MET C 528 15.58 -38.76 9.30
C MET C 528 15.90 -37.76 8.20
N ALA C 529 15.94 -38.24 6.95
CA ALA C 529 16.22 -37.37 5.81
C ALA C 529 15.12 -36.34 5.60
N LEU C 530 13.86 -36.77 5.73
CA LEU C 530 12.75 -35.84 5.63
C LEU C 530 12.77 -34.85 6.79
N PHE C 531 13.20 -35.31 7.96
CA PHE C 531 13.37 -34.42 9.10
C PHE C 531 14.51 -33.44 8.87
N SER C 532 15.53 -33.86 8.12
CA SER C 532 16.66 -32.99 7.84
C SER C 532 16.30 -31.94 6.79
N THR C 533 15.67 -32.37 5.71
CA THR C 533 15.43 -31.49 4.58
C THR C 533 14.37 -30.46 4.91
N PHE C 534 13.44 -30.81 5.79
CA PHE C 534 12.48 -29.84 6.32
C PHE C 534 13.20 -28.74 7.08
N GLU C 535 14.24 -29.11 7.82
CA GLU C 535 15.05 -28.12 8.51
C GLU C 535 15.92 -27.33 7.53
N LEU C 536 16.28 -27.94 6.40
CA LEU C 536 16.95 -27.20 5.34
C LEU C 536 16.03 -26.17 4.72
N PHE C 537 14.72 -26.45 4.74
CA PHE C 537 13.77 -25.52 4.14
C PHE C 537 13.62 -24.26 4.96
N LEU C 538 13.58 -24.38 6.28
CA LEU C 538 13.35 -23.23 7.15
C LEU C 538 14.64 -22.58 7.60
N THR C 539 15.79 -23.11 7.17
CA THR C 539 17.14 -22.58 7.46
C THR C 539 17.39 -22.48 8.96
N ILE C 540 16.83 -23.41 9.74
CA ILE C 540 16.99 -23.41 11.18
C ILE C 540 18.11 -24.33 11.62
N ILE C 541 18.91 -24.84 10.68
CA ILE C 541 20.05 -25.66 10.99
C ILE C 541 21.27 -25.10 10.28
N ASP C 542 22.39 -25.82 10.36
CA ASP C 542 23.66 -25.28 9.94
C ASP C 542 23.89 -25.48 8.44
N GLY C 543 23.87 -26.72 7.98
CA GLY C 543 24.16 -27.02 6.59
C GLY C 543 25.34 -27.96 6.45
N PRO C 544 25.29 -28.84 5.45
CA PRO C 544 26.31 -29.89 5.33
C PRO C 544 27.62 -29.36 4.75
N ALA C 545 28.71 -29.60 5.47
CA ALA C 545 30.05 -29.31 5.00
C ALA C 545 31.04 -30.16 5.78
N ASN C 546 31.94 -30.84 5.05
CA ASN C 546 33.01 -31.60 5.68
C ASN C 546 34.38 -30.99 5.46
N TYR C 547 34.61 -30.38 4.30
CA TYR C 547 35.82 -29.63 3.96
C TYR C 547 37.07 -30.49 3.96
N ASN C 548 36.92 -31.79 3.86
CA ASN C 548 38.03 -32.72 3.84
C ASN C 548 37.95 -33.67 2.67
N VAL C 549 36.76 -34.12 2.32
CA VAL C 549 36.52 -34.98 1.17
C VAL C 549 35.58 -34.25 0.24
N ASP C 550 35.90 -34.26 -1.05
CA ASP C 550 34.97 -33.76 -2.04
C ASP C 550 33.70 -34.61 -2.05
N LEU C 551 32.58 -33.92 -2.04
CA LEU C 551 31.27 -34.54 -2.09
C LEU C 551 31.01 -35.06 -3.50
N PRO C 552 30.01 -35.93 -3.69
CA PRO C 552 29.70 -36.37 -5.06
C PRO C 552 29.28 -35.24 -5.98
N PHE C 553 29.51 -35.47 -7.28
CA PHE C 553 29.45 -34.41 -8.29
C PHE C 553 28.05 -33.85 -8.45
N MET C 554 27.04 -34.64 -8.11
CA MET C 554 25.67 -34.15 -8.21
C MET C 554 25.31 -33.17 -7.09
N TYR C 555 25.96 -33.31 -5.93
CA TYR C 555 25.49 -32.65 -4.72
C TYR C 555 25.59 -31.13 -4.81
N SER C 556 26.70 -30.63 -5.35
CA SER C 556 26.89 -29.18 -5.44
C SER C 556 25.89 -28.53 -6.38
N ILE C 557 25.41 -29.28 -7.37
CA ILE C 557 24.35 -28.76 -8.23
C ILE C 557 23.03 -28.71 -7.46
N THR C 558 22.62 -29.84 -6.89
CA THR C 558 21.28 -29.96 -6.35
C THR C 558 21.09 -29.23 -5.03
N TYR C 559 22.17 -28.94 -4.30
CA TYR C 559 21.99 -28.27 -3.02
C TYR C 559 21.70 -26.79 -3.21
N ALA C 560 22.43 -26.16 -4.15
CA ALA C 560 22.27 -24.73 -4.37
C ALA C 560 20.95 -24.42 -5.04
N ALA C 561 20.51 -25.29 -5.96
CA ALA C 561 19.24 -25.07 -6.64
C ALA C 561 18.08 -25.21 -5.68
N PHE C 562 18.18 -26.15 -4.73
CA PHE C 562 17.23 -26.22 -3.64
C PHE C 562 17.25 -24.96 -2.79
N ALA C 563 18.43 -24.37 -2.62
CA ALA C 563 18.54 -23.19 -1.77
C ALA C 563 17.88 -21.98 -2.39
N ILE C 564 17.95 -21.86 -3.72
CA ILE C 564 17.39 -20.70 -4.39
C ILE C 564 15.86 -20.74 -4.36
N ILE C 565 15.28 -21.82 -4.87
CA ILE C 565 13.84 -21.85 -5.10
C ILE C 565 13.03 -22.02 -3.81
N ALA C 566 13.68 -22.28 -2.69
CA ALA C 566 12.99 -22.45 -1.43
C ALA C 566 13.27 -21.30 -0.47
N THR C 567 14.54 -21.06 -0.16
CA THR C 567 14.89 -20.01 0.79
C THR C 567 14.78 -18.63 0.15
N LEU C 568 15.45 -18.45 -0.98
CA LEU C 568 15.45 -17.15 -1.63
C LEU C 568 14.12 -16.86 -2.29
N LEU C 569 13.46 -17.87 -2.86
CA LEU C 569 12.19 -17.66 -3.53
C LEU C 569 10.99 -17.92 -2.64
N MET C 570 10.83 -19.18 -2.18
CA MET C 570 9.56 -19.60 -1.65
C MET C 570 9.33 -19.14 -0.22
N LEU C 571 10.41 -19.02 0.56
CA LEU C 571 10.29 -18.44 1.90
C LEU C 571 9.91 -16.97 1.82
N ASN C 572 10.64 -16.19 1.03
CA ASN C 572 10.41 -14.76 0.96
C ASN C 572 9.13 -14.42 0.23
N LEU C 573 8.64 -15.31 -0.63
CA LEU C 573 7.32 -15.12 -1.20
C LEU C 573 6.25 -15.23 -0.12
N LEU C 574 6.42 -16.18 0.80
CA LEU C 574 5.43 -16.43 1.83
C LEU C 574 5.34 -15.27 2.81
N ILE C 575 6.45 -14.57 3.07
CA ILE C 575 6.35 -13.42 3.95
C ILE C 575 5.80 -12.22 3.21
N ALA C 576 5.80 -12.25 1.87
CA ALA C 576 5.26 -11.13 1.13
C ALA C 576 3.74 -11.20 1.05
N MET C 577 3.19 -12.42 0.91
CA MET C 577 1.75 -12.55 0.72
C MET C 577 0.96 -12.23 1.98
N MET C 578 1.57 -12.35 3.15
CA MET C 578 0.86 -11.97 4.35
C MET C 578 0.88 -10.47 4.58
N GLY C 579 1.86 -9.77 4.00
CA GLY C 579 1.83 -8.32 4.02
C GLY C 579 0.72 -7.77 3.16
N ASP C 580 0.32 -8.52 2.14
CA ASP C 580 -0.86 -8.19 1.35
C ASP C 580 -2.14 -8.30 2.15
N THR C 581 -2.13 -9.09 3.22
CA THR C 581 -3.37 -9.38 3.94
C THR C 581 -3.79 -8.26 4.87
N HIS C 582 -2.82 -7.63 5.55
CA HIS C 582 -3.12 -6.81 6.73
C HIS C 582 -3.94 -5.57 6.38
N TRP C 583 -3.52 -4.84 5.34
CA TRP C 583 -4.19 -3.59 5.01
C TRP C 583 -5.58 -3.82 4.46
N ARG C 584 -5.85 -5.00 3.89
CA ARG C 584 -7.18 -5.33 3.43
C ARG C 584 -7.98 -6.13 4.46
N VAL C 585 -7.48 -6.27 5.69
CA VAL C 585 -8.29 -6.83 6.78
C VAL C 585 -8.24 -5.88 7.96
N ALA C 586 -7.63 -4.71 7.78
CA ALA C 586 -7.40 -3.80 8.89
C ALA C 586 -8.69 -3.16 9.40
N HIS C 587 -9.59 -2.77 8.51
CA HIS C 587 -10.81 -2.10 8.95
C HIS C 587 -11.79 -3.08 9.57
N GLU C 588 -11.74 -4.35 9.16
CA GLU C 588 -12.74 -5.31 9.62
C GLU C 588 -12.38 -5.92 10.96
N ARG C 589 -11.10 -5.95 11.33
CA ARG C 589 -10.70 -6.67 12.53
C ARG C 589 -11.11 -5.95 13.82
N ASP C 590 -11.44 -4.66 13.73
CA ASP C 590 -11.83 -3.90 14.91
C ASP C 590 -13.15 -4.41 15.47
N GLU C 591 -14.14 -4.63 14.61
CA GLU C 591 -15.39 -5.19 15.07
C GLU C 591 -15.30 -6.67 15.36
N LEU C 592 -14.33 -7.38 14.76
CA LEU C 592 -14.01 -8.73 15.22
C LEU C 592 -13.54 -8.70 16.66
N TRP C 593 -12.76 -7.69 17.03
CA TRP C 593 -12.38 -7.55 18.43
C TRP C 593 -13.58 -7.19 19.27
N ARG C 594 -14.52 -6.42 18.70
CA ARG C 594 -15.78 -6.20 19.39
C ARG C 594 -16.61 -7.48 19.40
N ALA C 595 -16.46 -8.31 18.38
CA ALA C 595 -17.16 -9.60 18.35
C ALA C 595 -16.59 -10.55 19.39
N GLN C 596 -15.34 -10.35 19.79
CA GLN C 596 -14.80 -11.13 20.91
C GLN C 596 -15.56 -10.84 22.19
N ILE C 597 -15.86 -9.57 22.43
CA ILE C 597 -16.30 -9.13 23.75
C ILE C 597 -17.72 -9.61 24.02
N VAL C 598 -18.60 -9.44 23.04
CA VAL C 598 -20.01 -9.78 23.23
C VAL C 598 -20.18 -11.29 23.32
N ALA C 599 -19.43 -12.03 22.51
CA ALA C 599 -19.43 -13.48 22.62
C ALA C 599 -18.88 -13.94 23.95
N THR C 600 -17.88 -13.22 24.48
CA THR C 600 -17.44 -13.50 25.83
C THR C 600 -18.49 -13.07 26.84
N THR C 601 -19.22 -12.01 26.54
CA THR C 601 -20.16 -11.42 27.50
C THR C 601 -21.32 -12.34 27.79
N VAL C 602 -21.92 -12.90 26.74
CA VAL C 602 -23.14 -13.69 26.90
C VAL C 602 -22.85 -14.99 27.63
N MET C 603 -21.72 -15.64 27.29
CA MET C 603 -21.38 -16.89 27.96
C MET C 603 -20.97 -16.65 29.41
N LEU C 604 -20.28 -15.55 29.69
CA LEU C 604 -19.96 -15.22 31.06
C LEU C 604 -21.21 -14.85 31.85
N GLU C 605 -22.16 -14.18 31.20
CA GLU C 605 -23.38 -13.80 31.90
C GLU C 605 -24.27 -15.01 32.16
N ARG C 606 -24.39 -15.91 31.18
CA ARG C 606 -25.36 -16.99 31.30
C ARG C 606 -24.91 -18.04 32.30
N LYS C 607 -23.61 -18.32 32.36
CA LYS C 607 -23.13 -19.37 33.25
C LYS C 607 -23.06 -18.90 34.70
N LEU C 608 -22.72 -17.63 34.91
CA LEU C 608 -22.53 -17.17 36.28
C LEU C 608 -23.88 -16.85 36.92
N PRO C 609 -24.04 -17.13 38.23
CA PRO C 609 -25.39 -17.17 38.80
C PRO C 609 -25.98 -15.83 39.21
N ARG C 610 -27.15 -15.91 39.86
CA ARG C 610 -27.97 -14.76 40.20
C ARG C 610 -27.43 -13.97 41.38
N CYS C 611 -26.67 -14.60 42.28
CA CYS C 611 -26.06 -13.86 43.38
C CYS C 611 -25.00 -12.90 42.88
N LEU C 612 -24.26 -13.32 41.85
CA LEU C 612 -23.42 -12.39 41.12
C LEU C 612 -24.27 -11.72 40.04
N TRP C 613 -23.63 -10.82 39.28
CA TRP C 613 -24.17 -10.16 38.10
C TRP C 613 -25.50 -9.45 38.35
N PRO C 614 -25.50 -8.27 38.96
CA PRO C 614 -26.72 -7.46 38.97
C PRO C 614 -27.15 -7.15 37.54
N ARG C 615 -28.46 -7.14 37.33
CA ARG C 615 -28.98 -7.06 35.97
C ARG C 615 -28.77 -5.67 35.38
N SER C 616 -28.68 -5.63 34.05
CA SER C 616 -28.39 -4.39 33.35
C SER C 616 -29.63 -3.50 33.31
N GLY C 617 -29.38 -2.22 33.06
CA GLY C 617 -30.46 -1.28 32.93
C GLY C 617 -31.08 -0.91 34.27
N ILE C 618 -32.30 -0.38 34.20
CA ILE C 618 -33.04 0.05 35.37
C ILE C 618 -34.43 -0.56 35.28
N CYS C 619 -34.76 -1.40 36.26
CA CYS C 619 -36.07 -2.06 36.32
C CYS C 619 -37.17 -1.05 36.64
N GLY C 620 -38.40 -1.44 36.30
CA GLY C 620 -39.57 -0.65 36.63
C GLY C 620 -40.08 -0.90 38.04
N ARG C 621 -41.39 -1.16 38.14
CA ARG C 621 -42.11 -1.61 39.33
C ARG C 621 -42.19 -0.59 40.46
N GLU C 622 -41.53 0.55 40.28
CA GLU C 622 -41.58 1.67 41.21
C GLU C 622 -41.76 2.99 40.49
N TYR C 623 -41.68 2.98 39.16
CA TYR C 623 -41.60 4.20 38.38
C TYR C 623 -42.79 4.35 37.45
N GLY C 624 -43.83 3.55 37.64
CA GLY C 624 -45.03 3.64 36.82
C GLY C 624 -44.82 3.25 35.37
N LEU C 625 -43.88 2.35 35.10
CA LEU C 625 -43.52 2.01 33.73
C LEU C 625 -43.43 0.51 33.50
N GLY C 626 -44.22 -0.28 34.21
CA GLY C 626 -44.25 -1.72 34.00
C GLY C 626 -43.19 -2.44 34.80
N ASP C 627 -43.06 -3.73 34.48
CA ASP C 627 -42.07 -4.58 35.13
C ASP C 627 -40.75 -4.63 34.37
N ARG C 628 -40.66 -3.95 33.25
CA ARG C 628 -39.55 -4.10 32.33
C ARG C 628 -38.32 -3.34 32.81
N TRP C 629 -37.32 -3.26 31.94
CA TRP C 629 -35.97 -2.80 32.29
C TRP C 629 -35.52 -1.77 31.26
N PHE C 630 -35.27 -0.55 31.70
CA PHE C 630 -34.97 0.55 30.80
C PHE C 630 -33.50 0.93 30.83
N LEU C 631 -33.06 1.53 29.73
CA LEU C 631 -31.71 2.07 29.59
C LEU C 631 -31.81 3.38 28.82
N ARG C 632 -30.96 4.32 29.16
CA ARG C 632 -31.00 5.64 28.54
C ARG C 632 -29.69 5.95 27.84
N VAL C 633 -29.67 7.10 27.17
CA VAL C 633 -28.44 7.74 26.73
C VAL C 633 -28.79 9.21 26.55
N GLU C 634 -27.76 10.05 26.54
CA GLU C 634 -27.94 11.46 26.21
C GLU C 634 -26.70 11.93 25.48
N ASP C 635 -26.90 12.78 24.47
CA ASP C 635 -25.81 13.19 23.61
C ASP C 635 -26.20 14.46 22.86
N ARG C 636 -25.19 15.08 22.26
CA ARG C 636 -25.38 16.27 21.46
C ARG C 636 -25.82 15.88 20.06
N GLN C 637 -26.93 16.46 19.62
CA GLN C 637 -27.45 16.15 18.29
C GLN C 637 -26.60 16.76 17.18
N ASP C 638 -25.98 17.91 17.44
CA ASP C 638 -25.20 18.80 16.53
C ASP C 638 -25.22 18.57 15.01
N PHE D 19 -17.40 -9.70 47.27
CA PHE D 19 -17.39 -8.24 47.38
C PHE D 19 -17.27 -7.77 48.82
N CYS D 20 -16.05 -7.42 49.22
CA CYS D 20 -15.81 -6.87 50.54
C CYS D 20 -14.89 -5.66 50.56
N ARG D 21 -14.10 -5.43 49.50
CA ARG D 21 -13.09 -4.36 49.50
C ARG D 21 -13.13 -3.59 48.20
N TRP D 22 -14.31 -3.18 47.75
CA TRP D 22 -14.38 -2.34 46.56
C TRP D 22 -14.06 -0.90 46.93
N PHE D 23 -13.19 -0.27 46.15
CA PHE D 23 -12.76 1.10 46.42
C PHE D 23 -12.51 1.80 45.09
N GLN D 24 -13.22 2.90 44.87
CA GLN D 24 -13.06 3.81 43.71
C GLN D 24 -13.28 3.09 42.38
N ARG D 25 -14.14 2.06 42.37
CA ARG D 25 -14.40 1.29 41.16
C ARG D 25 -15.90 1.11 40.95
N ARG D 26 -16.68 2.15 41.21
CA ARG D 26 -18.14 2.10 41.06
C ARG D 26 -18.63 3.03 39.96
N GLU D 27 -18.30 4.33 40.05
CA GLU D 27 -18.82 5.40 39.19
C GLU D 27 -20.34 5.39 39.12
N SER D 28 -20.97 5.18 40.27
CA SER D 28 -22.42 5.08 40.36
C SER D 28 -23.10 6.44 40.35
N TRP D 29 -22.33 7.53 40.36
CA TRP D 29 -22.91 8.87 40.31
C TRP D 29 -23.56 9.16 38.95
N ALA D 30 -22.99 8.63 37.88
CA ALA D 30 -23.66 8.70 36.58
C ALA D 30 -24.91 7.85 36.58
N GLN D 31 -24.88 6.71 37.26
CA GLN D 31 -26.10 5.95 37.48
C GLN D 31 -27.06 6.68 38.41
N SER D 32 -26.52 7.47 39.34
CA SER D 32 -27.36 8.18 40.30
C SER D 32 -28.15 9.31 39.65
N ARG D 33 -27.53 10.04 38.72
CA ARG D 33 -28.24 11.11 38.04
C ARG D 33 -29.29 10.56 37.08
N ASP D 34 -29.10 9.34 36.59
CA ASP D 34 -30.13 8.71 35.79
C ASP D 34 -31.35 8.39 36.63
N GLU D 35 -31.13 7.98 37.88
CA GLU D 35 -32.22 7.85 38.83
C GLU D 35 -32.85 9.20 39.13
N GLN D 36 -32.04 10.27 39.12
CA GLN D 36 -32.58 11.60 39.25
C GLN D 36 -33.38 12.00 38.02
N ASN D 37 -33.08 11.42 36.85
CA ASN D 37 -33.84 11.73 35.65
C ASN D 37 -35.24 11.16 35.72
N LEU D 38 -35.36 9.87 36.04
CA LEU D 38 -36.65 9.20 35.94
C LEU D 38 -37.57 9.56 37.09
N LEU D 39 -37.01 9.79 38.28
CA LEU D 39 -37.83 10.21 39.41
C LEU D 39 -38.41 11.59 39.18
N GLN D 40 -37.64 12.46 38.52
CA GLN D 40 -38.12 13.80 38.18
C GLN D 40 -39.26 13.73 37.18
N GLN D 41 -39.21 12.78 36.24
CA GLN D 41 -40.32 12.58 35.33
C GLN D 41 -41.54 12.03 36.05
N LYS D 42 -41.32 11.23 37.10
CA LYS D 42 -42.43 10.77 37.93
C LYS D 42 -43.06 11.92 38.70
N ARG D 43 -42.24 12.85 39.19
CA ARG D 43 -42.75 14.04 39.84
C ARG D 43 -43.54 14.91 38.87
N ILE D 44 -43.15 14.91 37.60
CA ILE D 44 -43.98 15.53 36.56
C ILE D 44 -45.30 14.79 36.45
N TRP D 45 -45.25 13.46 36.43
CA TRP D 45 -46.41 12.68 36.05
C TRP D 45 -47.45 12.62 37.17
N GLU D 46 -47.02 12.68 38.43
CA GLU D 46 -47.98 12.60 39.52
C GLU D 46 -48.71 13.92 39.73
N SER D 47 -47.98 15.01 39.73
CA SER D 47 -48.59 16.32 39.96
C SER D 47 -49.34 16.77 38.72
N PRO D 48 -50.58 17.29 38.88
CA PRO D 48 -51.39 17.57 37.70
C PRO D 48 -50.95 18.79 36.91
N LEU D 49 -50.55 19.88 37.59
CA LEU D 49 -50.22 21.11 36.91
C LEU D 49 -48.90 21.04 36.16
N LEU D 50 -48.04 20.08 36.50
CA LEU D 50 -46.79 19.94 35.75
C LEU D 50 -47.02 19.30 34.40
N LEU D 51 -48.08 18.51 34.25
CA LEU D 51 -48.47 18.06 32.92
C LEU D 51 -48.96 19.24 32.11
N ALA D 52 -49.69 20.16 32.75
CA ALA D 52 -50.02 21.42 32.13
C ALA D 52 -48.80 22.31 31.97
N ALA D 53 -47.75 22.07 32.75
CA ALA D 53 -46.47 22.68 32.46
C ALA D 53 -45.68 21.90 31.42
N LYS D 54 -46.00 20.61 31.23
CA LYS D 54 -45.36 19.86 30.18
C LYS D 54 -45.92 20.23 28.82
N ASP D 55 -47.16 20.70 28.78
CA ASP D 55 -47.85 21.07 27.56
C ASP D 55 -48.27 22.53 27.64
N ASN D 56 -49.11 22.96 26.69
CA ASN D 56 -49.76 24.25 26.87
C ASN D 56 -50.86 24.10 27.91
N ASP D 57 -51.89 23.32 27.56
CA ASP D 57 -53.03 22.99 28.43
C ASP D 57 -53.67 24.22 29.05
N VAL D 58 -53.84 25.27 28.24
CA VAL D 58 -54.11 26.61 28.75
C VAL D 58 -55.53 26.70 29.33
N GLN D 59 -56.45 25.86 28.85
CA GLN D 59 -57.84 25.93 29.30
C GLN D 59 -57.96 25.42 30.74
N ALA D 60 -57.32 24.30 31.05
CA ALA D 60 -57.23 23.86 32.43
C ALA D 60 -56.30 24.75 33.24
N LEU D 61 -55.32 25.38 32.59
CA LEU D 61 -54.38 26.24 33.29
C LEU D 61 -55.06 27.50 33.83
N ASN D 62 -56.14 27.94 33.18
CA ASN D 62 -56.93 29.05 33.72
C ASN D 62 -57.60 28.67 35.04
N LYS D 63 -57.88 27.38 35.23
CA LYS D 63 -58.40 26.92 36.50
C LYS D 63 -57.31 26.76 37.55
N LEU D 64 -56.09 26.41 37.10
CA LEU D 64 -55.03 26.02 38.02
C LEU D 64 -54.57 27.18 38.90
N LEU D 65 -54.46 28.37 38.31
CA LEU D 65 -54.12 29.54 39.11
C LEU D 65 -55.33 30.09 39.86
N LYS D 66 -56.53 29.69 39.48
CA LYS D 66 -57.73 30.09 40.20
C LYS D 66 -58.12 29.01 41.21
N TYR D 67 -57.16 28.68 42.07
CA TYR D 67 -57.30 27.69 43.13
C TYR D 67 -56.99 28.32 44.48
N GLU D 68 -57.17 27.51 45.52
CA GLU D 68 -56.86 27.98 46.87
C GLU D 68 -55.42 27.68 47.25
N ASP D 69 -54.99 26.44 47.04
CA ASP D 69 -53.67 25.99 47.47
C ASP D 69 -52.91 25.38 46.30
N CYS D 70 -52.89 26.09 45.18
CA CYS D 70 -51.97 25.74 44.11
C CYS D 70 -50.55 26.12 44.52
N LYS D 71 -49.69 25.11 44.66
CA LYS D 71 -48.34 25.33 45.17
C LYS D 71 -47.47 26.00 44.12
N VAL D 72 -47.45 27.32 44.12
CA VAL D 72 -46.73 28.07 43.10
C VAL D 72 -45.23 28.04 43.31
N HIS D 73 -44.77 27.71 44.52
CA HIS D 73 -43.35 27.71 44.84
C HIS D 73 -42.82 26.32 45.14
N GLN D 74 -43.52 25.28 44.67
CA GLN D 74 -43.13 23.92 44.97
C GLN D 74 -41.92 23.51 44.15
N ARG D 75 -41.37 22.36 44.50
CA ARG D 75 -40.12 21.88 43.90
C ARG D 75 -40.31 20.51 43.27
N GLY D 76 -39.54 20.24 42.23
CA GLY D 76 -39.45 18.93 41.65
C GLY D 76 -38.51 18.03 42.43
N ALA D 77 -38.16 16.90 41.81
CA ALA D 77 -37.19 16.01 42.43
C ALA D 77 -35.80 16.64 42.46
N MET D 78 -35.45 17.37 41.41
CA MET D 78 -34.29 18.23 41.42
C MET D 78 -34.66 19.69 41.65
N GLY D 79 -35.93 19.96 41.94
CA GLY D 79 -36.33 21.28 42.39
C GLY D 79 -36.72 22.24 41.30
N GLU D 80 -37.60 21.82 40.39
CA GLU D 80 -38.10 22.74 39.39
C GLU D 80 -39.25 23.57 39.94
N THR D 81 -39.81 24.39 39.06
CA THR D 81 -41.14 24.96 39.19
C THR D 81 -41.85 24.72 37.88
N ALA D 82 -43.13 25.13 37.81
CA ALA D 82 -43.84 25.08 36.54
C ALA D 82 -43.23 26.05 35.54
N LEU D 83 -42.65 27.15 36.03
CA LEU D 83 -41.89 28.05 35.18
C LEU D 83 -40.67 27.35 34.62
N HIS D 84 -40.02 26.50 35.42
CA HIS D 84 -38.88 25.74 34.94
C HIS D 84 -39.27 24.74 33.87
N ILE D 85 -40.43 24.09 34.04
CA ILE D 85 -40.87 23.10 33.07
C ILE D 85 -41.36 23.78 31.80
N ALA D 86 -42.04 24.93 31.96
CA ALA D 86 -42.43 25.71 30.79
C ALA D 86 -41.22 26.26 30.07
N ALA D 87 -40.15 26.55 30.81
CA ALA D 87 -38.89 26.91 30.18
C ALA D 87 -38.28 25.72 29.46
N LEU D 88 -38.58 24.51 29.89
CA LEU D 88 -38.06 23.35 29.18
C LEU D 88 -38.85 23.10 27.90
N TYR D 89 -40.17 22.97 28.02
CA TYR D 89 -41.01 22.61 26.89
C TYR D 89 -41.53 23.82 26.13
N ASP D 90 -40.80 24.94 26.21
CA ASP D 90 -40.90 26.22 25.48
C ASP D 90 -42.33 26.67 25.15
N ASN D 91 -43.24 26.50 26.10
CA ASN D 91 -44.63 26.94 25.92
C ASN D 91 -44.72 28.40 26.32
N LEU D 92 -44.51 29.27 25.33
CA LEU D 92 -44.51 30.71 25.57
C LEU D 92 -45.90 31.20 25.94
N GLU D 93 -46.93 30.59 25.37
CA GLU D 93 -48.30 30.98 25.69
C GLU D 93 -48.67 30.61 27.12
N ALA D 94 -48.33 29.40 27.54
CA ALA D 94 -48.68 28.94 28.88
C ALA D 94 -47.89 29.68 29.94
N ALA D 95 -46.63 30.00 29.64
CA ALA D 95 -45.78 30.70 30.60
C ALA D 95 -46.22 32.13 30.84
N MET D 96 -46.97 32.72 29.90
CA MET D 96 -47.58 34.03 30.13
C MET D 96 -48.57 34.00 31.28
N VAL D 97 -49.22 32.86 31.50
CA VAL D 97 -50.14 32.74 32.62
C VAL D 97 -49.36 32.62 33.92
N LEU D 98 -48.16 32.05 33.87
CA LEU D 98 -47.39 31.74 35.07
C LEU D 98 -46.95 32.98 35.82
N MET D 99 -46.49 34.01 35.09
CA MET D 99 -45.99 35.21 35.74
C MET D 99 -47.11 36.13 36.23
N GLU D 100 -48.36 35.79 36.00
CA GLU D 100 -49.47 36.68 36.37
C GLU D 100 -49.67 36.69 37.88
N ALA D 101 -50.05 35.55 38.46
CA ALA D 101 -50.29 35.47 39.88
C ALA D 101 -49.06 35.06 40.68
N ALA D 102 -47.95 34.82 40.02
CA ALA D 102 -46.70 34.45 40.68
C ALA D 102 -45.59 35.39 40.22
N PRO D 103 -45.50 36.59 40.81
CA PRO D 103 -44.42 37.50 40.42
C PRO D 103 -43.07 37.08 40.96
N GLU D 104 -43.05 36.44 42.12
CA GLU D 104 -41.80 36.00 42.75
C GLU D 104 -41.21 34.80 42.01
N LEU D 105 -41.99 34.16 41.14
CA LEU D 105 -41.61 32.91 40.49
C LEU D 105 -40.39 33.07 39.60
N VAL D 106 -40.19 34.27 39.04
CA VAL D 106 -38.98 34.51 38.24
C VAL D 106 -37.75 34.58 39.14
N PHE D 107 -37.92 34.92 40.41
CA PHE D 107 -36.78 35.05 41.32
C PHE D 107 -36.44 33.74 42.01
N GLU D 108 -36.27 32.67 41.23
CA GLU D 108 -35.82 31.43 41.82
C GLU D 108 -35.02 30.58 40.85
N PRO D 109 -33.78 30.24 41.20
CA PRO D 109 -33.00 29.34 40.34
C PRO D 109 -33.20 27.88 40.72
N MET D 110 -32.51 26.99 40.03
CA MET D 110 -32.51 25.58 40.42
C MET D 110 -31.57 25.37 41.60
N THR D 111 -31.99 24.48 42.50
CA THR D 111 -31.32 24.31 43.79
C THR D 111 -30.79 22.90 44.02
N SER D 112 -30.69 22.07 43.00
CA SER D 112 -30.16 20.74 43.23
C SER D 112 -28.63 20.79 43.19
N GLU D 113 -28.01 19.66 43.56
CA GLU D 113 -26.57 19.55 43.44
C GLU D 113 -26.15 19.48 41.98
N LEU D 114 -26.90 18.77 41.16
CA LEU D 114 -26.56 18.67 39.74
C LEU D 114 -26.89 19.97 39.03
N TYR D 115 -28.07 20.52 39.28
CA TYR D 115 -28.50 21.78 38.70
C TYR D 115 -28.59 22.79 39.82
N GLU D 116 -27.58 23.66 39.93
CA GLU D 116 -27.55 24.70 40.95
C GLU D 116 -27.39 26.04 40.27
N GLY D 117 -28.29 26.97 40.60
CA GLY D 117 -28.17 28.33 40.13
C GLY D 117 -28.77 28.61 38.77
N GLN D 118 -29.50 27.65 38.19
CA GLN D 118 -30.06 27.82 36.86
C GLN D 118 -31.46 28.39 36.96
N THR D 119 -31.64 29.60 36.46
CA THR D 119 -32.96 30.24 36.42
C THR D 119 -33.63 29.95 35.08
N ALA D 120 -34.90 30.32 35.00
CA ALA D 120 -35.66 30.09 33.77
C ALA D 120 -35.21 31.04 32.67
N LEU D 121 -34.64 32.18 33.04
CA LEU D 121 -34.06 33.08 32.06
C LEU D 121 -32.89 32.43 31.34
N HIS D 122 -32.13 31.60 32.06
CA HIS D 122 -31.07 30.81 31.44
C HIS D 122 -31.65 29.82 30.43
N ILE D 123 -32.79 29.21 30.76
CA ILE D 123 -33.26 28.08 29.99
C ILE D 123 -33.88 28.54 28.68
N ALA D 124 -34.52 29.71 28.67
CA ALA D 124 -35.05 30.25 27.42
C ALA D 124 -33.94 30.66 26.48
N VAL D 125 -32.79 31.04 27.04
CA VAL D 125 -31.60 31.26 26.22
C VAL D 125 -31.11 29.95 25.63
N VAL D 126 -31.26 28.85 26.37
CA VAL D 126 -30.91 27.53 25.82
C VAL D 126 -31.87 27.16 24.71
N ASN D 127 -33.13 27.60 24.78
CA ASN D 127 -34.06 27.38 23.69
C ASN D 127 -33.70 28.17 22.44
N GLN D 128 -32.90 29.24 22.58
CA GLN D 128 -32.15 29.96 21.56
C GLN D 128 -32.98 30.60 20.45
N ASN D 129 -34.30 30.46 20.50
CA ASN D 129 -35.23 31.17 19.61
C ASN D 129 -36.49 31.42 20.45
N MET D 130 -36.53 32.57 21.11
CA MET D 130 -37.61 32.90 22.03
C MET D 130 -37.94 34.38 21.94
N ASN D 131 -39.20 34.67 22.27
CA ASN D 131 -39.62 36.04 22.54
C ASN D 131 -40.12 36.21 23.96
N LEU D 132 -40.14 35.13 24.76
CA LEU D 132 -40.46 35.22 26.17
C LEU D 132 -39.39 35.98 26.93
N VAL D 133 -38.15 35.93 26.43
CA VAL D 133 -37.00 36.62 27.02
C VAL D 133 -37.23 38.12 27.12
N ARG D 134 -37.99 38.70 26.19
CA ARG D 134 -38.42 40.08 26.34
C ARG D 134 -39.38 40.23 27.50
N ALA D 135 -40.35 39.32 27.60
CA ALA D 135 -41.31 39.38 28.69
C ALA D 135 -40.68 38.99 30.02
N LEU D 136 -39.67 38.12 30.00
CA LEU D 136 -38.95 37.79 31.22
C LEU D 136 -38.16 38.98 31.74
N LEU D 137 -37.46 39.68 30.85
CA LEU D 137 -36.77 40.88 31.26
C LEU D 137 -37.72 42.05 31.47
N ALA D 138 -38.93 41.97 30.91
CA ALA D 138 -39.98 42.89 31.33
C ALA D 138 -40.42 42.64 32.76
N ARG D 139 -40.17 41.43 33.28
CA ARG D 139 -40.44 41.10 34.68
C ARG D 139 -39.16 41.13 35.50
N ARG D 140 -38.32 42.15 35.22
CA ARG D 140 -37.17 42.59 36.04
C ARG D 140 -36.21 41.46 36.41
N ALA D 141 -36.03 40.53 35.48
CA ALA D 141 -35.18 39.37 35.72
C ALA D 141 -33.71 39.75 35.75
N SER D 142 -33.03 39.41 36.83
CA SER D 142 -31.61 39.70 36.96
C SER D 142 -30.80 38.74 36.09
N VAL D 143 -29.68 39.23 35.58
CA VAL D 143 -28.78 38.40 34.77
C VAL D 143 -27.50 38.17 35.56
N SER D 144 -27.56 38.46 36.86
CA SER D 144 -26.41 38.31 37.75
C SER D 144 -26.36 36.94 38.40
N ALA D 145 -26.95 35.93 37.77
CA ALA D 145 -26.96 34.59 38.31
C ALA D 145 -25.66 33.86 37.97
N ARG D 146 -25.36 32.83 38.74
CA ARG D 146 -24.19 31.99 38.55
C ARG D 146 -24.65 30.53 38.58
N ALA D 147 -25.03 30.01 37.42
CA ALA D 147 -25.50 28.63 37.30
C ALA D 147 -24.30 27.69 37.31
N THR D 148 -23.77 27.46 38.51
CA THR D 148 -22.56 26.66 38.70
C THR D 148 -22.87 25.28 39.28
N GLY D 149 -23.97 24.67 38.84
CA GLY D 149 -24.23 23.29 39.19
C GLY D 149 -23.25 22.34 38.56
N THR D 150 -23.20 21.12 39.10
CA THR D 150 -22.16 20.16 38.70
C THR D 150 -22.38 19.61 37.30
N ALA D 151 -23.53 19.86 36.69
CA ALA D 151 -23.72 19.60 35.27
C ALA D 151 -23.09 20.66 34.38
N PHE D 152 -22.45 21.68 34.96
CA PHE D 152 -21.91 22.78 34.20
C PHE D 152 -20.40 22.91 34.32
N ARG D 153 -19.70 21.89 34.80
CA ARG D 153 -18.26 21.95 34.91
C ARG D 153 -17.63 21.19 33.75
N ARG D 154 -16.50 21.68 33.25
CA ARG D 154 -15.88 21.04 32.09
C ARG D 154 -15.20 19.75 32.52
N SER D 155 -15.54 18.67 31.82
CA SER D 155 -15.18 17.31 32.19
C SER D 155 -15.56 16.41 31.03
N PRO D 156 -14.98 15.21 30.93
CA PRO D 156 -15.45 14.21 29.97
C PRO D 156 -16.68 13.43 30.44
N CYS D 157 -17.63 14.13 31.04
CA CYS D 157 -18.91 13.56 31.41
C CYS D 157 -20.09 14.45 31.08
N ASN D 158 -19.87 15.65 30.55
CA ASN D 158 -20.92 16.49 30.02
C ASN D 158 -20.57 16.86 28.59
N LEU D 159 -21.60 17.16 27.80
CA LEU D 159 -21.38 17.42 26.39
C LEU D 159 -21.11 18.89 26.10
N ILE D 160 -21.40 19.78 27.05
CA ILE D 160 -21.26 21.21 26.88
C ILE D 160 -20.47 21.77 28.05
N TYR D 161 -20.04 23.02 27.90
CA TYR D 161 -19.46 23.78 29.00
C TYR D 161 -19.70 25.26 28.72
N PHE D 162 -20.68 25.84 29.40
CA PHE D 162 -21.19 27.14 29.01
C PHE D 162 -20.91 28.25 30.02
N GLY D 163 -20.24 27.95 31.13
CA GLY D 163 -19.98 28.98 32.11
C GLY D 163 -21.12 29.19 33.09
N GLU D 164 -21.28 30.44 33.56
CA GLU D 164 -22.23 30.74 34.63
C GLU D 164 -23.23 31.83 34.30
N HIS D 165 -23.24 32.38 33.10
CA HIS D 165 -23.90 33.66 32.91
C HIS D 165 -24.83 33.63 31.71
N PRO D 166 -25.91 34.45 31.72
CA PRO D 166 -26.92 34.34 30.65
C PRO D 166 -26.42 34.70 29.27
N LEU D 167 -25.77 35.85 29.11
CA LEU D 167 -25.20 36.18 27.80
C LEU D 167 -24.02 35.29 27.46
N SER D 168 -23.36 34.73 28.48
CA SER D 168 -22.38 33.70 28.23
C SER D 168 -23.04 32.45 27.67
N PHE D 169 -24.24 32.14 28.16
CA PHE D 169 -25.00 31.04 27.59
C PHE D 169 -25.47 31.40 26.19
N ALA D 170 -25.80 32.68 25.98
CA ALA D 170 -26.20 33.14 24.66
C ALA D 170 -25.01 33.21 23.71
N ALA D 171 -23.81 33.26 24.25
CA ALA D 171 -22.63 33.30 23.41
C ALA D 171 -22.43 31.99 22.67
N CYS D 172 -22.85 30.88 23.25
CA CYS D 172 -22.59 29.59 22.66
C CYS D 172 -23.67 29.15 21.69
N VAL D 173 -24.70 29.97 21.45
CA VAL D 173 -25.81 29.55 20.63
C VAL D 173 -26.00 30.39 19.38
N ASN D 174 -25.24 31.49 19.24
CA ASN D 174 -25.17 32.33 18.04
C ASN D 174 -26.55 32.93 17.70
N SER D 175 -27.01 33.81 18.58
CA SER D 175 -28.26 34.54 18.38
C SER D 175 -28.02 36.00 18.68
N GLU D 176 -27.68 36.78 17.64
CA GLU D 176 -27.32 38.18 17.81
C GLU D 176 -28.49 39.02 18.28
N GLU D 177 -29.71 38.58 17.97
CA GLU D 177 -30.91 39.29 18.44
C GLU D 177 -31.02 39.24 19.95
N ILE D 178 -30.55 38.16 20.56
CA ILE D 178 -30.69 38.00 22.00
C ILE D 178 -29.49 38.55 22.74
N VAL D 179 -28.30 38.36 22.14
CA VAL D 179 -27.04 38.81 22.73
C VAL D 179 -27.04 40.32 22.94
N ARG D 180 -27.41 41.07 21.89
CA ARG D 180 -27.50 42.52 22.00
C ARG D 180 -28.63 42.94 22.94
N LEU D 181 -29.68 42.13 23.03
CA LEU D 181 -30.74 42.41 23.98
C LEU D 181 -30.29 42.13 25.41
N LEU D 182 -29.33 41.20 25.58
CA LEU D 182 -28.75 41.00 26.90
C LEU D 182 -27.87 42.16 27.31
N ILE D 183 -27.09 42.70 26.37
CA ILE D 183 -26.12 43.74 26.67
C ILE D 183 -26.83 45.02 27.09
N GLU D 184 -27.95 45.34 26.44
CA GLU D 184 -28.66 46.59 26.70
C GLU D 184 -29.46 46.59 27.99
N HIS D 185 -29.32 45.57 28.84
CA HIS D 185 -29.98 45.56 30.14
C HIS D 185 -28.98 45.45 31.28
N GLY D 186 -27.76 45.93 31.08
CA GLY D 186 -26.76 45.98 32.11
C GLY D 186 -25.91 44.73 32.27
N ALA D 187 -25.59 44.04 31.19
CA ALA D 187 -24.80 42.82 31.28
C ALA D 187 -23.32 43.16 31.35
N ASP D 188 -22.69 42.87 32.48
CA ASP D 188 -21.25 42.99 32.59
C ASP D 188 -20.61 41.88 31.76
N ILE D 189 -19.94 42.27 30.67
CA ILE D 189 -19.35 41.30 29.77
C ILE D 189 -18.13 40.66 30.41
N ARG D 190 -17.39 41.44 31.20
CA ARG D 190 -16.11 40.99 31.74
C ARG D 190 -16.25 40.27 33.08
N ALA D 191 -17.39 39.64 33.33
CA ALA D 191 -17.52 38.76 34.49
C ALA D 191 -16.92 37.39 34.18
N GLN D 192 -16.44 36.72 35.22
CA GLN D 192 -15.73 35.46 35.06
C GLN D 192 -16.45 34.34 35.79
N ASP D 193 -15.93 33.13 35.65
CA ASP D 193 -16.52 31.94 36.24
C ASP D 193 -15.75 31.55 37.50
N SER D 194 -16.07 30.37 38.03
CA SER D 194 -15.29 29.79 39.13
C SER D 194 -13.91 29.40 38.66
N LEU D 195 -13.75 29.09 37.37
CA LEU D 195 -12.45 28.82 36.79
C LEU D 195 -11.66 30.09 36.50
N GLY D 196 -12.26 31.26 36.71
CA GLY D 196 -11.69 32.52 36.29
C GLY D 196 -11.88 32.83 34.83
N ASN D 197 -12.59 31.97 34.10
CA ASN D 197 -12.78 32.17 32.68
C ASN D 197 -13.99 33.07 32.45
N THR D 198 -13.82 34.04 31.56
CA THR D 198 -14.89 34.94 31.18
C THR D 198 -15.58 34.40 29.93
N VAL D 199 -16.38 35.27 29.29
CA VAL D 199 -17.10 34.94 28.07
C VAL D 199 -16.16 34.46 26.98
N LEU D 200 -15.06 35.18 26.79
CA LEU D 200 -14.22 35.00 25.63
C LEU D 200 -13.47 33.67 25.68
N HIS D 201 -13.17 33.18 26.88
CA HIS D 201 -12.55 31.87 27.02
C HIS D 201 -13.49 30.78 26.53
N ILE D 202 -14.79 30.95 26.78
CA ILE D 202 -15.73 29.90 26.44
C ILE D 202 -15.97 29.86 24.94
N LEU D 203 -15.77 31.00 24.26
CA LEU D 203 -15.88 31.04 22.80
C LEU D 203 -14.83 30.18 22.13
N ILE D 204 -13.67 30.04 22.76
CA ILE D 204 -12.58 29.31 22.13
C ILE D 204 -12.86 27.82 22.15
N LEU D 205 -13.44 27.33 23.25
CA LEU D 205 -13.64 25.91 23.43
C LEU D 205 -14.93 25.40 22.80
N GLN D 206 -15.53 26.16 21.92
CA GLN D 206 -16.74 25.72 21.25
C GLN D 206 -16.42 24.67 20.20
N PRO D 207 -17.34 23.73 19.95
CA PRO D 207 -17.06 22.70 18.93
C PRO D 207 -17.13 23.22 17.51
N ASN D 208 -18.06 24.13 17.21
CA ASN D 208 -18.14 24.74 15.88
C ASN D 208 -17.17 25.89 15.84
N LYS D 209 -16.07 25.72 15.10
CA LYS D 209 -15.08 26.77 14.96
C LYS D 209 -15.53 27.91 14.05
N THR D 210 -16.63 27.73 13.32
CA THR D 210 -17.01 28.72 12.31
C THR D 210 -17.68 29.93 12.93
N PHE D 211 -18.71 29.70 13.73
CA PHE D 211 -19.61 30.78 14.09
C PHE D 211 -19.02 31.72 15.13
N ALA D 212 -17.99 31.29 15.85
CA ALA D 212 -17.45 32.08 16.94
C ALA D 212 -16.71 33.32 16.46
N CYS D 213 -16.28 33.34 15.21
CA CYS D 213 -15.55 34.50 14.69
C CYS D 213 -16.45 35.72 14.59
N GLN D 214 -17.69 35.53 14.14
CA GLN D 214 -18.67 36.62 14.18
C GLN D 214 -19.03 36.96 15.61
N MET D 215 -19.09 35.94 16.48
CA MET D 215 -19.36 36.18 17.89
C MET D 215 -18.22 36.92 18.55
N TYR D 216 -16.98 36.64 18.11
CA TYR D 216 -15.84 37.37 18.65
C TYR D 216 -15.84 38.81 18.15
N ASN D 217 -16.04 39.00 16.84
CA ASN D 217 -15.90 40.32 16.24
C ASN D 217 -17.01 41.26 16.70
N LEU D 218 -18.22 40.73 16.92
CA LEU D 218 -19.29 41.58 17.41
C LEU D 218 -19.06 41.97 18.86
N LEU D 219 -18.63 41.03 19.69
CA LEU D 219 -18.43 41.31 21.11
C LEU D 219 -17.24 42.22 21.37
N LEU D 220 -16.33 42.36 20.41
CA LEU D 220 -15.26 43.35 20.54
C LEU D 220 -15.80 44.77 20.58
N SER D 221 -16.90 45.02 19.87
CA SER D 221 -17.36 46.39 19.63
C SER D 221 -18.10 46.99 20.81
N TYR D 222 -18.26 46.28 21.92
CA TYR D 222 -19.09 46.77 23.02
C TYR D 222 -18.30 47.14 24.26
N ASP D 223 -16.98 46.93 24.29
CA ASP D 223 -16.25 47.30 25.49
C ASP D 223 -15.96 48.80 25.52
N ARG D 224 -15.11 49.27 24.59
CA ARG D 224 -14.63 50.65 24.36
C ARG D 224 -14.31 51.43 25.64
N HIS D 225 -13.87 50.75 26.69
CA HIS D 225 -13.99 51.29 28.03
C HIS D 225 -12.64 51.81 28.52
N GLY D 226 -12.71 52.77 29.43
CA GLY D 226 -11.52 53.42 29.98
C GLY D 226 -10.73 52.56 30.96
N ASP D 227 -11.24 51.39 31.31
CA ASP D 227 -10.51 50.46 32.15
C ASP D 227 -9.40 49.83 31.32
N HIS D 228 -8.23 50.49 31.30
CA HIS D 228 -7.07 50.01 30.58
C HIS D 228 -6.44 48.76 31.18
N LEU D 229 -6.88 48.35 32.36
CA LEU D 229 -6.39 47.13 32.99
C LEU D 229 -6.92 45.93 32.21
N GLN D 230 -6.02 45.25 31.49
CA GLN D 230 -6.27 44.11 30.61
C GLN D 230 -7.57 44.22 29.81
N PRO D 231 -7.72 45.28 29.00
CA PRO D 231 -8.98 46.05 28.95
C PRO D 231 -10.25 45.28 28.58
N LEU D 232 -10.14 44.31 27.66
CA LEU D 232 -11.28 43.44 27.42
C LEU D 232 -10.92 41.97 27.24
N ASP D 233 -9.70 41.65 26.82
CA ASP D 233 -9.35 40.27 26.55
C ASP D 233 -7.93 39.91 26.95
N LEU D 234 -7.20 40.81 27.61
CA LEU D 234 -5.83 40.54 28.02
C LEU D 234 -5.76 39.90 29.41
N VAL D 235 -6.81 39.24 29.84
CA VAL D 235 -6.92 38.74 31.21
C VAL D 235 -6.65 37.24 31.23
N PRO D 236 -5.90 36.73 32.20
CA PRO D 236 -5.76 35.28 32.34
C PRO D 236 -6.77 34.69 33.30
N ASN D 237 -6.73 33.38 33.48
CA ASN D 237 -7.57 32.69 34.45
C ASN D 237 -6.80 32.52 35.77
N HIS D 238 -7.33 31.71 36.68
CA HIS D 238 -6.64 31.43 37.94
C HIS D 238 -5.35 30.66 37.70
N GLN D 239 -5.30 29.82 36.69
CA GLN D 239 -4.06 29.16 36.30
C GLN D 239 -3.28 29.95 35.27
N GLY D 240 -3.66 31.20 35.01
CA GLY D 240 -2.84 32.10 34.22
C GLY D 240 -2.83 31.81 32.74
N LEU D 241 -4.00 31.73 32.12
CA LEU D 241 -4.12 31.44 30.70
C LEU D 241 -4.95 32.53 30.03
N THR D 242 -4.32 33.26 29.11
CA THR D 242 -4.95 34.33 28.36
C THR D 242 -5.61 33.77 27.10
N PRO D 243 -6.66 34.43 26.58
CA PRO D 243 -7.41 33.85 25.45
C PRO D 243 -6.62 33.70 24.16
N PHE D 244 -5.73 34.66 23.86
CA PHE D 244 -4.88 34.53 22.69
C PHE D 244 -3.94 33.33 22.83
N LYS D 245 -3.47 33.09 24.06
CA LYS D 245 -2.71 31.89 24.32
C LYS D 245 -3.59 30.66 24.46
N LEU D 246 -4.87 30.84 24.82
CA LEU D 246 -5.73 29.69 25.04
C LEU D 246 -6.06 28.97 23.74
N ALA D 247 -6.15 29.71 22.64
CA ALA D 247 -6.41 29.09 21.34
C ALA D 247 -5.27 28.18 20.92
N GLY D 248 -4.04 28.53 21.30
CA GLY D 248 -2.94 27.60 21.10
C GLY D 248 -3.03 26.39 21.99
N VAL D 249 -3.63 26.54 23.17
CA VAL D 249 -3.74 25.42 24.10
C VAL D 249 -4.75 24.41 23.57
N GLU D 250 -5.95 24.88 23.24
CA GLU D 250 -7.00 23.98 22.77
C GLU D 250 -6.94 23.75 21.27
N GLY D 251 -5.99 24.35 20.56
CA GLY D 251 -5.79 24.03 19.17
C GLY D 251 -6.81 24.59 18.22
N ASN D 252 -7.16 25.86 18.36
CA ASN D 252 -8.06 26.51 17.41
C ASN D 252 -7.26 26.87 16.16
N THR D 253 -7.39 26.04 15.13
CA THR D 253 -6.73 26.32 13.86
C THR D 253 -7.35 27.54 13.19
N VAL D 254 -8.65 27.72 13.35
CA VAL D 254 -9.37 28.75 12.61
C VAL D 254 -9.09 30.13 13.19
N MET D 255 -9.40 30.32 14.46
CA MET D 255 -9.40 31.67 15.01
C MET D 255 -8.02 32.23 15.26
N PHE D 256 -7.00 31.37 15.35
CA PHE D 256 -5.64 31.87 15.58
C PHE D 256 -5.13 32.66 14.39
N GLN D 257 -5.53 32.26 13.18
CA GLN D 257 -5.31 33.10 12.02
C GLN D 257 -6.14 34.37 12.12
N HIS D 258 -7.37 34.26 12.63
CA HIS D 258 -8.24 35.43 12.72
C HIS D 258 -7.78 36.35 13.86
N LEU D 259 -7.30 35.78 14.95
CA LEU D 259 -6.83 36.60 16.06
C LEU D 259 -5.51 37.29 15.76
N MET D 260 -4.78 36.82 14.76
CA MET D 260 -3.51 37.42 14.43
C MET D 260 -3.65 38.71 13.63
N GLN D 261 -4.87 39.02 13.17
CA GLN D 261 -5.07 40.13 12.26
C GLN D 261 -4.78 41.47 12.94
N LYS D 262 -5.35 41.71 14.11
CA LYS D 262 -4.97 42.91 14.85
C LYS D 262 -3.60 42.76 15.48
N ARG D 263 -3.10 41.53 15.64
CA ARG D 263 -1.74 41.34 16.12
C ARG D 263 -0.73 41.67 15.05
N LYS D 264 -0.97 41.24 13.81
CA LYS D 264 -0.08 41.56 12.71
C LYS D 264 -0.23 43.01 12.30
N HIS D 265 0.88 43.65 11.99
CA HIS D 265 0.88 44.99 11.41
C HIS D 265 1.65 44.95 10.10
N THR D 266 1.10 45.59 9.07
CA THR D 266 1.71 45.59 7.76
C THR D 266 2.47 46.89 7.55
N GLN D 267 3.42 46.87 6.60
CA GLN D 267 4.22 48.04 6.30
C GLN D 267 3.96 48.58 4.91
N TRP D 268 4.16 47.77 3.87
CA TRP D 268 4.07 48.22 2.49
C TRP D 268 4.00 47.00 1.59
N THR D 269 3.56 47.24 0.35
CA THR D 269 3.43 46.18 -0.63
C THR D 269 4.17 46.56 -1.90
N TYR D 270 4.38 45.56 -2.77
CA TYR D 270 5.13 45.76 -4.00
C TYR D 270 4.57 44.79 -5.04
N GLY D 271 3.54 45.22 -5.76
CA GLY D 271 2.85 44.38 -6.70
C GLY D 271 2.28 43.13 -6.05
N PRO D 272 2.82 41.97 -6.43
CA PRO D 272 2.48 40.72 -5.75
C PRO D 272 3.28 40.46 -4.48
N LEU D 273 4.16 41.38 -4.10
CA LEU D 273 4.97 41.26 -2.90
C LEU D 273 4.44 42.23 -1.86
N THR D 274 4.60 41.86 -0.58
CA THR D 274 4.17 42.68 0.53
C THR D 274 5.28 42.75 1.57
N SER D 275 5.01 43.49 2.64
CA SER D 275 5.93 43.59 3.77
C SER D 275 5.10 43.81 5.03
N THR D 276 5.13 42.84 5.93
CA THR D 276 4.38 42.87 7.18
C THR D 276 5.35 42.87 8.35
N LEU D 277 4.78 42.80 9.56
CA LEU D 277 5.59 42.78 10.77
C LEU D 277 4.76 42.11 11.86
N TYR D 278 5.41 41.28 12.67
CA TYR D 278 4.72 40.53 13.70
C TYR D 278 4.99 41.11 15.09
N ASP D 279 3.98 40.99 15.96
CA ASP D 279 4.11 41.54 17.30
C ASP D 279 5.04 40.69 18.16
N LEU D 280 4.81 39.38 18.20
CA LEU D 280 5.66 38.34 18.79
C LEU D 280 5.74 38.41 20.31
N THR D 281 5.13 39.42 20.95
CA THR D 281 5.40 39.78 22.33
C THR D 281 4.86 38.77 23.34
N GLU D 282 4.01 37.84 22.92
CA GLU D 282 3.52 36.79 23.79
C GLU D 282 3.72 35.44 23.14
N ILE D 283 4.83 35.28 22.45
CA ILE D 283 5.20 34.04 21.78
C ILE D 283 6.56 33.54 22.24
N ASP D 284 7.58 34.39 22.14
CA ASP D 284 8.90 34.03 22.64
C ASP D 284 8.95 34.21 24.14
N SER D 285 9.82 33.43 24.79
CA SER D 285 10.02 33.51 26.23
C SER D 285 10.73 34.81 26.55
N SER D 286 9.98 35.81 27.00
CA SER D 286 10.57 37.10 27.36
C SER D 286 11.31 36.98 28.69
N GLY D 287 10.60 36.63 29.75
CA GLY D 287 11.19 36.44 31.06
C GLY D 287 10.94 35.02 31.54
N ASP D 288 10.68 34.90 32.84
CA ASP D 288 10.40 33.61 33.45
C ASP D 288 8.96 33.17 33.28
N GLU D 289 8.15 33.92 32.55
CA GLU D 289 6.74 33.61 32.41
C GLU D 289 6.53 32.41 31.49
N GLN D 290 5.34 31.82 31.62
CA GLN D 290 4.95 30.70 30.77
C GLN D 290 4.67 31.23 29.37
N SER D 291 5.56 30.94 28.43
CA SER D 291 5.42 31.44 27.09
C SER D 291 4.42 30.60 26.30
N LEU D 292 4.15 31.07 25.08
CA LEU D 292 3.30 30.31 24.16
C LEU D 292 3.96 29.01 23.75
N LEU D 293 5.26 29.06 23.45
CA LEU D 293 5.99 27.88 22.98
C LEU D 293 6.08 26.82 24.05
N GLU D 294 6.23 27.23 25.31
CA GLU D 294 6.19 26.30 26.42
C GLU D 294 4.83 25.62 26.52
N LEU D 295 3.76 26.37 26.29
CA LEU D 295 2.43 25.81 26.39
C LEU D 295 2.06 24.92 25.21
N ILE D 296 2.88 24.89 24.15
CA ILE D 296 2.59 24.02 23.02
C ILE D 296 2.87 22.57 23.39
N ILE D 297 4.10 22.28 23.82
CA ILE D 297 4.48 20.89 24.03
C ILE D 297 3.97 20.32 25.34
N THR D 298 3.45 21.15 26.24
CA THR D 298 2.95 20.68 27.53
C THR D 298 1.46 20.34 27.44
N THR D 299 1.16 19.40 26.55
CA THR D 299 -0.20 18.87 26.42
C THR D 299 -0.13 17.46 25.85
N LYS D 300 -1.27 16.78 25.90
CA LYS D 300 -1.45 15.50 25.23
C LYS D 300 -2.35 15.64 24.02
N LYS D 301 -2.83 16.85 23.73
CA LYS D 301 -3.76 17.10 22.64
C LYS D 301 -3.03 17.04 21.31
N ARG D 302 -3.58 16.27 20.38
CA ARG D 302 -2.89 16.02 19.11
C ARG D 302 -3.03 17.19 18.16
N GLU D 303 -4.23 17.76 18.04
CA GLU D 303 -4.49 18.76 17.02
C GLU D 303 -3.79 20.09 17.28
N ALA D 304 -3.35 20.34 18.51
CA ALA D 304 -2.62 21.56 18.81
C ALA D 304 -1.18 21.53 18.31
N ARG D 305 -0.70 20.38 17.88
CA ARG D 305 0.68 20.31 17.42
C ARG D 305 0.85 20.77 15.98
N GLN D 306 -0.23 20.81 15.19
CA GLN D 306 -0.14 21.32 13.83
C GLN D 306 -0.37 22.82 13.76
N ILE D 307 -0.39 23.51 14.91
CA ILE D 307 -0.36 24.97 14.92
C ILE D 307 0.97 25.49 14.37
N LEU D 308 2.03 24.68 14.45
CA LEU D 308 3.37 25.08 14.05
C LEU D 308 3.53 25.30 12.55
N ASP D 309 2.48 25.15 11.74
CA ASP D 309 2.55 25.39 10.31
C ASP D 309 1.94 26.73 9.94
N GLN D 310 2.20 27.77 10.73
CA GLN D 310 1.65 29.08 10.46
C GLN D 310 2.75 30.12 10.29
N THR D 311 2.43 31.15 9.53
CA THR D 311 3.35 32.22 9.16
C THR D 311 3.96 33.08 10.28
N PRO D 312 3.41 33.18 11.52
CA PRO D 312 4.27 33.76 12.56
C PRO D 312 5.13 32.72 13.25
N VAL D 313 4.73 31.45 13.15
CA VAL D 313 5.20 30.46 14.11
C VAL D 313 6.52 29.85 13.69
N LYS D 314 6.53 29.15 12.56
CA LYS D 314 7.68 28.33 12.19
C LYS D 314 8.86 29.17 11.75
N GLU D 315 8.62 30.40 11.33
CA GLU D 315 9.71 31.24 10.84
C GLU D 315 10.56 31.75 11.99
N LEU D 316 9.96 31.92 13.17
CA LEU D 316 10.74 32.08 14.38
C LEU D 316 11.56 30.83 14.66
N VAL D 317 10.94 29.67 14.49
CA VAL D 317 11.61 28.41 14.75
C VAL D 317 12.70 28.17 13.73
N SER D 318 12.38 28.35 12.45
CA SER D 318 13.33 28.13 11.37
C SER D 318 14.28 29.30 11.16
N LEU D 319 14.40 30.21 12.12
CA LEU D 319 15.49 31.18 12.12
C LEU D 319 16.51 30.86 13.20
N LYS D 320 16.06 30.75 14.46
CA LYS D 320 17.01 30.68 15.56
C LYS D 320 17.64 29.31 15.72
N TRP D 321 16.99 28.24 15.29
CA TRP D 321 17.68 26.97 15.24
C TRP D 321 18.66 26.89 14.08
N LYS D 322 18.36 27.60 12.99
CA LYS D 322 19.29 27.65 11.88
C LYS D 322 20.52 28.48 12.20
N ARG D 323 20.38 29.53 13.01
CA ARG D 323 21.53 30.37 13.29
C ARG D 323 22.24 30.02 14.59
N TYR D 324 21.53 29.47 15.57
CA TYR D 324 22.11 29.25 16.89
C TYR D 324 22.07 27.81 17.36
N GLY D 325 21.00 27.08 17.07
CA GLY D 325 20.79 25.75 17.62
C GLY D 325 21.75 24.70 17.10
N ARG D 326 21.81 24.55 15.78
CA ARG D 326 22.73 23.61 15.15
C ARG D 326 24.21 23.80 15.52
N PRO D 327 24.74 25.02 15.73
CA PRO D 327 26.05 25.07 16.39
C PRO D 327 26.00 24.64 17.83
N TYR D 328 24.96 25.02 18.57
CA TYR D 328 24.93 24.70 19.99
C TYR D 328 24.59 23.24 20.22
N PHE D 329 23.79 22.64 19.35
CA PHE D 329 23.41 21.25 19.53
C PHE D 329 24.55 20.30 19.22
N CYS D 330 25.32 20.59 18.16
CA CYS D 330 26.40 19.71 17.74
C CYS D 330 27.58 19.75 18.70
N MET D 331 27.92 20.93 19.23
CA MET D 331 29.01 21.02 20.19
C MET D 331 28.61 20.37 21.51
N LEU D 332 27.36 20.51 21.92
CA LEU D 332 26.85 19.71 23.02
C LEU D 332 26.81 18.24 22.63
N GLY D 333 26.51 17.96 21.36
CA GLY D 333 26.61 16.60 20.88
C GLY D 333 28.03 16.08 20.82
N ALA D 334 29.00 16.97 20.62
CA ALA D 334 30.39 16.56 20.50
C ALA D 334 31.00 16.19 21.84
N ILE D 335 30.70 16.97 22.89
CA ILE D 335 31.37 16.77 24.17
C ILE D 335 30.88 15.49 24.84
N TYR D 336 29.60 15.16 24.65
CA TYR D 336 29.08 13.91 25.18
C TYR D 336 29.71 12.70 24.50
N LEU D 337 30.11 12.84 23.23
CA LEU D 337 30.84 11.79 22.55
C LEU D 337 32.23 11.63 23.17
N LEU D 338 32.84 12.72 23.62
CA LEU D 338 34.13 12.61 24.29
C LEU D 338 33.99 12.01 25.68
N TYR D 339 32.84 12.20 26.33
CA TYR D 339 32.66 11.76 27.70
C TYR D 339 32.63 10.25 27.81
N ILE D 340 32.21 9.56 26.77
CA ILE D 340 31.98 8.13 26.88
C ILE D 340 33.20 7.31 26.44
N ILE D 341 34.05 7.87 25.59
CA ILE D 341 35.14 7.10 25.04
C ILE D 341 36.27 6.98 26.06
N CYS D 342 36.54 8.05 26.80
CA CYS D 342 37.44 7.97 27.94
C CYS D 342 36.84 7.09 29.02
N PHE D 343 35.52 7.13 29.18
CA PHE D 343 34.85 6.18 30.05
C PHE D 343 34.95 4.76 29.50
N THR D 344 34.94 4.63 28.18
CA THR D 344 35.22 3.33 27.60
C THR D 344 36.67 2.95 27.80
N MET D 345 37.56 3.96 27.75
CA MET D 345 39.00 3.73 27.85
C MET D 345 39.38 3.20 29.23
N CYS D 346 38.76 3.72 30.28
CA CYS D 346 39.10 3.25 31.61
C CYS D 346 38.48 1.90 31.91
N CYS D 347 37.23 1.69 31.49
CA CYS D 347 36.53 0.47 31.82
C CYS D 347 37.07 -0.75 31.10
N ILE D 348 37.77 -0.56 29.98
CA ILE D 348 38.42 -1.71 29.35
C ILE D 348 39.82 -1.96 29.91
N TYR D 349 40.31 -1.12 30.80
CA TYR D 349 41.65 -1.25 31.36
C TYR D 349 41.64 -1.52 32.86
N ARG D 350 40.72 -2.36 33.31
CA ARG D 350 40.56 -2.62 34.73
C ARG D 350 41.72 -3.47 35.25
N PRO D 351 42.13 -3.28 36.50
CA PRO D 351 43.24 -4.07 37.03
C PRO D 351 42.82 -5.51 37.31
N LEU D 352 43.78 -6.41 37.23
CA LEU D 352 43.45 -7.83 37.18
C LEU D 352 44.68 -8.64 37.54
N LYS D 353 44.47 -9.70 38.33
CA LYS D 353 45.52 -10.64 38.70
C LYS D 353 45.08 -12.02 38.22
N PRO D 354 45.89 -13.08 38.37
CA PRO D 354 45.35 -14.43 38.13
C PRO D 354 44.69 -15.00 39.38
N ARG D 355 44.20 -16.24 39.23
CA ARG D 355 43.43 -16.92 40.25
C ARG D 355 44.32 -17.33 41.41
N THR D 356 43.74 -17.34 42.62
CA THR D 356 44.46 -17.77 43.81
C THR D 356 43.91 -19.05 44.43
N ASN D 357 42.62 -19.34 44.28
CA ASN D 357 42.00 -20.42 45.03
C ASN D 357 41.96 -21.75 44.26
N ASN D 358 42.89 -21.96 43.34
CA ASN D 358 43.43 -23.27 42.95
C ASN D 358 42.44 -24.14 42.19
N ARG D 359 41.30 -23.59 41.74
CA ARG D 359 40.24 -24.31 41.01
C ARG D 359 39.73 -25.48 41.85
N THR D 360 39.06 -25.10 42.94
CA THR D 360 38.82 -26.07 44.01
C THR D 360 37.49 -26.80 43.86
N SER D 361 36.38 -26.07 43.85
CA SER D 361 35.10 -26.77 44.00
C SER D 361 34.55 -27.39 42.72
N PRO D 362 34.39 -26.69 41.58
CA PRO D 362 33.68 -27.36 40.49
C PRO D 362 34.58 -28.18 39.57
N ARG D 363 34.11 -29.39 39.29
CA ARG D 363 34.75 -30.25 38.30
C ARG D 363 34.28 -29.76 36.93
N ASP D 364 35.16 -29.03 36.24
CA ASP D 364 34.93 -28.52 34.88
C ASP D 364 33.68 -27.66 34.77
N ASN D 365 33.40 -26.90 35.82
CA ASN D 365 32.27 -25.97 35.78
C ASN D 365 32.71 -24.58 36.23
N THR D 366 34.02 -24.35 36.33
CA THR D 366 34.57 -23.01 36.28
C THR D 366 35.50 -22.91 35.08
N LEU D 367 35.56 -21.72 34.52
CA LEU D 367 36.51 -21.44 33.46
C LEU D 367 37.05 -20.02 33.62
N LEU D 368 36.65 -19.33 34.67
CA LEU D 368 37.26 -18.05 35.03
C LEU D 368 38.54 -18.29 35.82
N GLN D 369 39.52 -17.43 35.61
CA GLN D 369 40.83 -17.69 36.21
C GLN D 369 41.50 -16.42 36.74
N GLN D 370 40.72 -15.37 37.01
CA GLN D 370 41.37 -14.09 37.30
C GLN D 370 41.13 -13.55 38.69
N LYS D 371 39.87 -13.41 39.13
CA LYS D 371 39.46 -12.93 40.47
C LYS D 371 40.14 -11.61 40.85
N LEU D 372 39.64 -10.56 40.21
CA LEU D 372 40.23 -9.22 40.09
C LEU D 372 40.79 -8.55 41.34
N LEU D 373 41.70 -7.60 41.12
CA LEU D 373 42.56 -7.01 42.14
C LEU D 373 41.78 -6.13 43.12
N GLN D 374 42.54 -5.45 43.96
CA GLN D 374 42.05 -4.79 45.16
C GLN D 374 42.72 -3.41 45.19
N GLU D 375 42.73 -2.75 46.35
CA GLU D 375 43.27 -1.40 46.47
C GLU D 375 44.77 -1.30 46.29
N ALA D 376 45.50 -2.41 46.13
CA ALA D 376 46.89 -2.35 45.72
C ALA D 376 46.93 -1.85 44.28
N TYR D 377 47.27 -0.58 44.11
CA TYR D 377 46.91 0.16 42.90
C TYR D 377 48.03 1.01 42.33
N MET D 378 49.02 1.41 43.11
CA MET D 378 49.93 2.47 42.72
C MET D 378 50.96 1.97 41.71
N THR D 379 50.91 2.52 40.51
CA THR D 379 51.87 2.26 39.44
C THR D 379 51.80 3.45 38.48
N PRO D 380 52.88 3.71 37.71
CA PRO D 380 52.81 4.84 36.77
C PRO D 380 52.02 4.59 35.49
N LYS D 381 51.20 3.55 35.45
CA LYS D 381 50.23 3.38 34.39
C LYS D 381 48.79 3.57 34.85
N ASP D 382 48.47 3.19 36.08
CA ASP D 382 47.10 3.34 36.58
C ASP D 382 46.75 4.80 36.85
N ASP D 383 47.77 5.63 37.04
CA ASP D 383 47.57 7.07 37.28
C ASP D 383 46.88 7.73 36.10
N ILE D 384 47.16 7.25 34.89
CA ILE D 384 46.41 7.70 33.71
C ILE D 384 44.95 7.30 33.84
N ARG D 385 44.72 6.04 34.23
CA ARG D 385 43.35 5.59 34.45
C ARG D 385 42.74 6.27 35.68
N LEU D 386 43.57 6.62 36.67
CA LEU D 386 43.08 7.31 37.86
C LEU D 386 42.52 8.67 37.51
N VAL D 387 43.23 9.43 36.68
CA VAL D 387 42.69 10.67 36.14
C VAL D 387 41.53 10.36 35.19
N GLY D 388 41.63 9.23 34.47
CA GLY D 388 40.61 8.88 33.50
C GLY D 388 39.26 8.60 34.13
N GLU D 389 39.24 7.78 35.18
CA GLU D 389 37.97 7.56 35.86
C GLU D 389 37.60 8.69 36.79
N LEU D 390 38.51 9.64 37.05
CA LEU D 390 38.16 10.79 37.86
C LEU D 390 37.19 11.72 37.14
N VAL D 391 37.36 11.84 35.82
CA VAL D 391 36.56 12.79 35.05
C VAL D 391 35.12 12.32 34.94
N THR D 392 34.94 11.03 34.65
CA THR D 392 33.60 10.50 34.43
C THR D 392 32.76 10.47 35.70
N VAL D 393 33.39 10.47 36.88
CA VAL D 393 32.62 10.58 38.10
C VAL D 393 32.09 12.00 38.27
N ILE D 394 32.96 12.98 38.07
CA ILE D 394 32.59 14.38 38.27
C ILE D 394 31.60 14.82 37.20
N GLY D 395 31.77 14.34 35.97
CA GLY D 395 30.82 14.63 34.93
C GLY D 395 29.45 14.00 35.17
N ALA D 396 29.42 12.87 35.89
CA ALA D 396 28.15 12.27 36.26
C ALA D 396 27.43 13.10 37.30
N ILE D 397 28.19 13.80 38.15
CA ILE D 397 27.60 14.70 39.14
C ILE D 397 26.91 15.86 38.44
N ILE D 398 27.48 16.31 37.31
CA ILE D 398 26.94 17.43 36.55
C ILE D 398 25.57 17.07 35.99
N ILE D 399 25.38 15.81 35.61
CA ILE D 399 24.08 15.33 35.17
C ILE D 399 23.09 15.38 36.33
N LEU D 400 23.55 15.07 37.53
CA LEU D 400 22.70 15.12 38.71
C LEU D 400 22.60 16.51 39.32
N LEU D 401 23.05 17.54 38.62
CA LEU D 401 22.89 18.92 39.06
C LEU D 401 22.05 19.76 38.11
N VAL D 402 21.47 19.15 37.08
CA VAL D 402 20.70 19.93 36.11
C VAL D 402 19.28 19.39 35.99
N GLU D 403 19.09 18.12 36.32
CA GLU D 403 17.78 17.48 36.22
C GLU D 403 17.20 17.08 37.56
N VAL D 404 18.07 16.73 38.51
CA VAL D 404 17.64 16.67 39.91
C VAL D 404 17.00 17.97 40.40
N PRO D 405 17.53 19.17 40.09
CA PRO D 405 16.77 20.38 40.48
C PRO D 405 15.47 20.58 39.70
N ASP D 406 15.26 19.88 38.59
CA ASP D 406 14.03 20.06 37.84
C ASP D 406 12.84 19.43 38.56
N ILE D 407 13.02 18.21 39.09
CA ILE D 407 11.89 17.47 39.63
C ILE D 407 11.45 17.96 41.01
N PHE D 408 12.15 18.93 41.61
CA PHE D 408 11.62 19.56 42.81
C PHE D 408 10.41 20.42 42.52
N ARG D 409 10.26 20.91 41.29
CA ARG D 409 9.16 21.79 40.94
C ARG D 409 8.40 21.36 39.70
N MET D 410 8.92 20.42 38.90
CA MET D 410 8.25 19.97 37.69
C MET D 410 7.42 18.71 37.94
N GLY D 411 6.91 18.54 39.16
CA GLY D 411 6.04 17.49 39.61
C GLY D 411 6.62 16.09 39.42
N VAL D 412 5.73 15.11 39.55
CA VAL D 412 6.06 13.72 39.27
C VAL D 412 5.42 13.27 37.97
N THR D 413 4.08 13.29 37.90
CA THR D 413 3.38 12.99 36.65
C THR D 413 3.61 14.10 35.63
N ARG D 414 3.80 15.33 36.11
CA ARG D 414 4.16 16.44 35.23
C ARG D 414 5.53 16.21 34.60
N PHE D 415 6.44 15.55 35.31
CA PHE D 415 7.71 15.16 34.71
C PHE D 415 7.52 14.03 33.70
N PHE D 416 6.68 13.04 34.02
CA PHE D 416 6.39 11.98 33.07
C PHE D 416 5.48 12.42 31.93
N GLY D 417 4.85 13.60 32.04
CA GLY D 417 4.08 14.13 30.93
C GLY D 417 4.96 14.51 29.76
N GLN D 418 6.19 14.94 30.04
CA GLN D 418 7.16 15.26 29.00
C GLN D 418 7.72 14.01 28.32
N THR D 419 7.61 12.85 28.99
CA THR D 419 8.37 11.66 28.60
C THR D 419 7.88 11.08 27.28
N ILE D 420 6.56 10.89 27.15
CA ILE D 420 6.02 10.20 25.98
C ILE D 420 6.13 11.06 24.73
N LEU D 421 5.99 12.38 24.90
CA LEU D 421 6.01 13.28 23.75
C LEU D 421 7.42 13.39 23.16
N GLY D 422 8.39 13.74 23.99
CA GLY D 422 9.73 14.00 23.51
C GLY D 422 10.71 12.84 23.54
N GLY D 423 10.31 11.67 24.03
CA GLY D 423 11.19 10.55 24.12
C GLY D 423 11.65 10.30 25.55
N PRO D 424 11.78 9.02 25.93
CA PRO D 424 12.10 8.66 27.31
C PRO D 424 13.59 8.69 27.63
N PHE D 425 14.26 9.76 27.23
CA PHE D 425 15.70 9.85 27.44
C PHE D 425 16.06 10.49 28.76
N HIS D 426 15.17 11.33 29.31
CA HIS D 426 15.46 12.04 30.55
C HIS D 426 15.58 11.08 31.72
N VAL D 427 14.90 9.95 31.68
CA VAL D 427 15.05 8.96 32.74
C VAL D 427 16.40 8.28 32.61
N LEU D 428 16.78 7.91 31.39
CA LEU D 428 17.95 7.07 31.18
C LEU D 428 19.25 7.82 31.41
N ILE D 429 19.24 9.14 31.32
CA ILE D 429 20.49 9.86 31.53
C ILE D 429 20.83 9.92 33.02
N ILE D 430 19.83 9.95 33.89
CA ILE D 430 20.08 9.81 35.32
C ILE D 430 20.40 8.36 35.65
N THR D 431 19.75 7.44 34.94
CA THR D 431 19.99 6.02 35.12
C THR D 431 21.41 5.64 34.71
N TYR D 432 21.98 6.39 33.76
CA TYR D 432 23.41 6.29 33.47
C TYR D 432 24.25 6.60 34.70
N ALA D 433 24.10 7.80 35.23
CA ALA D 433 24.92 8.26 36.35
C ALA D 433 24.58 7.54 37.65
N PHE D 434 23.41 6.91 37.73
CA PHE D 434 23.04 6.16 38.92
C PHE D 434 23.97 4.98 39.13
N MET D 435 24.38 4.32 38.04
CA MET D 435 25.35 3.23 38.16
C MET D 435 26.77 3.75 38.31
N VAL D 436 27.04 4.99 37.89
CA VAL D 436 28.38 5.56 38.03
C VAL D 436 28.68 5.83 39.50
N LEU D 437 27.65 6.11 40.29
CA LEU D 437 27.83 6.20 41.74
C LEU D 437 28.24 4.85 42.33
N VAL D 438 27.73 3.76 41.76
CA VAL D 438 28.01 2.44 42.31
C VAL D 438 29.43 2.01 41.97
N THR D 439 29.87 2.29 40.74
CA THR D 439 31.12 1.76 40.24
C THR D 439 32.35 2.38 40.88
N MET D 440 32.19 3.43 41.68
CA MET D 440 33.30 3.96 42.46
C MET D 440 33.20 3.62 43.93
N VAL D 441 31.98 3.39 44.44
CA VAL D 441 31.83 2.95 45.82
C VAL D 441 32.32 1.52 45.97
N MET D 442 31.84 0.61 45.12
CA MET D 442 32.30 -0.76 45.16
C MET D 442 33.76 -0.90 44.74
N ARG D 443 34.27 0.05 43.94
CA ARG D 443 35.70 0.14 43.75
C ARG D 443 36.40 0.53 45.05
N LEU D 444 35.79 1.42 45.82
CA LEU D 444 36.41 1.88 47.06
C LEU D 444 36.40 0.79 48.11
N ILE D 445 35.25 0.17 48.35
CA ILE D 445 35.15 -0.83 49.42
C ILE D 445 35.58 -2.21 48.97
N SER D 446 36.00 -2.36 47.71
CA SER D 446 36.51 -3.61 47.14
C SER D 446 35.46 -4.73 47.21
N ALA D 447 34.35 -4.50 46.53
CA ALA D 447 33.31 -5.51 46.46
C ALA D 447 33.63 -6.54 45.38
N SER D 448 32.86 -7.62 45.38
CA SER D 448 33.08 -8.70 44.42
C SER D 448 32.61 -8.30 43.03
N GLY D 449 31.35 -7.87 42.92
CA GLY D 449 30.76 -7.62 41.62
C GLY D 449 31.02 -6.23 41.08
N GLU D 450 31.99 -6.13 40.19
CA GLU D 450 32.27 -4.88 39.49
C GLU D 450 31.78 -4.92 38.05
N VAL D 451 31.71 -6.12 37.48
CA VAL D 451 31.30 -6.27 36.07
C VAL D 451 29.85 -5.86 35.89
N VAL D 452 28.98 -6.24 36.82
CA VAL D 452 27.54 -6.06 36.64
C VAL D 452 27.10 -4.59 36.67
N PRO D 453 27.54 -3.75 37.64
CA PRO D 453 27.10 -2.35 37.56
C PRO D 453 27.74 -1.60 36.41
N MET D 454 28.95 -1.99 35.98
CA MET D 454 29.51 -1.37 34.79
C MET D 454 28.76 -1.79 33.54
N SER D 455 28.15 -2.98 33.56
CA SER D 455 27.59 -3.55 32.35
C SER D 455 26.39 -2.76 31.87
N PHE D 456 25.50 -2.40 32.79
CA PHE D 456 24.46 -1.43 32.45
C PHE D 456 25.08 -0.07 32.14
N ALA D 457 26.11 0.32 32.91
CA ALA D 457 26.70 1.64 32.78
C ALA D 457 27.38 1.84 31.45
N LEU D 458 27.94 0.80 30.86
CA LEU D 458 28.52 0.95 29.54
C LEU D 458 27.43 1.03 28.47
N VAL D 459 26.41 0.19 28.57
CA VAL D 459 25.46 0.12 27.47
C VAL D 459 24.43 1.25 27.55
N LEU D 460 24.15 1.77 28.74
CA LEU D 460 23.15 2.82 28.84
C LEU D 460 23.68 4.16 28.37
N GLY D 461 25.00 4.33 28.37
CA GLY D 461 25.56 5.58 27.88
C GLY D 461 25.43 5.71 26.38
N TRP D 462 25.78 4.65 25.66
CA TRP D 462 25.75 4.68 24.20
C TRP D 462 24.33 4.73 23.66
N CYS D 463 23.34 4.30 24.44
CA CYS D 463 21.97 4.48 24.03
C CYS D 463 21.58 5.95 24.06
N ASN D 464 22.15 6.74 24.96
CA ASN D 464 21.86 8.16 25.02
C ASN D 464 22.53 8.96 23.92
N VAL D 465 23.35 8.32 23.07
CA VAL D 465 23.89 9.01 21.92
C VAL D 465 22.77 9.31 20.93
N MET D 466 21.77 8.43 20.85
CA MET D 466 20.64 8.66 19.97
C MET D 466 19.73 9.80 20.42
N TYR D 467 19.91 10.31 21.65
CA TYR D 467 19.30 11.58 22.01
C TYR D 467 19.89 12.74 21.23
N PHE D 468 21.10 12.58 20.71
CA PHE D 468 21.65 13.55 19.78
C PHE D 468 21.50 13.11 18.34
N ALA D 469 20.69 12.08 18.08
CA ALA D 469 20.31 11.75 16.72
C ALA D 469 19.01 12.44 16.33
N ARG D 470 18.95 13.74 16.56
CA ARG D 470 17.76 14.55 16.35
C ARG D 470 18.04 15.80 15.54
N GLY D 471 19.27 16.26 15.50
CA GLY D 471 19.64 17.46 14.78
C GLY D 471 19.99 17.25 13.32
N PHE D 472 19.49 16.18 12.70
CA PHE D 472 19.71 15.95 11.29
C PHE D 472 18.46 15.35 10.70
N GLN D 473 18.14 15.75 9.46
CA GLN D 473 16.91 15.27 8.85
C GLN D 473 17.06 13.83 8.37
N MET D 474 18.29 13.41 8.07
CA MET D 474 18.50 12.13 7.42
C MET D 474 18.29 10.96 8.38
N LEU D 475 18.56 11.15 9.66
CA LEU D 475 18.43 10.07 10.65
C LEU D 475 17.60 10.48 11.86
N GLY D 476 17.07 11.70 11.88
CA GLY D 476 16.19 12.15 12.93
C GLY D 476 14.89 11.39 13.07
N PRO D 477 14.00 11.49 12.07
CA PRO D 477 12.66 10.87 12.21
C PRO D 477 12.67 9.35 12.27
N PHE D 478 13.77 8.70 11.86
CA PHE D 478 13.85 7.24 11.99
C PHE D 478 13.87 6.82 13.45
N THR D 479 14.35 7.68 14.34
CA THR D 479 14.40 7.37 15.75
C THR D 479 13.00 7.32 16.37
N ILE D 480 12.04 8.02 15.77
CA ILE D 480 10.73 8.17 16.39
C ILE D 480 9.94 6.86 16.33
N MET D 481 9.88 6.25 15.16
CA MET D 481 9.09 5.03 15.05
C MET D 481 9.76 3.83 15.70
N ILE D 482 11.03 3.94 16.07
CA ILE D 482 11.63 3.00 17.02
C ILE D 482 10.88 3.07 18.35
N GLN D 483 10.69 4.30 18.85
CA GLN D 483 9.94 4.50 20.09
C GLN D 483 8.48 4.09 19.93
N LYS D 484 7.92 4.26 18.74
CA LYS D 484 6.55 3.85 18.50
C LYS D 484 6.38 2.35 18.34
N MET D 485 7.45 1.58 18.42
CA MET D 485 7.33 0.13 18.42
C MET D 485 7.83 -0.52 19.70
N ILE D 486 8.75 0.11 20.41
CA ILE D 486 9.16 -0.38 21.72
C ILE D 486 8.01 -0.27 22.71
N PHE D 487 7.42 0.92 22.82
CA PHE D 487 6.16 1.09 23.51
C PHE D 487 4.97 0.71 22.64
N GLY D 488 5.21 0.23 21.42
CA GLY D 488 4.15 -0.16 20.52
C GLY D 488 4.11 -1.64 20.23
N ASP D 489 4.49 -2.02 19.02
CA ASP D 489 4.18 -3.34 18.51
C ASP D 489 5.12 -4.43 19.02
N LEU D 490 6.30 -4.07 19.54
CA LEU D 490 7.15 -5.10 20.14
C LEU D 490 6.61 -5.49 21.51
N MET D 491 6.01 -4.54 22.22
CA MET D 491 5.48 -4.82 23.55
C MET D 491 4.28 -5.75 23.46
N ARG D 492 3.40 -5.53 22.47
CA ARG D 492 2.29 -6.46 22.28
C ARG D 492 2.77 -7.79 21.72
N PHE D 493 3.94 -7.81 21.09
CA PHE D 493 4.50 -9.09 20.65
C PHE D 493 5.09 -9.85 21.81
N CYS D 494 5.60 -9.15 22.81
CA CYS D 494 6.24 -9.82 23.94
C CYS D 494 5.23 -10.58 24.80
N TRP D 495 4.01 -10.07 24.92
CA TRP D 495 2.99 -10.74 25.71
C TRP D 495 2.30 -11.87 24.95
N LEU D 496 2.82 -12.27 23.80
CA LEU D 496 2.49 -13.56 23.19
C LEU D 496 3.72 -14.41 22.97
N MET D 497 4.88 -13.80 22.76
CA MET D 497 6.13 -14.53 22.62
C MET D 497 6.46 -15.29 23.89
N ALA D 498 6.32 -14.62 25.05
CA ALA D 498 6.53 -15.28 26.33
C ALA D 498 5.50 -16.36 26.58
N VAL D 499 4.30 -16.21 26.01
CA VAL D 499 3.29 -17.25 26.13
C VAL D 499 3.71 -18.49 25.34
N VAL D 500 4.42 -18.29 24.23
CA VAL D 500 4.87 -19.44 23.46
C VAL D 500 6.05 -20.12 24.14
N ILE D 501 7.07 -19.33 24.52
CA ILE D 501 8.32 -19.93 24.95
C ILE D 501 8.26 -20.49 26.36
N LEU D 502 7.32 -20.05 27.19
CA LEU D 502 7.19 -20.66 28.51
C LEU D 502 6.57 -22.04 28.44
N GLY D 503 5.88 -22.35 27.35
CA GLY D 503 5.28 -23.65 27.18
C GLY D 503 6.25 -24.68 26.64
N PHE D 504 6.82 -24.38 25.47
CA PHE D 504 7.67 -25.34 24.76
C PHE D 504 8.91 -25.71 25.55
N ALA D 505 9.47 -24.75 26.28
CA ALA D 505 10.69 -25.01 27.06
C ALA D 505 10.42 -26.02 28.16
N SER D 506 9.33 -25.82 28.90
CA SER D 506 8.92 -26.82 29.88
C SER D 506 8.53 -28.12 29.18
N ALA D 507 7.93 -28.01 28.00
CA ALA D 507 7.63 -29.21 27.22
C ALA D 507 8.91 -29.89 26.74
N PHE D 508 9.91 -29.10 26.35
CA PHE D 508 11.19 -29.68 25.95
C PHE D 508 11.91 -30.31 27.12
N TYR D 509 11.72 -29.78 28.33
CA TYR D 509 12.57 -30.14 29.45
C TYR D 509 12.35 -31.57 29.88
N ILE D 510 11.11 -32.05 29.83
CA ILE D 510 10.84 -33.43 30.23
C ILE D 510 11.35 -34.42 29.20
N ILE D 511 11.60 -33.97 27.97
CA ILE D 511 12.01 -34.89 26.91
C ILE D 511 13.44 -35.36 27.15
N PHE D 512 14.38 -34.42 27.26
CA PHE D 512 15.76 -34.75 27.58
C PHE D 512 16.00 -34.78 29.08
N GLN D 513 14.94 -34.87 29.89
CA GLN D 513 15.11 -35.08 31.32
C GLN D 513 15.70 -36.44 31.60
N THR D 514 15.22 -37.47 30.91
CA THR D 514 15.69 -38.84 31.07
C THR D 514 16.84 -39.11 30.11
N GLU D 515 17.87 -38.25 30.22
CA GLU D 515 18.87 -38.20 29.17
C GLU D 515 20.16 -37.63 29.74
N ASP D 516 21.27 -38.15 29.28
CA ASP D 516 22.58 -37.70 29.74
C ASP D 516 22.96 -36.39 29.04
N PRO D 517 23.50 -35.41 29.76
CA PRO D 517 23.73 -34.09 29.17
C PRO D 517 25.09 -33.92 28.50
N GLU D 518 25.91 -34.96 28.42
CA GLU D 518 27.23 -34.78 27.82
C GLU D 518 27.15 -34.57 26.32
N GLU D 519 26.07 -35.02 25.69
CA GLU D 519 25.80 -34.70 24.30
C GLU D 519 24.44 -34.04 24.21
N LEU D 520 24.36 -33.05 23.31
CA LEU D 520 23.22 -32.15 23.13
C LEU D 520 22.83 -31.50 24.46
N GLY D 521 23.78 -30.72 24.97
CA GLY D 521 23.56 -29.98 26.20
C GLY D 521 22.94 -28.62 25.98
N HIS D 522 22.08 -28.52 24.95
CA HIS D 522 21.32 -27.30 24.68
C HIS D 522 20.48 -26.89 25.87
N PHE D 523 19.97 -27.88 26.61
CA PHE D 523 19.41 -27.64 27.92
C PHE D 523 19.59 -28.90 28.75
N TYR D 524 20.04 -28.71 29.99
CA TYR D 524 20.13 -29.79 30.96
C TYR D 524 19.47 -29.42 32.27
N ASP D 525 19.00 -28.19 32.40
CA ASP D 525 18.30 -27.73 33.59
C ASP D 525 17.33 -26.64 33.18
N TYR D 526 16.24 -26.55 33.95
CA TYR D 526 15.12 -25.67 33.63
C TYR D 526 15.42 -24.19 33.39
N PRO D 527 16.30 -23.50 34.14
CA PRO D 527 16.52 -22.08 33.81
C PRO D 527 17.26 -21.86 32.51
N MET D 528 18.27 -22.68 32.23
CA MET D 528 19.00 -22.59 30.96
C MET D 528 18.10 -23.00 29.79
N ALA D 529 17.09 -23.81 30.06
CA ALA D 529 16.17 -24.25 29.02
C ALA D 529 15.36 -23.10 28.46
N LEU D 530 14.87 -22.22 29.33
CA LEU D 530 14.16 -21.03 28.88
C LEU D 530 15.09 -20.11 28.10
N PHE D 531 16.36 -20.04 28.51
CA PHE D 531 17.36 -19.29 27.77
C PHE D 531 17.63 -19.93 26.42
N SER D 532 17.53 -21.25 26.33
CA SER D 532 17.77 -21.93 25.07
C SER D 532 16.61 -21.77 24.11
N THR D 533 15.38 -21.96 24.62
CA THR D 533 14.22 -21.98 23.75
C THR D 533 13.89 -20.59 23.23
N PHE D 534 14.22 -19.56 24.02
CA PHE D 534 14.13 -18.19 23.54
C PHE D 534 15.05 -17.97 22.36
N GLU D 535 16.24 -18.57 22.40
CA GLU D 535 17.14 -18.50 21.27
C GLU D 535 16.66 -19.35 20.11
N LEU D 536 15.91 -20.41 20.40
CA LEU D 536 15.27 -21.17 19.33
C LEU D 536 14.18 -20.34 18.66
N PHE D 537 13.58 -19.41 19.39
CA PHE D 537 12.51 -18.60 18.82
C PHE D 537 13.04 -17.60 17.81
N LEU D 538 14.18 -16.97 18.11
CA LEU D 538 14.72 -15.94 17.24
C LEU D 538 15.69 -16.48 16.22
N THR D 539 15.93 -17.80 16.22
CA THR D 539 16.81 -18.52 15.28
C THR D 539 18.22 -17.94 15.27
N ILE D 540 18.69 -17.48 16.44
CA ILE D 540 20.01 -16.91 16.54
C ILE D 540 21.03 -17.93 17.03
N ILE D 541 20.65 -19.21 17.09
CA ILE D 541 21.56 -20.28 17.46
C ILE D 541 21.50 -21.36 16.39
N ASP D 542 22.18 -22.46 16.66
CA ASP D 542 22.40 -23.47 15.63
C ASP D 542 21.23 -24.46 15.54
N GLY D 543 20.93 -25.13 16.64
CA GLY D 543 19.90 -26.15 16.64
C GLY D 543 20.44 -27.51 17.05
N PRO D 544 19.62 -28.29 17.74
CA PRO D 544 20.11 -29.56 18.32
C PRO D 544 20.20 -30.65 17.28
N ALA D 545 21.39 -31.27 17.18
CA ALA D 545 21.61 -32.44 16.35
C ALA D 545 22.85 -33.16 16.87
N ASN D 546 22.72 -34.48 17.07
CA ASN D 546 23.86 -35.30 17.44
C ASN D 546 24.30 -36.25 16.34
N TYR D 547 23.35 -36.77 15.56
CA TYR D 547 23.59 -37.59 14.37
C TYR D 547 24.29 -38.91 14.70
N ASN D 548 24.24 -39.33 15.94
CA ASN D 548 24.85 -40.56 16.38
C ASN D 548 23.88 -41.44 17.14
N VAL D 549 23.02 -40.84 17.94
CA VAL D 549 21.99 -41.54 18.70
C VAL D 549 20.65 -40.98 18.26
N ASP D 550 19.69 -41.86 17.99
CA ASP D 550 18.33 -41.42 17.76
C ASP D 550 17.77 -40.75 19.01
N LEU D 551 17.16 -39.60 18.80
CA LEU D 551 16.52 -38.83 19.85
C LEU D 551 15.22 -39.52 20.24
N PRO D 552 14.63 -39.16 21.39
CA PRO D 552 13.34 -39.74 21.75
C PRO D 552 12.24 -39.43 20.76
N PHE D 553 11.25 -40.32 20.71
CA PHE D 553 10.26 -40.36 19.64
C PHE D 553 9.38 -39.12 19.63
N MET D 554 9.23 -38.46 20.77
CA MET D 554 8.43 -37.26 20.82
C MET D 554 9.14 -36.07 20.19
N TYR D 555 10.48 -36.06 20.21
CA TYR D 555 11.24 -34.84 19.93
C TYR D 555 11.08 -34.39 18.48
N SER D 556 11.11 -35.33 17.54
CA SER D 556 11.01 -34.97 16.13
C SER D 556 9.65 -34.40 15.79
N ILE D 557 8.62 -34.78 16.53
CA ILE D 557 7.31 -34.16 16.35
C ILE D 557 7.32 -32.74 16.88
N THR D 558 7.70 -32.58 18.15
CA THR D 558 7.51 -31.30 18.81
C THR D 558 8.51 -30.23 18.38
N TYR D 559 9.65 -30.60 17.81
CA TYR D 559 10.60 -29.59 17.42
C TYR D 559 10.18 -28.90 16.13
N ALA D 560 9.67 -29.67 15.18
CA ALA D 560 9.29 -29.11 13.89
C ALA D 560 8.01 -28.28 14.01
N ALA D 561 7.09 -28.72 14.86
CA ALA D 561 5.85 -27.97 15.05
C ALA D 561 6.12 -26.64 15.73
N PHE D 562 7.07 -26.63 16.66
CA PHE D 562 7.55 -25.37 17.22
C PHE D 562 8.19 -24.49 16.16
N ALA D 563 8.86 -25.10 15.20
CA ALA D 563 9.57 -24.33 14.18
C ALA D 563 8.59 -23.65 13.23
N ILE D 564 7.47 -24.30 12.94
CA ILE D 564 6.51 -23.75 11.99
C ILE D 564 5.79 -22.55 12.60
N ILE D 565 5.16 -22.75 13.75
CA ILE D 565 4.25 -21.74 14.29
C ILE D 565 4.97 -20.56 14.90
N ALA D 566 6.28 -20.62 15.04
CA ALA D 566 7.05 -19.52 15.60
C ALA D 566 7.93 -18.84 14.56
N THR D 567 8.80 -19.60 13.91
CA THR D 567 9.70 -19.00 12.93
C THR D 567 8.98 -18.70 11.63
N LEU D 568 8.32 -19.71 11.07
CA LEU D 568 7.65 -19.52 9.79
C LEU D 568 6.39 -18.68 9.94
N LEU D 569 5.67 -18.83 11.04
CA LEU D 569 4.43 -18.08 11.24
C LEU D 569 4.64 -16.81 12.04
N MET D 570 5.06 -16.94 13.30
CA MET D 570 4.92 -15.83 14.24
C MET D 570 6.01 -14.80 14.07
N LEU D 571 7.20 -15.21 13.66
CA LEU D 571 8.25 -14.26 13.33
C LEU D 571 7.87 -13.43 12.11
N ASN D 572 7.49 -14.09 11.02
CA ASN D 572 7.20 -13.40 9.78
C ASN D 572 5.90 -12.61 9.85
N LEU D 573 5.00 -12.98 10.75
CA LEU D 573 3.84 -12.15 11.01
C LEU D 573 4.25 -10.83 11.64
N LEU D 574 5.21 -10.88 12.55
CA LEU D 574 5.64 -9.69 13.28
C LEU D 574 6.34 -8.70 12.37
N ILE D 575 7.04 -9.18 11.35
CA ILE D 575 7.66 -8.24 10.43
C ILE D 575 6.64 -7.69 9.44
N ALA D 576 5.50 -8.36 9.30
CA ALA D 576 4.48 -7.87 8.39
C ALA D 576 3.67 -6.74 9.00
N MET D 577 3.40 -6.84 10.31
CA MET D 577 2.52 -5.86 10.95
C MET D 577 3.19 -4.50 11.10
N MET D 578 4.51 -4.45 11.13
CA MET D 578 5.19 -3.17 11.18
C MET D 578 5.25 -2.50 9.83
N GLY D 579 5.19 -3.29 8.75
CA GLY D 579 5.06 -2.70 7.42
C GLY D 579 3.73 -2.03 7.23
N ASP D 580 2.70 -2.50 7.95
CA ASP D 580 1.41 -1.84 7.98
C ASP D 580 1.49 -0.47 8.65
N THR D 581 2.48 -0.26 9.52
CA THR D 581 2.51 0.95 10.34
C THR D 581 3.01 2.16 9.57
N HIS D 582 4.03 1.97 8.71
CA HIS D 582 4.83 3.09 8.22
C HIS D 582 4.02 4.03 7.34
N TRP D 583 3.27 3.48 6.39
CA TRP D 583 2.55 4.32 5.44
C TRP D 583 1.40 5.07 6.11
N ARG D 584 0.88 4.54 7.22
CA ARG D 584 -0.14 5.25 7.96
C ARG D 584 0.41 6.06 9.12
N VAL D 585 1.74 6.22 9.21
CA VAL D 585 2.32 7.16 10.16
C VAL D 585 3.30 8.07 9.42
N ALA D 586 3.33 7.94 8.09
CA ALA D 586 4.34 8.66 7.31
C ALA D 586 4.09 10.16 7.26
N HIS D 587 2.84 10.58 7.12
CA HIS D 587 2.57 12.01 7.02
C HIS D 587 2.70 12.71 8.36
N GLU D 588 2.47 11.99 9.46
CA GLU D 588 2.46 12.63 10.77
C GLU D 588 3.85 12.76 11.37
N ARG D 589 4.81 11.93 10.96
CA ARG D 589 6.10 11.93 11.62
C ARG D 589 6.94 13.14 11.27
N ASP D 590 6.60 13.85 10.19
CA ASP D 590 7.37 15.02 9.79
C ASP D 590 7.24 16.14 10.81
N GLU D 591 6.03 16.41 11.28
CA GLU D 591 5.85 17.41 12.32
C GLU D 591 6.27 16.90 13.69
N LEU D 592 6.29 15.59 13.90
CA LEU D 592 6.97 15.03 15.08
C LEU D 592 8.44 15.38 15.06
N TRP D 593 9.07 15.33 13.89
CA TRP D 593 10.45 15.76 13.78
C TRP D 593 10.56 17.26 14.00
N ARG D 594 9.54 18.00 13.57
CA ARG D 594 9.48 19.42 13.92
C ARG D 594 9.20 19.59 15.41
N ALA D 595 8.44 18.65 16.00
CA ALA D 595 8.20 18.70 17.43
C ALA D 595 9.45 18.39 18.23
N GLN D 596 10.41 17.68 17.64
CA GLN D 596 11.70 17.50 18.28
C GLN D 596 12.40 18.83 18.46
N ILE D 597 12.37 19.67 17.42
CA ILE D 597 13.24 20.82 17.34
C ILE D 597 12.83 21.88 18.36
N VAL D 598 11.53 22.17 18.40
CA VAL D 598 11.03 23.24 19.26
C VAL D 598 11.14 22.84 20.72
N ALA D 599 10.88 21.57 21.03
CA ALA D 599 11.09 21.07 22.37
C ALA D 599 12.56 21.11 22.76
N THR D 600 13.44 20.86 21.79
CA THR D 600 14.86 21.06 22.05
C THR D 600 15.19 22.54 22.17
N THR D 601 14.46 23.38 21.42
CA THR D 601 14.78 24.79 21.35
C THR D 601 14.54 25.50 22.67
N VAL D 602 13.38 25.25 23.28
CA VAL D 602 12.98 25.98 24.48
C VAL D 602 13.86 25.60 25.66
N MET D 603 14.18 24.32 25.80
CA MET D 603 15.03 23.90 26.89
C MET D 603 16.47 24.37 26.70
N LEU D 604 16.96 24.38 25.47
CA LEU D 604 18.29 24.92 25.22
C LEU D 604 18.32 26.43 25.43
N GLU D 605 17.22 27.11 25.10
CA GLU D 605 17.19 28.56 25.28
C GLU D 605 17.08 28.92 26.76
N ARG D 606 16.26 28.19 27.51
CA ARG D 606 15.97 28.61 28.89
C ARG D 606 17.14 28.33 29.80
N LYS D 607 17.87 27.22 29.58
CA LYS D 607 18.95 26.88 30.48
C LYS D 607 20.19 27.72 30.19
N LEU D 608 20.46 28.03 28.93
CA LEU D 608 21.69 28.72 28.61
C LEU D 608 21.56 30.21 28.89
N PRO D 609 22.63 30.88 29.38
CA PRO D 609 22.46 32.20 29.98
C PRO D 609 22.41 33.37 29.01
N ARG D 610 22.40 34.57 29.61
CA ARG D 610 22.19 35.83 28.89
C ARG D 610 23.42 36.28 28.10
N CYS D 611 24.63 35.89 28.52
CA CYS D 611 25.82 36.23 27.75
C CYS D 611 25.82 35.50 26.41
N LEU D 612 25.34 34.27 26.39
CA LEU D 612 25.04 33.60 25.14
C LEU D 612 23.63 34.00 24.70
N TRP D 613 23.22 33.48 23.54
CA TRP D 613 21.87 33.59 22.99
C TRP D 613 21.37 35.02 22.87
N PRO D 614 21.79 35.77 21.85
CA PRO D 614 21.14 37.05 21.56
C PRO D 614 19.66 36.81 21.26
N ARG D 615 18.82 37.73 21.72
CA ARG D 615 17.39 37.53 21.67
C ARG D 615 16.86 37.60 20.25
N SER D 616 15.76 36.89 20.01
CA SER D 616 15.18 36.80 18.68
C SER D 616 14.47 38.10 18.31
N GLY D 617 14.26 38.27 17.01
CA GLY D 617 13.54 39.42 16.53
C GLY D 617 14.36 40.70 16.59
N ILE D 618 13.65 41.82 16.54
CA ILE D 618 14.27 43.14 16.57
C ILE D 618 13.56 43.96 17.64
N CYS D 619 14.30 44.37 18.65
CA CYS D 619 13.77 45.18 19.74
C CYS D 619 13.42 46.58 19.28
N GLY D 620 12.55 47.23 20.05
CA GLY D 620 12.20 48.62 19.80
C GLY D 620 13.17 49.60 20.39
N ARG D 621 12.64 50.58 21.13
CA ARG D 621 13.35 51.55 21.97
C ARG D 621 14.20 52.55 21.18
N GLU D 622 14.28 52.39 19.86
CA GLU D 622 14.96 53.30 18.97
C GLU D 622 14.14 53.60 17.74
N TYR D 623 13.03 52.90 17.55
CA TYR D 623 12.29 52.91 16.30
C TYR D 623 10.88 53.47 16.49
N GLY D 624 10.60 54.06 17.64
CA GLY D 624 9.29 54.63 17.90
C GLY D 624 8.18 53.63 18.00
N LEU D 625 8.49 52.40 18.45
CA LEU D 625 7.50 51.33 18.46
C LEU D 625 7.47 50.57 19.78
N GLY D 626 7.77 51.23 20.88
CA GLY D 626 7.69 50.61 22.19
C GLY D 626 8.97 49.88 22.57
N ASP D 627 8.87 49.13 23.66
CA ASP D 627 9.98 48.35 24.16
C ASP D 627 9.98 46.93 23.63
N ARG D 628 8.99 46.56 22.82
CA ARG D 628 8.76 45.18 22.43
C ARG D 628 9.73 44.74 21.33
N TRP D 629 9.47 43.56 20.78
CA TRP D 629 10.39 42.86 19.89
C TRP D 629 9.64 42.39 18.65
N PHE D 630 10.04 42.88 17.50
CA PHE D 630 9.32 42.62 16.26
C PHE D 630 10.03 41.63 15.37
N LEU D 631 9.25 40.98 14.51
CA LEU D 631 9.75 40.06 13.50
C LEU D 631 8.93 40.27 12.24
N ARG D 632 9.56 40.12 11.09
CA ARG D 632 8.89 40.35 9.82
C ARG D 632 8.92 39.10 8.96
N VAL D 633 8.24 39.20 7.82
CA VAL D 633 8.40 38.27 6.72
C VAL D 633 7.96 39.01 5.47
N GLU D 634 8.39 38.54 4.31
CA GLU D 634 7.89 39.05 3.05
C GLU D 634 7.85 37.91 2.05
N ASP D 635 6.80 37.89 1.23
CA ASP D 635 6.55 36.78 0.34
C ASP D 635 5.60 37.20 -0.77
N ARG D 636 5.54 36.36 -1.80
CA ARG D 636 4.65 36.57 -2.93
C ARG D 636 3.25 36.08 -2.58
N GLN D 637 2.27 36.96 -2.75
CA GLN D 637 0.89 36.61 -2.43
C GLN D 637 0.29 35.63 -3.44
N ASP D 638 0.73 35.72 -4.70
CA ASP D 638 0.25 35.01 -5.92
C ASP D 638 -1.04 34.20 -5.89
#